data_1LL8
#
_entry.id   1LL8
#
_entity_poly.entity_id   1
_entity_poly.type   'polypeptide(L)'
_entity_poly.pdbx_seq_one_letter_code
;GAMDPEFNKAIFTVDAKTTEILVANDKACGLLGYSSQDLIGQKLTQFFLRSDSDVVEALSEEHMEADGHAAVVFGTVVDI
ISRSGEKIPVSVWMKRMRQERRLCCVVVLEPVER
;
_entity_poly.pdbx_strand_id   A
#
# COMPACT_ATOMS: atom_id res chain seq x y z
N GLY A 1 7.54 -17.92 11.87
CA GLY A 1 6.11 -18.01 11.47
C GLY A 1 5.17 -17.92 12.65
N ALA A 2 5.48 -17.03 13.59
CA ALA A 2 4.66 -16.86 14.78
C ALA A 2 4.58 -15.39 15.19
N MET A 3 4.77 -14.50 14.21
CA MET A 3 4.72 -13.07 14.49
C MET A 3 4.01 -12.32 13.34
N ASP A 4 4.79 -11.63 12.51
CA ASP A 4 4.23 -10.89 11.39
C ASP A 4 5.23 -10.78 10.22
N PRO A 5 6.48 -10.33 10.48
CA PRO A 5 7.50 -10.18 9.43
C PRO A 5 7.61 -11.42 8.53
N GLU A 6 7.20 -12.57 9.06
CA GLU A 6 7.25 -13.82 8.31
C GLU A 6 5.88 -14.48 8.26
N PHE A 7 4.96 -14.00 9.09
CA PHE A 7 3.61 -14.55 9.14
C PHE A 7 2.79 -14.04 7.96
N ASN A 8 2.76 -12.73 7.77
CA ASN A 8 2.01 -12.12 6.68
C ASN A 8 2.32 -10.63 6.58
N LYS A 9 3.60 -10.29 6.64
CA LYS A 9 4.02 -8.90 6.56
C LYS A 9 3.77 -8.30 5.18
N ALA A 10 2.79 -7.41 5.10
CA ALA A 10 2.45 -6.77 3.84
C ALA A 10 3.48 -5.71 3.47
N ILE A 11 4.54 -6.11 2.77
CA ILE A 11 5.59 -5.20 2.37
C ILE A 11 5.50 -4.85 0.89
N PHE A 12 5.22 -3.58 0.60
CA PHE A 12 5.13 -3.10 -0.78
C PHE A 12 6.18 -2.03 -1.02
N THR A 13 7.20 -2.36 -1.81
CA THR A 13 8.27 -1.42 -2.10
C THR A 13 8.01 -0.68 -3.41
N VAL A 14 7.97 0.65 -3.32
CA VAL A 14 7.72 1.50 -4.49
C VAL A 14 8.59 2.75 -4.46
N ASP A 15 8.51 3.54 -5.52
CA ASP A 15 9.27 4.78 -5.62
C ASP A 15 8.46 5.92 -5.02
N ALA A 16 9.12 6.97 -4.53
CA ALA A 16 8.41 8.09 -3.92
C ALA A 16 8.02 9.14 -4.95
N LYS A 17 8.75 9.19 -6.06
CA LYS A 17 8.46 10.16 -7.09
C LYS A 17 7.10 9.85 -7.74
N THR A 18 7.05 8.72 -8.45
CA THR A 18 5.83 8.34 -9.14
C THR A 18 5.16 7.09 -8.57
N THR A 19 5.77 6.50 -7.55
CA THR A 19 5.23 5.29 -6.93
C THR A 19 5.65 4.06 -7.73
N GLU A 20 4.70 3.42 -8.40
CA GLU A 20 4.99 2.23 -9.20
C GLU A 20 5.69 1.18 -8.34
N ILE A 21 4.91 0.24 -7.82
CA ILE A 21 5.46 -0.81 -6.96
C ILE A 21 6.59 -1.57 -7.63
N LEU A 22 7.80 -1.40 -7.10
CA LEU A 22 8.96 -2.09 -7.62
C LEU A 22 8.74 -3.59 -7.51
N VAL A 23 8.63 -4.09 -6.27
CA VAL A 23 8.39 -5.51 -6.02
C VAL A 23 7.63 -5.71 -4.72
N ALA A 24 7.11 -6.91 -4.54
CA ALA A 24 6.38 -7.26 -3.33
C ALA A 24 6.76 -8.67 -2.87
N ASN A 25 6.71 -8.91 -1.57
CA ASN A 25 7.10 -10.20 -1.04
C ASN A 25 5.93 -11.19 -0.99
N ASP A 26 6.27 -12.42 -0.62
CA ASP A 26 5.30 -13.52 -0.54
C ASP A 26 4.30 -13.32 0.60
N LYS A 27 4.50 -12.28 1.40
CA LYS A 27 3.59 -11.99 2.49
C LYS A 27 2.56 -10.97 2.02
N ALA A 28 3.04 -9.76 1.69
CA ALA A 28 2.17 -8.71 1.19
C ALA A 28 1.26 -9.23 0.09
N CYS A 29 1.86 -9.89 -0.89
CA CYS A 29 1.11 -10.45 -2.00
C CYS A 29 0.02 -11.36 -1.49
N GLY A 30 0.34 -12.14 -0.47
CA GLY A 30 -0.64 -13.04 0.13
C GLY A 30 -1.83 -12.27 0.67
N LEU A 31 -1.55 -11.11 1.24
CA LEU A 31 -2.58 -10.25 1.81
C LEU A 31 -3.69 -10.02 0.78
N LEU A 32 -3.33 -9.51 -0.40
CA LEU A 32 -4.32 -9.29 -1.45
C LEU A 32 -4.45 -10.50 -2.35
N GLY A 33 -3.44 -10.71 -3.19
CA GLY A 33 -3.45 -11.83 -4.11
C GLY A 33 -2.56 -11.61 -5.31
N TYR A 34 -1.56 -10.75 -5.13
CA TYR A 34 -0.62 -10.43 -6.20
C TYR A 34 0.75 -11.06 -5.92
N SER A 35 1.79 -10.32 -6.27
CA SER A 35 3.18 -10.76 -6.05
C SER A 35 4.14 -9.81 -6.76
N SER A 36 5.41 -9.93 -6.46
CA SER A 36 6.42 -9.06 -7.07
C SER A 36 6.28 -9.05 -8.60
N GLN A 37 5.87 -10.18 -9.16
CA GLN A 37 5.71 -10.30 -10.62
C GLN A 37 4.26 -10.14 -11.06
N ASP A 38 3.34 -9.98 -10.12
CA ASP A 38 1.92 -9.84 -10.46
C ASP A 38 1.36 -8.46 -10.16
N LEU A 39 2.11 -7.65 -9.41
CA LEU A 39 1.66 -6.32 -9.05
C LEU A 39 2.66 -5.26 -9.49
N ILE A 40 3.79 -5.72 -10.03
CA ILE A 40 4.84 -4.82 -10.49
C ILE A 40 4.37 -4.02 -11.70
N GLY A 41 4.82 -2.77 -11.79
CA GLY A 41 4.45 -1.92 -12.91
C GLY A 41 3.23 -1.07 -12.59
N GLN A 42 2.43 -1.52 -11.63
CA GLN A 42 1.23 -0.78 -11.24
C GLN A 42 1.46 -0.04 -9.93
N LYS A 43 0.37 0.40 -9.30
CA LYS A 43 0.47 1.12 -8.03
C LYS A 43 -0.34 0.40 -6.96
N LEU A 44 0.30 0.17 -5.80
CA LEU A 44 -0.35 -0.53 -4.70
C LEU A 44 -1.75 0.02 -4.42
N THR A 45 -1.86 1.34 -4.40
CA THR A 45 -3.12 2.02 -4.12
C THR A 45 -4.25 1.55 -5.03
N GLN A 46 -3.89 1.00 -6.18
CA GLN A 46 -4.90 0.52 -7.12
C GLN A 46 -5.67 -0.62 -6.48
N PHE A 47 -5.03 -1.28 -5.53
CA PHE A 47 -5.65 -2.40 -4.82
C PHE A 47 -5.98 -2.03 -3.38
N PHE A 48 -6.43 -0.79 -3.18
CA PHE A 48 -6.82 -0.31 -1.86
C PHE A 48 -7.98 0.69 -1.98
N LEU A 49 -8.84 0.69 -0.96
CA LEU A 49 -10.02 1.57 -0.90
C LEU A 49 -10.33 2.21 -2.25
N ARG A 50 -11.23 1.59 -3.01
CA ARG A 50 -11.64 2.08 -4.33
C ARG A 50 -10.46 2.04 -5.30
N SER A 51 -10.57 1.18 -6.31
CA SER A 51 -9.52 1.03 -7.31
C SER A 51 -9.70 1.99 -8.48
N ASP A 52 -10.79 2.76 -8.48
CA ASP A 52 -11.07 3.69 -9.57
C ASP A 52 -10.46 5.07 -9.35
N SER A 53 -11.03 5.84 -8.43
CA SER A 53 -10.56 7.20 -8.17
C SER A 53 -9.55 7.27 -7.02
N ASP A 54 -10.00 6.89 -5.82
CA ASP A 54 -9.18 6.94 -4.61
C ASP A 54 -7.70 6.60 -4.87
N VAL A 55 -7.43 5.64 -5.73
CA VAL A 55 -6.06 5.25 -6.02
C VAL A 55 -5.26 6.40 -6.64
N VAL A 56 -5.86 7.10 -7.60
CA VAL A 56 -5.20 8.20 -8.29
C VAL A 56 -5.11 9.46 -7.41
N GLU A 57 -5.92 9.53 -6.36
CA GLU A 57 -5.92 10.69 -5.48
C GLU A 57 -4.91 10.54 -4.35
N ALA A 58 -4.99 9.41 -3.66
CA ALA A 58 -4.09 9.13 -2.54
C ALA A 58 -2.63 9.13 -2.96
N LEU A 59 -2.39 8.88 -4.25
CA LEU A 59 -1.03 8.86 -4.79
C LEU A 59 -0.48 10.26 -5.02
N SER A 60 -1.30 11.27 -4.77
CA SER A 60 -0.89 12.67 -4.96
C SER A 60 -0.32 13.23 -3.66
N GLU A 61 -0.73 14.45 -3.29
CA GLU A 61 -0.25 15.11 -2.08
C GLU A 61 -0.27 14.18 -0.87
N GLU A 62 -1.02 13.08 -0.98
CA GLU A 62 -1.13 12.10 0.10
C GLU A 62 -2.07 12.59 1.20
N HIS A 63 -1.90 11.99 2.39
CA HIS A 63 -2.71 12.32 3.56
C HIS A 63 -4.18 12.52 3.20
N MET A 64 -4.89 13.33 3.98
CA MET A 64 -6.30 13.60 3.75
C MET A 64 -6.53 14.30 2.42
N GLU A 65 -5.45 14.77 1.80
CA GLU A 65 -5.51 15.48 0.52
C GLU A 65 -6.05 16.90 0.69
N ALA A 66 -7.09 17.03 1.51
CA ALA A 66 -7.70 18.33 1.76
C ALA A 66 -7.43 18.79 3.20
N ASP A 67 -6.60 18.05 3.90
CA ASP A 67 -6.24 18.38 5.29
C ASP A 67 -7.48 18.39 6.17
N GLY A 68 -7.70 17.29 6.90
CA GLY A 68 -8.85 17.20 7.78
C GLY A 68 -10.05 16.57 7.10
N HIS A 69 -9.79 15.67 6.16
CA HIS A 69 -10.84 14.99 5.42
C HIS A 69 -10.68 13.48 5.50
N ALA A 70 -11.67 12.76 4.99
CA ALA A 70 -11.63 11.29 5.00
C ALA A 70 -11.98 10.74 3.63
N ALA A 71 -11.83 11.56 2.60
CA ALA A 71 -12.13 11.16 1.24
C ALA A 71 -11.07 10.19 0.70
N VAL A 72 -9.83 10.68 0.59
CA VAL A 72 -8.73 9.87 0.10
C VAL A 72 -7.52 9.95 1.00
N VAL A 73 -7.24 8.86 1.69
CA VAL A 73 -6.11 8.79 2.61
C VAL A 73 -5.41 7.43 2.50
N PHE A 74 -4.08 7.45 2.51
CA PHE A 74 -3.31 6.22 2.41
C PHE A 74 -2.02 6.32 3.24
N GLY A 75 -2.19 6.30 4.55
CA GLY A 75 -1.06 6.38 5.47
C GLY A 75 -1.53 6.19 6.89
N THR A 76 -2.73 5.61 7.00
CA THR A 76 -3.37 5.33 8.28
C THR A 76 -4.22 4.08 8.17
N VAL A 77 -4.68 3.55 9.30
CA VAL A 77 -5.52 2.36 9.28
C VAL A 77 -6.81 2.66 8.53
N VAL A 78 -6.86 2.21 7.27
CA VAL A 78 -8.02 2.44 6.42
C VAL A 78 -8.64 1.14 5.93
N ASP A 79 -9.79 1.25 5.27
CA ASP A 79 -10.48 0.10 4.72
C ASP A 79 -10.00 -0.14 3.29
N ILE A 80 -9.25 -1.21 3.09
CA ILE A 80 -8.71 -1.52 1.77
C ILE A 80 -9.54 -2.60 1.06
N ILE A 81 -9.26 -2.79 -0.23
CA ILE A 81 -9.94 -3.78 -1.03
C ILE A 81 -8.94 -4.52 -1.92
N SER A 82 -9.00 -5.84 -1.92
CA SER A 82 -8.09 -6.64 -2.71
C SER A 82 -8.66 -6.92 -4.10
N ARG A 83 -7.80 -7.47 -4.97
CA ARG A 83 -8.20 -7.78 -6.35
C ARG A 83 -9.52 -8.54 -6.42
N SER A 84 -9.81 -9.35 -5.40
CA SER A 84 -11.05 -10.12 -5.37
C SER A 84 -12.15 -9.38 -4.63
N GLY A 85 -11.76 -8.41 -3.82
CA GLY A 85 -12.72 -7.63 -3.07
C GLY A 85 -12.99 -8.26 -1.71
N GLU A 86 -12.47 -7.63 -0.67
CA GLU A 86 -12.66 -8.13 0.67
C GLU A 86 -12.99 -7.01 1.64
N LYS A 87 -12.81 -5.77 1.18
CA LYS A 87 -13.08 -4.57 1.98
C LYS A 87 -12.82 -4.81 3.47
N ILE A 88 -11.60 -5.24 3.78
CA ILE A 88 -11.22 -5.51 5.17
C ILE A 88 -10.35 -4.37 5.70
N PRO A 89 -10.69 -3.85 6.90
CA PRO A 89 -9.93 -2.76 7.52
C PRO A 89 -8.54 -3.20 7.94
N VAL A 90 -7.53 -2.40 7.57
CA VAL A 90 -6.15 -2.69 7.92
C VAL A 90 -5.37 -1.41 8.16
N SER A 91 -4.15 -1.57 8.68
CA SER A 91 -3.29 -0.42 8.97
C SER A 91 -2.32 -0.18 7.83
N VAL A 92 -2.26 1.07 7.37
CA VAL A 92 -1.36 1.43 6.28
C VAL A 92 -0.44 2.57 6.68
N TRP A 93 0.86 2.40 6.43
CA TRP A 93 1.83 3.43 6.76
C TRP A 93 2.89 3.53 5.66
N MET A 94 2.85 4.62 4.91
CA MET A 94 3.81 4.86 3.84
C MET A 94 4.93 5.78 4.29
N LYS A 95 6.16 5.43 3.93
CA LYS A 95 7.32 6.23 4.31
C LYS A 95 8.52 5.92 3.42
N ARG A 96 9.31 6.96 3.13
CA ARG A 96 10.49 6.81 2.29
C ARG A 96 11.67 6.24 3.08
N MET A 97 11.99 4.97 2.82
CA MET A 97 13.07 4.29 3.52
C MET A 97 14.19 3.89 2.56
N ARG A 98 14.05 4.28 1.29
CA ARG A 98 15.04 3.96 0.28
C ARG A 98 15.23 2.44 0.15
N GLN A 99 16.11 2.04 -0.76
CA GLN A 99 16.38 0.62 -0.99
C GLN A 99 17.62 0.42 -1.84
N GLU A 100 18.03 1.48 -2.54
CA GLU A 100 19.20 1.43 -3.40
C GLU A 100 19.87 2.80 -3.48
N ARG A 101 19.30 3.67 -4.30
CA ARG A 101 19.84 5.02 -4.48
C ARG A 101 18.70 6.00 -4.73
N ARG A 102 17.48 5.56 -4.50
CA ARG A 102 16.29 6.40 -4.70
C ARG A 102 15.32 6.24 -3.53
N LEU A 103 14.73 7.36 -3.11
CA LEU A 103 13.77 7.34 -2.01
C LEU A 103 12.66 6.35 -2.32
N CYS A 104 12.68 5.20 -1.65
CA CYS A 104 11.67 4.18 -1.88
C CYS A 104 10.55 4.27 -0.86
N CYS A 105 9.34 4.46 -1.37
CA CYS A 105 8.16 4.54 -0.53
C CYS A 105 7.66 3.14 -0.18
N VAL A 106 7.56 2.84 1.10
CA VAL A 106 7.11 1.52 1.54
C VAL A 106 5.79 1.60 2.29
N VAL A 107 4.91 0.63 2.03
CA VAL A 107 3.61 0.57 2.67
C VAL A 107 3.42 -0.81 3.32
N VAL A 108 3.07 -0.80 4.60
CA VAL A 108 2.88 -2.06 5.33
C VAL A 108 1.44 -2.20 5.82
N LEU A 109 0.71 -3.14 5.24
CA LEU A 109 -0.67 -3.38 5.60
C LEU A 109 -0.78 -4.41 6.71
N GLU A 110 -1.35 -4.01 7.84
CA GLU A 110 -1.52 -4.91 8.98
C GLU A 110 -2.99 -5.06 9.32
N PRO A 111 -3.54 -6.28 9.17
CA PRO A 111 -4.96 -6.53 9.47
C PRO A 111 -5.31 -6.13 10.90
N VAL A 112 -6.46 -5.48 11.06
CA VAL A 112 -6.89 -5.04 12.38
C VAL A 112 -7.32 -6.22 13.24
N GLU A 113 -6.88 -6.20 14.50
CA GLU A 113 -7.20 -7.27 15.44
C GLU A 113 -6.80 -8.64 14.88
N ARG A 114 -5.80 -8.65 14.02
CA ARG A 114 -5.32 -9.89 13.41
C ARG A 114 -3.80 -9.94 13.42
N GLY A 1 12.49 -17.25 13.04
CA GLY A 1 11.41 -16.24 13.03
C GLY A 1 10.04 -16.86 12.90
N ALA A 2 9.11 -16.40 13.73
CA ALA A 2 7.74 -16.92 13.71
C ALA A 2 6.81 -16.03 14.52
N MET A 3 6.42 -14.89 13.94
CA MET A 3 5.54 -13.95 14.63
C MET A 3 4.78 -13.09 13.61
N ASP A 4 5.47 -12.13 13.01
CA ASP A 4 4.86 -11.23 12.04
C ASP A 4 5.87 -10.72 11.00
N PRO A 5 7.04 -10.20 11.45
CA PRO A 5 8.07 -9.68 10.54
C PRO A 5 8.31 -10.56 9.31
N GLU A 6 8.04 -11.85 9.44
CA GLU A 6 8.24 -12.77 8.33
C GLU A 6 7.06 -13.75 8.21
N PHE A 7 6.13 -13.67 9.15
CA PHE A 7 4.96 -14.55 9.15
C PHE A 7 4.00 -14.18 8.02
N ASN A 8 3.65 -12.90 7.96
CA ASN A 8 2.74 -12.41 6.92
C ASN A 8 2.83 -10.88 6.83
N LYS A 9 4.05 -10.37 6.81
CA LYS A 9 4.27 -8.92 6.73
C LYS A 9 3.97 -8.38 5.34
N ALA A 10 2.96 -7.53 5.26
CA ALA A 10 2.57 -6.94 3.99
C ALA A 10 3.53 -5.81 3.60
N ILE A 11 4.61 -6.16 2.92
CA ILE A 11 5.60 -5.17 2.50
C ILE A 11 5.50 -4.86 1.01
N PHE A 12 5.16 -3.62 0.69
CA PHE A 12 5.05 -3.18 -0.69
C PHE A 12 6.07 -2.08 -0.97
N THR A 13 7.10 -2.40 -1.76
CA THR A 13 8.14 -1.43 -2.08
C THR A 13 7.85 -0.74 -3.41
N VAL A 14 7.75 0.59 -3.36
CA VAL A 14 7.45 1.38 -4.56
C VAL A 14 8.27 2.67 -4.59
N ASP A 15 8.13 3.42 -5.68
CA ASP A 15 8.82 4.69 -5.84
C ASP A 15 7.89 5.82 -5.40
N ALA A 16 8.45 6.92 -4.92
CA ALA A 16 7.63 8.03 -4.46
C ALA A 16 7.16 8.92 -5.60
N LYS A 17 7.79 8.78 -6.76
CA LYS A 17 7.40 9.58 -7.91
C LYS A 17 6.11 9.06 -8.52
N THR A 18 6.08 7.76 -8.81
CA THR A 18 4.90 7.16 -9.43
C THR A 18 4.20 6.14 -8.55
N THR A 19 4.83 5.76 -7.46
CA THR A 19 4.26 4.77 -6.53
C THR A 19 4.29 3.37 -7.15
N GLU A 20 4.94 3.25 -8.30
CA GLU A 20 5.04 1.97 -8.98
C GLU A 20 5.75 0.95 -8.09
N ILE A 21 5.01 -0.06 -7.66
CA ILE A 21 5.57 -1.08 -6.79
C ILE A 21 6.73 -1.82 -7.45
N LEU A 22 7.95 -1.46 -7.05
CA LEU A 22 9.14 -2.07 -7.59
C LEU A 22 9.14 -3.58 -7.37
N VAL A 23 8.61 -4.02 -6.23
CA VAL A 23 8.54 -5.44 -5.89
C VAL A 23 7.80 -5.66 -4.58
N ALA A 24 7.27 -6.87 -4.41
CA ALA A 24 6.55 -7.24 -3.20
C ALA A 24 6.91 -8.67 -2.78
N ASN A 25 6.71 -8.97 -1.50
CA ASN A 25 7.05 -10.29 -0.98
C ASN A 25 5.87 -11.26 -0.97
N ASP A 26 6.16 -12.49 -0.59
CA ASP A 26 5.16 -13.56 -0.52
C ASP A 26 4.19 -13.36 0.63
N LYS A 27 4.44 -12.36 1.45
CA LYS A 27 3.56 -12.05 2.56
C LYS A 27 2.52 -11.03 2.11
N ALA A 28 3.00 -9.81 1.81
CA ALA A 28 2.14 -8.75 1.33
C ALA A 28 1.24 -9.25 0.20
N CYS A 29 1.85 -9.96 -0.74
CA CYS A 29 1.13 -10.52 -1.87
C CYS A 29 0.01 -11.43 -1.38
N GLY A 30 0.30 -12.19 -0.33
CA GLY A 30 -0.71 -13.08 0.23
C GLY A 30 -1.90 -12.30 0.74
N LEU A 31 -1.62 -11.16 1.35
CA LEU A 31 -2.67 -10.29 1.88
C LEU A 31 -3.75 -10.05 0.82
N LEU A 32 -3.35 -9.57 -0.35
CA LEU A 32 -4.33 -9.34 -1.42
C LEU A 32 -4.45 -10.55 -2.33
N GLY A 33 -3.41 -10.80 -3.13
CA GLY A 33 -3.42 -11.94 -4.03
C GLY A 33 -2.51 -11.74 -5.22
N TYR A 34 -1.52 -10.87 -5.06
CA TYR A 34 -0.56 -10.59 -6.12
C TYR A 34 0.79 -11.24 -5.81
N SER A 35 1.87 -10.56 -6.23
CA SER A 35 3.23 -11.02 -5.99
C SER A 35 4.22 -10.10 -6.68
N SER A 36 5.49 -10.25 -6.34
CA SER A 36 6.54 -9.41 -6.92
C SER A 36 6.41 -9.30 -8.44
N GLN A 37 6.01 -10.38 -9.09
CA GLN A 37 5.87 -10.39 -10.54
C GLN A 37 4.42 -10.22 -11.00
N ASP A 38 3.48 -10.19 -10.05
CA ASP A 38 2.07 -10.06 -10.40
C ASP A 38 1.51 -8.67 -10.09
N LEU A 39 2.26 -7.88 -9.31
CA LEU A 39 1.80 -6.54 -8.95
C LEU A 39 2.78 -5.47 -9.43
N ILE A 40 3.98 -5.91 -9.83
CA ILE A 40 5.00 -4.97 -10.31
C ILE A 40 4.54 -4.27 -11.58
N GLY A 41 4.84 -2.97 -11.68
CA GLY A 41 4.46 -2.21 -12.84
C GLY A 41 3.31 -1.26 -12.57
N GLN A 42 2.55 -1.57 -11.52
CA GLN A 42 1.41 -0.75 -11.14
C GLN A 42 1.66 -0.06 -9.80
N LYS A 43 0.62 0.53 -9.23
CA LYS A 43 0.73 1.22 -7.95
C LYS A 43 -0.08 0.48 -6.89
N LEU A 44 0.55 0.20 -5.75
CA LEU A 44 -0.12 -0.54 -4.67
C LEU A 44 -1.54 -0.03 -4.40
N THR A 45 -1.72 1.28 -4.34
CA THR A 45 -3.03 1.87 -4.05
C THR A 45 -4.11 1.38 -5.01
N GLN A 46 -3.70 0.87 -6.16
CA GLN A 46 -4.65 0.37 -7.14
C GLN A 46 -5.46 -0.75 -6.51
N PHE A 47 -4.87 -1.40 -5.52
CA PHE A 47 -5.50 -2.51 -4.82
C PHE A 47 -5.82 -2.15 -3.38
N PHE A 48 -6.27 -0.90 -3.15
CA PHE A 48 -6.60 -0.44 -1.80
C PHE A 48 -7.79 0.50 -1.85
N LEU A 49 -8.49 0.62 -0.71
CA LEU A 49 -9.67 1.48 -0.56
C LEU A 49 -10.42 1.65 -1.88
N ARG A 50 -10.11 2.72 -2.60
CA ARG A 50 -10.76 2.99 -3.87
C ARG A 50 -9.73 3.28 -4.96
N SER A 51 -9.68 2.41 -5.96
CA SER A 51 -8.74 2.57 -7.06
C SER A 51 -9.27 3.56 -8.09
N ASP A 52 -10.49 4.04 -7.88
CA ASP A 52 -11.10 4.97 -8.81
C ASP A 52 -10.72 6.42 -8.51
N SER A 53 -11.24 6.96 -7.40
CA SER A 53 -10.97 8.34 -7.02
C SER A 53 -9.77 8.47 -6.08
N ASP A 54 -9.80 7.74 -4.97
CA ASP A 54 -8.74 7.79 -3.97
C ASP A 54 -7.34 7.77 -4.58
N VAL A 55 -7.03 6.71 -5.32
CA VAL A 55 -5.71 6.57 -5.95
C VAL A 55 -5.31 7.81 -6.75
N VAL A 56 -6.29 8.55 -7.24
CA VAL A 56 -6.02 9.76 -8.03
C VAL A 56 -5.54 10.93 -7.17
N GLU A 57 -6.12 11.09 -5.99
CA GLU A 57 -5.74 12.19 -5.10
C GLU A 57 -4.63 11.79 -4.14
N ALA A 58 -4.60 10.50 -3.80
CA ALA A 58 -3.61 9.97 -2.86
C ALA A 58 -2.18 10.15 -3.38
N LEU A 59 -1.95 9.80 -4.64
CA LEU A 59 -0.62 9.89 -5.22
C LEU A 59 -0.45 11.16 -6.07
N SER A 60 -1.53 11.93 -6.21
CA SER A 60 -1.49 13.16 -6.99
C SER A 60 -0.35 14.07 -6.56
N GLU A 61 -0.05 14.04 -5.27
CA GLU A 61 1.02 14.86 -4.72
C GLU A 61 1.57 14.22 -3.45
N GLU A 62 1.35 12.91 -3.32
CA GLU A 62 1.81 12.16 -2.15
C GLU A 62 1.24 12.74 -0.86
N HIS A 63 1.77 12.28 0.27
CA HIS A 63 1.32 12.73 1.60
C HIS A 63 -0.15 13.15 1.61
N MET A 64 -0.39 14.45 1.71
CA MET A 64 -1.76 14.98 1.74
C MET A 64 -1.91 16.16 0.78
N GLU A 65 -1.17 16.10 -0.34
CA GLU A 65 -1.22 17.15 -1.35
C GLU A 65 -0.54 18.42 -0.85
N ALA A 66 -0.40 18.55 0.47
CA ALA A 66 0.23 19.73 1.05
C ALA A 66 0.56 19.50 2.53
N ASP A 67 0.66 18.23 2.91
CA ASP A 67 0.98 17.87 4.29
C ASP A 67 -0.03 18.49 5.26
N GLY A 68 -1.31 18.45 4.89
CA GLY A 68 -2.35 19.00 5.73
C GLY A 68 -3.63 19.27 4.97
N HIS A 69 -4.29 18.20 4.54
CA HIS A 69 -5.54 18.32 3.80
C HIS A 69 -6.45 17.13 4.07
N ALA A 70 -7.72 17.26 3.68
CA ALA A 70 -8.69 16.19 3.87
C ALA A 70 -9.27 15.72 2.54
N ALA A 71 -8.52 14.89 1.83
CA ALA A 71 -8.95 14.37 0.54
C ALA A 71 -8.17 13.13 0.16
N VAL A 72 -7.00 12.96 0.77
CA VAL A 72 -6.15 11.81 0.50
C VAL A 72 -5.75 11.10 1.79
N VAL A 73 -6.11 9.83 1.89
CA VAL A 73 -5.79 9.03 3.07
C VAL A 73 -5.36 7.61 2.69
N PHE A 74 -4.16 7.23 3.11
CA PHE A 74 -3.63 5.90 2.83
C PHE A 74 -2.58 5.51 3.86
N GLY A 75 -1.84 6.49 4.35
CA GLY A 75 -0.82 6.22 5.36
C GLY A 75 -1.40 6.12 6.75
N THR A 76 -2.60 5.56 6.83
CA THR A 76 -3.31 5.39 8.09
C THR A 76 -4.18 4.14 8.06
N VAL A 77 -4.68 3.72 9.21
CA VAL A 77 -5.54 2.54 9.27
C VAL A 77 -6.82 2.82 8.48
N VAL A 78 -6.87 2.33 7.25
CA VAL A 78 -8.02 2.55 6.38
C VAL A 78 -8.62 1.23 5.90
N ASP A 79 -9.62 1.35 5.03
CA ASP A 79 -10.28 0.19 4.46
C ASP A 79 -9.71 -0.08 3.07
N ILE A 80 -9.27 -1.30 2.84
CA ILE A 80 -8.69 -1.64 1.54
C ILE A 80 -9.49 -2.74 0.84
N ILE A 81 -9.17 -2.95 -0.43
CA ILE A 81 -9.83 -3.96 -1.24
C ILE A 81 -8.81 -4.66 -2.14
N SER A 82 -8.90 -5.98 -2.21
CA SER A 82 -7.98 -6.74 -3.03
C SER A 82 -8.49 -6.88 -4.46
N ARG A 83 -7.65 -7.42 -5.33
CA ARG A 83 -8.00 -7.60 -6.74
C ARG A 83 -9.42 -8.17 -6.90
N SER A 84 -9.83 -9.01 -5.96
CA SER A 84 -11.15 -9.61 -5.99
C SER A 84 -12.16 -8.79 -5.19
N GLY A 85 -11.65 -7.99 -4.26
CA GLY A 85 -12.53 -7.17 -3.44
C GLY A 85 -12.93 -7.88 -2.17
N GLU A 86 -12.46 -7.37 -1.04
CA GLU A 86 -12.76 -7.98 0.25
C GLU A 86 -13.28 -6.94 1.24
N LYS A 87 -12.85 -5.70 1.08
CA LYS A 87 -13.27 -4.61 1.98
C LYS A 87 -13.03 -5.00 3.44
N ILE A 88 -11.80 -4.75 3.90
CA ILE A 88 -11.44 -5.06 5.28
C ILE A 88 -10.60 -3.96 5.91
N PRO A 89 -10.78 -3.72 7.22
CA PRO A 89 -10.04 -2.69 7.94
C PRO A 89 -8.59 -3.11 8.20
N VAL A 90 -7.66 -2.24 7.87
CA VAL A 90 -6.24 -2.54 8.06
C VAL A 90 -5.44 -1.27 8.35
N SER A 91 -4.29 -1.45 8.99
CA SER A 91 -3.41 -0.33 9.31
C SER A 91 -2.35 -0.18 8.24
N VAL A 92 -2.25 1.02 7.66
CA VAL A 92 -1.27 1.26 6.61
C VAL A 92 -0.35 2.43 6.97
N TRP A 93 0.94 2.24 6.71
CA TRP A 93 1.92 3.28 6.99
C TRP A 93 2.93 3.39 5.85
N MET A 94 2.86 4.51 5.13
CA MET A 94 3.75 4.75 4.00
C MET A 94 4.93 5.64 4.40
N LYS A 95 6.08 5.40 3.78
CA LYS A 95 7.28 6.18 4.06
C LYS A 95 8.11 6.38 2.79
N ARG A 96 8.28 7.63 2.39
CA ARG A 96 9.04 7.95 1.19
C ARG A 96 10.54 8.03 1.50
N MET A 97 11.03 7.13 2.34
CA MET A 97 12.44 7.10 2.69
C MET A 97 13.26 6.53 1.53
N ARG A 98 14.56 6.39 1.71
CA ARG A 98 15.42 5.86 0.67
C ARG A 98 15.81 4.42 0.95
N GLN A 99 15.81 3.59 -0.09
CA GLN A 99 16.16 2.19 0.04
C GLN A 99 17.42 1.87 -0.75
N GLU A 100 17.70 2.69 -1.76
CA GLU A 100 18.88 2.49 -2.60
C GLU A 100 19.48 3.83 -3.01
N ARG A 101 18.92 4.44 -4.05
CA ARG A 101 19.40 5.72 -4.54
C ARG A 101 18.24 6.69 -4.77
N ARG A 102 17.03 6.19 -4.56
CA ARG A 102 15.83 7.00 -4.73
C ARG A 102 14.86 6.78 -3.57
N LEU A 103 14.12 7.83 -3.20
CA LEU A 103 13.16 7.72 -2.11
C LEU A 103 12.05 6.73 -2.49
N CYS A 104 12.13 5.53 -1.94
CA CYS A 104 11.14 4.50 -2.23
C CYS A 104 10.05 4.49 -1.16
N CYS A 105 8.80 4.56 -1.61
CA CYS A 105 7.67 4.56 -0.70
C CYS A 105 7.35 3.13 -0.27
N VAL A 106 7.39 2.90 1.04
CA VAL A 106 7.13 1.58 1.60
C VAL A 106 5.80 1.56 2.35
N VAL A 107 4.98 0.55 2.09
CA VAL A 107 3.69 0.43 2.75
C VAL A 107 3.56 -0.92 3.43
N VAL A 108 3.03 -0.93 4.65
CA VAL A 108 2.86 -2.17 5.41
C VAL A 108 1.42 -2.33 5.87
N LEU A 109 0.73 -3.32 5.31
CA LEU A 109 -0.65 -3.59 5.65
C LEU A 109 -0.75 -4.63 6.77
N GLU A 110 -1.35 -4.24 7.89
CA GLU A 110 -1.50 -5.13 9.02
C GLU A 110 -2.97 -5.22 9.44
N PRO A 111 -3.55 -6.43 9.40
CA PRO A 111 -4.94 -6.65 9.77
C PRO A 111 -5.25 -6.11 11.16
N VAL A 112 -6.36 -5.39 11.28
CA VAL A 112 -6.76 -4.80 12.56
C VAL A 112 -7.13 -5.89 13.57
N GLU A 113 -6.98 -5.56 14.85
CA GLU A 113 -7.30 -6.50 15.92
C GLU A 113 -8.76 -6.35 16.36
N ARG A 114 -9.28 -7.38 17.00
CA ARG A 114 -10.66 -7.36 17.48
C ARG A 114 -10.72 -7.26 18.99
N GLY A 1 2.33 -23.69 7.09
CA GLY A 1 2.93 -22.64 7.96
C GLY A 1 4.41 -22.88 8.20
N ALA A 2 5.14 -21.80 8.47
CA ALA A 2 6.57 -21.89 8.74
C ALA A 2 7.11 -20.58 9.29
N MET A 3 7.84 -19.84 8.47
CA MET A 3 8.41 -18.56 8.90
C MET A 3 7.29 -17.58 9.24
N ASP A 4 6.72 -16.95 8.22
CA ASP A 4 5.63 -16.00 8.41
C ASP A 4 5.96 -14.97 9.50
N PRO A 5 6.81 -13.98 9.17
CA PRO A 5 7.19 -12.93 10.13
C PRO A 5 5.96 -12.31 10.77
N GLU A 6 4.87 -12.31 10.01
CA GLU A 6 3.61 -11.77 10.46
C GLU A 6 2.46 -12.58 9.89
N PHE A 7 2.82 -13.61 9.11
CA PHE A 7 1.83 -14.48 8.48
C PHE A 7 0.91 -13.63 7.61
N ASN A 8 1.32 -12.40 7.37
CA ASN A 8 0.56 -11.47 6.56
C ASN A 8 1.39 -10.22 6.29
N LYS A 9 2.62 -10.19 6.80
CA LYS A 9 3.53 -9.05 6.61
C LYS A 9 3.47 -8.51 5.18
N ALA A 10 2.61 -7.52 4.96
CA ALA A 10 2.46 -6.93 3.64
C ALA A 10 3.48 -5.83 3.38
N ILE A 11 4.50 -6.14 2.60
CA ILE A 11 5.54 -5.17 2.28
C ILE A 11 5.49 -4.79 0.80
N PHE A 12 5.13 -3.54 0.52
CA PHE A 12 5.07 -3.04 -0.85
C PHE A 12 6.07 -1.91 -1.04
N THR A 13 7.14 -2.18 -1.80
CA THR A 13 8.16 -1.16 -2.05
C THR A 13 7.87 -0.39 -3.32
N VAL A 14 7.79 0.93 -3.20
CA VAL A 14 7.49 1.80 -4.34
C VAL A 14 8.30 3.10 -4.27
N ASP A 15 8.18 3.91 -5.30
CA ASP A 15 8.87 5.19 -5.35
C ASP A 15 7.89 6.31 -4.96
N ALA A 16 8.41 7.48 -4.63
CA ALA A 16 7.55 8.59 -4.22
C ALA A 16 7.14 9.44 -5.41
N LYS A 17 7.84 9.27 -6.52
CA LYS A 17 7.52 10.04 -7.73
C LYS A 17 6.32 9.42 -8.44
N THR A 18 6.35 8.11 -8.63
CA THR A 18 5.27 7.42 -9.32
C THR A 18 4.48 6.47 -8.43
N THR A 19 5.04 6.12 -7.30
CA THR A 19 4.38 5.21 -6.36
C THR A 19 4.33 3.79 -6.92
N GLU A 20 4.94 3.60 -8.09
CA GLU A 20 4.97 2.28 -8.73
C GLU A 20 5.66 1.27 -7.82
N ILE A 21 4.96 0.17 -7.53
CA ILE A 21 5.51 -0.86 -6.67
C ILE A 21 6.67 -1.60 -7.33
N LEU A 22 7.89 -1.24 -6.92
CA LEU A 22 9.10 -1.85 -7.44
C LEU A 22 9.08 -3.36 -7.27
N VAL A 23 8.56 -3.81 -6.12
CA VAL A 23 8.49 -5.25 -5.84
C VAL A 23 7.75 -5.52 -4.52
N ALA A 24 7.25 -6.74 -4.37
CA ALA A 24 6.54 -7.13 -3.17
C ALA A 24 6.87 -8.59 -2.82
N ASN A 25 6.70 -8.96 -1.55
CA ASN A 25 7.00 -10.30 -1.11
C ASN A 25 5.75 -11.20 -1.08
N ASP A 26 5.94 -12.41 -0.57
CA ASP A 26 4.84 -13.38 -0.47
C ASP A 26 3.74 -12.84 0.42
N LYS A 27 4.00 -12.79 1.73
CA LYS A 27 3.01 -12.30 2.70
C LYS A 27 2.14 -11.20 2.09
N ALA A 28 2.76 -10.07 1.73
CA ALA A 28 2.04 -8.96 1.11
C ALA A 28 1.10 -9.46 0.01
N CYS A 29 1.69 -10.16 -0.97
CA CYS A 29 0.92 -10.70 -2.08
C CYS A 29 -0.25 -11.54 -1.58
N GLY A 30 0.00 -12.30 -0.52
CA GLY A 30 -1.04 -13.13 0.06
C GLY A 30 -2.21 -12.30 0.55
N LEU A 31 -1.88 -11.14 1.13
CA LEU A 31 -2.88 -10.22 1.64
C LEU A 31 -3.93 -9.94 0.56
N LEU A 32 -3.50 -9.45 -0.60
CA LEU A 32 -4.44 -9.20 -1.69
C LEU A 32 -4.56 -10.43 -2.59
N GLY A 33 -3.56 -10.64 -3.43
CA GLY A 33 -3.57 -11.76 -4.34
C GLY A 33 -2.64 -11.54 -5.52
N TYR A 34 -1.60 -10.75 -5.30
CA TYR A 34 -0.64 -10.43 -6.35
C TYR A 34 0.71 -11.12 -6.07
N SER A 35 1.80 -10.41 -6.38
CA SER A 35 3.15 -10.91 -6.15
C SER A 35 4.16 -9.97 -6.80
N SER A 36 5.41 -10.12 -6.44
CA SER A 36 6.48 -9.27 -6.98
C SER A 36 6.40 -9.18 -8.51
N GLN A 37 5.97 -10.27 -9.15
CA GLN A 37 5.87 -10.32 -10.61
C GLN A 37 4.44 -10.09 -11.11
N ASP A 38 3.47 -9.99 -10.20
CA ASP A 38 2.08 -9.79 -10.60
C ASP A 38 1.55 -8.41 -10.21
N LEU A 39 2.31 -7.66 -9.42
CA LEU A 39 1.87 -6.33 -9.02
C LEU A 39 2.87 -5.26 -9.44
N ILE A 40 4.08 -5.68 -9.77
CA ILE A 40 5.12 -4.75 -10.20
C ILE A 40 4.72 -4.05 -11.50
N GLY A 41 4.97 -2.75 -11.56
CA GLY A 41 4.63 -1.99 -12.75
C GLY A 41 3.53 -0.98 -12.51
N GLN A 42 2.59 -1.31 -11.62
CA GLN A 42 1.48 -0.41 -11.31
C GLN A 42 1.70 0.23 -9.94
N LYS A 43 0.63 0.83 -9.40
CA LYS A 43 0.69 1.47 -8.10
C LYS A 43 -0.15 0.72 -7.08
N LEU A 44 0.43 0.43 -5.92
CA LEU A 44 -0.26 -0.32 -4.88
C LEU A 44 -1.68 0.19 -4.61
N THR A 45 -1.83 1.51 -4.58
CA THR A 45 -3.13 2.12 -4.32
C THR A 45 -4.23 1.65 -5.25
N GLN A 46 -3.83 1.05 -6.37
CA GLN A 46 -4.80 0.54 -7.33
C GLN A 46 -5.59 -0.59 -6.71
N PHE A 47 -4.98 -1.22 -5.71
CA PHE A 47 -5.59 -2.34 -5.02
C PHE A 47 -5.90 -1.99 -3.56
N PHE A 48 -6.44 -0.80 -3.33
CA PHE A 48 -6.79 -0.35 -1.98
C PHE A 48 -8.02 0.56 -2.02
N LEU A 49 -8.82 0.48 -0.95
CA LEU A 49 -10.06 1.27 -0.81
C LEU A 49 -10.45 1.99 -2.10
N ARG A 50 -11.37 1.39 -2.86
CA ARG A 50 -11.84 1.96 -4.11
C ARG A 50 -10.69 2.07 -5.12
N SER A 51 -10.73 1.19 -6.13
CA SER A 51 -9.72 1.16 -7.16
C SER A 51 -10.05 2.08 -8.33
N ASP A 52 -11.21 2.72 -8.27
CA ASP A 52 -11.63 3.60 -9.35
C ASP A 52 -11.14 5.04 -9.18
N SER A 53 -11.72 5.77 -8.22
CA SER A 53 -11.36 7.16 -7.98
C SER A 53 -10.29 7.33 -6.91
N ASP A 54 -10.46 6.65 -5.78
CA ASP A 54 -9.52 6.75 -4.67
C ASP A 54 -8.05 6.67 -5.10
N VAL A 55 -7.70 5.61 -5.80
CA VAL A 55 -6.32 5.41 -6.25
C VAL A 55 -5.82 6.59 -7.09
N VAL A 56 -6.74 7.36 -7.65
CA VAL A 56 -6.38 8.50 -8.48
C VAL A 56 -6.14 9.77 -7.66
N GLU A 57 -6.84 9.91 -6.53
CA GLU A 57 -6.70 11.09 -5.69
C GLU A 57 -5.59 10.91 -4.64
N ALA A 58 -5.55 9.72 -4.04
CA ALA A 58 -4.56 9.41 -3.01
C ALA A 58 -3.14 9.75 -3.46
N LEU A 59 -2.89 9.60 -4.76
CA LEU A 59 -1.57 9.89 -5.30
C LEU A 59 -1.52 11.28 -5.92
N SER A 60 -2.68 11.88 -6.14
CA SER A 60 -2.76 13.21 -6.73
C SER A 60 -2.55 14.28 -5.66
N GLU A 61 -1.39 14.93 -5.70
CA GLU A 61 -1.04 15.98 -4.75
C GLU A 61 -0.77 15.41 -3.36
N GLU A 62 -1.11 14.13 -3.18
CA GLU A 62 -0.92 13.44 -1.90
C GLU A 62 -2.00 13.86 -0.91
N HIS A 63 -1.99 13.26 0.28
CA HIS A 63 -2.99 13.56 1.31
C HIS A 63 -4.35 13.82 0.67
N MET A 64 -5.09 14.80 1.18
CA MET A 64 -6.39 15.13 0.62
C MET A 64 -6.23 15.52 -0.84
N GLU A 65 -7.26 15.27 -1.64
CA GLU A 65 -7.22 15.60 -3.07
C GLU A 65 -6.80 17.05 -3.29
N ALA A 66 -6.97 17.86 -2.25
CA ALA A 66 -6.60 19.28 -2.31
C ALA A 66 -6.56 19.89 -0.91
N ASP A 67 -7.73 20.21 -0.38
CA ASP A 67 -7.84 20.80 0.96
C ASP A 67 -9.26 20.68 1.49
N GLY A 68 -9.41 19.99 2.61
CA GLY A 68 -10.72 19.82 3.21
C GLY A 68 -11.58 18.84 2.42
N HIS A 69 -10.98 18.21 1.42
CA HIS A 69 -11.68 17.25 0.58
C HIS A 69 -12.04 16.00 1.39
N ALA A 70 -11.02 15.34 1.92
CA ALA A 70 -11.22 14.13 2.72
C ALA A 70 -11.89 13.03 1.89
N ALA A 71 -11.20 12.57 0.86
CA ALA A 71 -11.72 11.53 -0.01
C ALA A 71 -10.71 10.38 -0.16
N VAL A 72 -9.43 10.74 -0.07
CA VAL A 72 -8.37 9.74 -0.20
C VAL A 72 -8.10 9.05 1.14
N VAL A 73 -7.74 7.78 1.09
CA VAL A 73 -7.47 7.02 2.31
C VAL A 73 -6.24 6.14 2.17
N PHE A 74 -5.12 6.60 2.74
CA PHE A 74 -3.87 5.85 2.70
C PHE A 74 -2.88 6.42 3.72
N GLY A 75 -1.85 5.65 4.05
CA GLY A 75 -0.87 6.10 5.01
C GLY A 75 -1.41 6.04 6.43
N THR A 76 -2.59 5.43 6.56
CA THR A 76 -3.25 5.28 7.84
C THR A 76 -4.06 3.99 7.87
N VAL A 77 -4.50 3.58 9.06
CA VAL A 77 -5.30 2.37 9.19
C VAL A 77 -6.64 2.56 8.47
N VAL A 78 -6.73 2.04 7.26
CA VAL A 78 -7.94 2.16 6.46
C VAL A 78 -8.47 0.82 5.99
N ASP A 79 -9.65 0.85 5.40
CA ASP A 79 -10.27 -0.35 4.86
C ASP A 79 -9.82 -0.54 3.42
N ILE A 80 -9.06 -1.59 3.17
CA ILE A 80 -8.54 -1.85 1.84
C ILE A 80 -9.34 -2.92 1.10
N ILE A 81 -9.05 -3.07 -0.19
CA ILE A 81 -9.72 -4.05 -1.02
C ILE A 81 -8.72 -4.69 -1.99
N SER A 82 -8.84 -6.00 -2.20
CA SER A 82 -7.93 -6.71 -3.08
C SER A 82 -8.51 -6.84 -4.48
N ARG A 83 -7.69 -7.33 -5.41
CA ARG A 83 -8.10 -7.51 -6.80
C ARG A 83 -9.47 -8.17 -6.92
N SER A 84 -9.83 -8.99 -5.93
CA SER A 84 -11.11 -9.70 -5.94
C SER A 84 -12.17 -8.92 -5.16
N GLY A 85 -11.73 -8.06 -4.26
CA GLY A 85 -12.66 -7.27 -3.47
C GLY A 85 -12.86 -7.85 -2.08
N GLU A 86 -12.25 -7.22 -1.09
CA GLU A 86 -12.36 -7.67 0.29
C GLU A 86 -12.28 -6.49 1.25
N LYS A 87 -13.43 -5.90 1.57
CA LYS A 87 -13.48 -4.77 2.49
C LYS A 87 -13.12 -5.22 3.90
N ILE A 88 -11.90 -4.88 4.32
CA ILE A 88 -11.42 -5.25 5.65
C ILE A 88 -10.53 -4.16 6.25
N PRO A 89 -10.67 -3.91 7.56
CA PRO A 89 -9.86 -2.90 8.26
C PRO A 89 -8.40 -3.31 8.37
N VAL A 90 -7.51 -2.46 7.88
CA VAL A 90 -6.07 -2.74 7.91
C VAL A 90 -5.28 -1.47 8.21
N SER A 91 -4.08 -1.65 8.78
CA SER A 91 -3.22 -0.52 9.10
C SER A 91 -2.23 -0.27 7.99
N VAL A 92 -2.17 0.97 7.51
CA VAL A 92 -1.26 1.34 6.43
C VAL A 92 -0.35 2.49 6.83
N TRP A 93 0.94 2.35 6.55
CA TRP A 93 1.91 3.39 6.85
C TRP A 93 2.94 3.51 5.73
N MET A 94 2.92 4.66 5.06
CA MET A 94 3.83 4.91 3.95
C MET A 94 5.02 5.73 4.41
N LYS A 95 6.22 5.25 4.08
CA LYS A 95 7.45 5.93 4.47
C LYS A 95 8.32 6.24 3.26
N ARG A 96 8.55 7.52 3.03
CA ARG A 96 9.36 7.96 1.89
C ARG A 96 10.85 7.88 2.19
N MET A 97 11.27 6.81 2.86
CA MET A 97 12.68 6.63 3.17
C MET A 97 13.48 6.31 1.91
N ARG A 98 14.73 5.91 2.08
CA ARG A 98 15.58 5.59 0.94
C ARG A 98 16.02 4.13 0.99
N GLN A 99 15.88 3.43 -0.14
CA GLN A 99 16.28 2.04 -0.23
C GLN A 99 17.43 1.87 -1.22
N GLU A 100 17.74 2.94 -1.95
CA GLU A 100 18.82 2.92 -2.92
C GLU A 100 19.42 4.32 -3.11
N ARG A 101 18.83 5.10 -4.01
CA ARG A 101 19.30 6.45 -4.28
C ARG A 101 18.14 7.41 -4.44
N ARG A 102 16.92 6.90 -4.27
CA ARG A 102 15.72 7.72 -4.41
C ARG A 102 14.75 7.44 -3.26
N LEU A 103 14.08 8.49 -2.79
CA LEU A 103 13.13 8.36 -1.70
C LEU A 103 12.00 7.41 -2.10
N CYS A 104 12.13 6.16 -1.68
CA CYS A 104 11.13 5.15 -2.01
C CYS A 104 10.06 5.06 -0.93
N CYS A 105 8.80 5.01 -1.35
CA CYS A 105 7.68 4.92 -0.45
C CYS A 105 7.38 3.45 -0.12
N VAL A 106 7.38 3.12 1.16
CA VAL A 106 7.10 1.75 1.60
C VAL A 106 5.74 1.66 2.28
N VAL A 107 4.94 0.69 1.85
CA VAL A 107 3.62 0.49 2.42
C VAL A 107 3.55 -0.86 3.14
N VAL A 108 3.04 -0.85 4.36
CA VAL A 108 2.94 -2.07 5.14
C VAL A 108 1.54 -2.28 5.68
N LEU A 109 0.82 -3.23 5.10
CA LEU A 109 -0.54 -3.53 5.51
C LEU A 109 -0.57 -4.59 6.61
N GLU A 110 -1.11 -4.24 7.75
CA GLU A 110 -1.19 -5.15 8.89
C GLU A 110 -2.64 -5.35 9.32
N PRO A 111 -3.17 -6.58 9.20
CA PRO A 111 -4.56 -6.89 9.59
C PRO A 111 -4.83 -6.50 11.04
N VAL A 112 -5.91 -5.76 11.26
CA VAL A 112 -6.27 -5.34 12.60
C VAL A 112 -6.81 -6.50 13.43
N GLU A 113 -6.67 -6.39 14.75
CA GLU A 113 -7.15 -7.43 15.65
C GLU A 113 -8.33 -6.94 16.49
N ARG A 114 -9.08 -7.88 17.05
CA ARG A 114 -10.23 -7.53 17.88
C ARG A 114 -10.07 -8.07 19.29
N GLY A 1 6.38 -16.86 15.62
CA GLY A 1 5.06 -17.44 15.26
C GLY A 1 3.91 -16.78 16.01
N ALA A 2 3.89 -15.46 16.00
CA ALA A 2 2.84 -14.70 16.69
C ALA A 2 2.83 -13.25 16.25
N MET A 3 4.03 -12.68 16.09
CA MET A 3 4.15 -11.29 15.67
C MET A 3 4.23 -11.18 14.15
N ASP A 4 4.58 -10.00 13.65
CA ASP A 4 4.68 -9.78 12.21
C ASP A 4 5.96 -9.01 11.88
N PRO A 5 7.14 -9.56 12.24
CA PRO A 5 8.43 -8.93 11.95
C PRO A 5 8.88 -9.17 10.52
N GLU A 6 8.71 -10.40 10.07
CA GLU A 6 9.08 -10.79 8.71
C GLU A 6 8.21 -11.96 8.24
N PHE A 7 7.19 -12.26 9.02
CA PHE A 7 6.27 -13.35 8.70
C PHE A 7 4.90 -12.80 8.33
N ASN A 8 4.43 -13.16 7.14
CA ASN A 8 3.14 -12.70 6.66
C ASN A 8 3.07 -11.18 6.62
N LYS A 9 4.23 -10.54 6.62
CA LYS A 9 4.30 -9.08 6.60
C LYS A 9 4.04 -8.52 5.20
N ALA A 10 3.05 -7.64 5.12
CA ALA A 10 2.69 -7.04 3.84
C ALA A 10 3.64 -5.90 3.50
N ILE A 11 4.67 -6.22 2.70
CA ILE A 11 5.66 -5.23 2.30
C ILE A 11 5.55 -4.89 0.82
N PHE A 12 5.20 -3.64 0.53
CA PHE A 12 5.09 -3.16 -0.84
C PHE A 12 6.10 -2.04 -1.09
N THR A 13 7.13 -2.32 -1.86
CA THR A 13 8.15 -1.31 -2.15
C THR A 13 7.82 -0.52 -3.40
N VAL A 14 7.77 0.80 -3.26
CA VAL A 14 7.46 1.70 -4.36
C VAL A 14 8.30 2.97 -4.27
N ASP A 15 8.17 3.86 -5.26
CA ASP A 15 8.89 5.13 -5.25
C ASP A 15 8.00 6.21 -4.63
N ALA A 16 8.61 7.25 -4.08
CA ALA A 16 7.83 8.32 -3.47
C ALA A 16 7.45 9.39 -4.48
N LYS A 17 8.21 9.47 -5.56
CA LYS A 17 7.94 10.44 -6.60
C LYS A 17 6.66 10.05 -7.35
N THR A 18 6.72 8.94 -8.06
CA THR A 18 5.56 8.49 -8.83
C THR A 18 4.89 7.24 -8.27
N THR A 19 5.52 6.61 -7.28
CA THR A 19 4.99 5.40 -6.66
C THR A 19 5.33 4.17 -7.48
N GLU A 20 4.33 3.42 -7.92
CA GLU A 20 4.56 2.20 -8.71
C GLU A 20 5.32 1.17 -7.90
N ILE A 21 4.64 0.09 -7.54
CA ILE A 21 5.26 -0.97 -6.73
C ILE A 21 6.40 -1.65 -7.50
N LEU A 22 7.63 -1.37 -7.07
CA LEU A 22 8.81 -1.95 -7.69
C LEU A 22 8.80 -3.47 -7.53
N VAL A 23 8.28 -3.94 -6.40
CA VAL A 23 8.20 -5.38 -6.13
C VAL A 23 7.52 -5.66 -4.78
N ALA A 24 7.02 -6.89 -4.63
CA ALA A 24 6.36 -7.30 -3.39
C ALA A 24 6.79 -8.70 -3.01
N ASN A 25 6.60 -9.07 -1.75
CA ASN A 25 7.02 -10.38 -1.28
C ASN A 25 5.87 -11.38 -1.20
N ASP A 26 6.23 -12.62 -0.83
CA ASP A 26 5.28 -13.73 -0.71
C ASP A 26 4.35 -13.55 0.48
N LYS A 27 4.60 -12.52 1.27
CA LYS A 27 3.76 -12.23 2.42
C LYS A 27 2.68 -11.24 2.01
N ALA A 28 3.12 -10.01 1.70
CA ALA A 28 2.21 -8.96 1.24
C ALA A 28 1.26 -9.50 0.17
N CYS A 29 1.83 -10.21 -0.80
CA CYS A 29 1.06 -10.80 -1.88
C CYS A 29 -0.02 -11.70 -1.31
N GLY A 30 0.33 -12.47 -0.29
CA GLY A 30 -0.64 -13.36 0.33
C GLY A 30 -1.82 -12.57 0.88
N LEU A 31 -1.51 -11.41 1.46
CA LEU A 31 -2.53 -10.54 2.02
C LEU A 31 -3.67 -10.36 1.03
N LEU A 32 -3.36 -9.88 -0.17
CA LEU A 32 -4.39 -9.71 -1.20
C LEU A 32 -4.51 -10.95 -2.08
N GLY A 33 -3.51 -11.17 -2.92
CA GLY A 33 -3.52 -12.32 -3.81
C GLY A 33 -2.66 -12.10 -5.03
N TYR A 34 -1.71 -11.19 -4.91
CA TYR A 34 -0.80 -10.87 -6.01
C TYR A 34 0.57 -11.51 -5.78
N SER A 35 1.62 -10.80 -6.20
CA SER A 35 3.00 -11.26 -6.04
C SER A 35 3.96 -10.31 -6.75
N SER A 36 5.25 -10.46 -6.45
CA SER A 36 6.28 -9.61 -7.04
C SER A 36 6.12 -9.51 -8.56
N GLN A 37 5.66 -10.58 -9.18
CA GLN A 37 5.49 -10.62 -10.63
C GLN A 37 4.04 -10.38 -11.06
N ASP A 38 3.12 -10.43 -10.10
CA ASP A 38 1.69 -10.24 -10.40
C ASP A 38 1.17 -8.86 -10.03
N LEU A 39 2.00 -8.06 -9.38
CA LEU A 39 1.58 -6.71 -8.98
C LEU A 39 2.60 -5.64 -9.38
N ILE A 40 3.80 -6.08 -9.78
CA ILE A 40 4.84 -5.15 -10.19
C ILE A 40 4.42 -4.37 -11.44
N GLY A 41 4.78 -3.09 -11.47
CA GLY A 41 4.45 -2.26 -12.62
C GLY A 41 3.29 -1.32 -12.33
N GLN A 42 2.36 -1.77 -11.50
CA GLN A 42 1.20 -0.96 -11.15
C GLN A 42 1.43 -0.22 -9.82
N LYS A 43 0.38 0.37 -9.28
CA LYS A 43 0.46 1.09 -8.02
C LYS A 43 -0.34 0.36 -6.94
N LEU A 44 0.28 0.13 -5.79
CA LEU A 44 -0.36 -0.59 -4.69
C LEU A 44 -1.78 -0.08 -4.43
N THR A 45 -1.97 1.23 -4.47
CA THR A 45 -3.27 1.84 -4.21
C THR A 45 -4.36 1.29 -5.13
N GLN A 46 -3.96 0.62 -6.19
CA GLN A 46 -4.91 0.03 -7.11
C GLN A 46 -5.66 -1.09 -6.42
N PHE A 47 -5.03 -1.64 -5.38
CA PHE A 47 -5.63 -2.74 -4.62
C PHE A 47 -6.08 -2.26 -3.24
N PHE A 48 -6.39 -0.98 -3.13
CA PHE A 48 -6.84 -0.40 -1.87
C PHE A 48 -7.95 0.62 -2.10
N LEU A 49 -8.90 0.65 -1.16
CA LEU A 49 -10.06 1.56 -1.20
C LEU A 49 -10.22 2.29 -2.53
N ARG A 50 -11.01 1.70 -3.43
CA ARG A 50 -11.29 2.30 -4.74
C ARG A 50 -10.01 2.49 -5.55
N SER A 51 -9.88 1.71 -6.61
CA SER A 51 -8.70 1.78 -7.49
C SER A 51 -8.88 2.78 -8.62
N ASP A 52 -10.07 3.38 -8.73
CA ASP A 52 -10.35 4.32 -9.81
C ASP A 52 -9.87 5.74 -9.51
N SER A 53 -10.58 6.44 -8.63
CA SER A 53 -10.23 7.83 -8.30
C SER A 53 -9.32 7.94 -7.07
N ASP A 54 -9.52 7.07 -6.10
CA ASP A 54 -8.74 7.11 -4.86
C ASP A 54 -7.23 6.96 -5.11
N VAL A 55 -6.85 6.39 -6.24
CA VAL A 55 -5.44 6.21 -6.55
C VAL A 55 -4.87 7.43 -7.27
N VAL A 56 -5.75 8.31 -7.71
CA VAL A 56 -5.33 9.51 -8.43
C VAL A 56 -5.13 10.70 -7.50
N GLU A 57 -5.91 10.77 -6.41
CA GLU A 57 -5.80 11.87 -5.47
C GLU A 57 -4.81 11.54 -4.34
N ALA A 58 -4.92 10.32 -3.82
CA ALA A 58 -4.07 9.88 -2.72
C ALA A 58 -2.61 9.75 -3.16
N LEU A 59 -2.37 9.17 -4.33
CA LEU A 59 -1.02 8.98 -4.84
C LEU A 59 -0.32 10.31 -5.11
N SER A 60 -1.04 11.42 -4.89
CA SER A 60 -0.48 12.75 -5.10
C SER A 60 0.49 13.10 -3.97
N GLU A 61 0.74 12.12 -3.10
CA GLU A 61 1.64 12.29 -1.96
C GLU A 61 0.93 13.03 -0.83
N GLU A 62 -0.39 13.09 -0.91
CA GLU A 62 -1.20 13.77 0.10
C GLU A 62 -2.58 13.12 0.18
N HIS A 63 -3.10 13.00 1.40
CA HIS A 63 -4.42 12.41 1.60
C HIS A 63 -5.49 13.49 1.57
N MET A 64 -6.68 13.13 1.08
CA MET A 64 -7.78 14.08 0.99
C MET A 64 -7.38 15.29 0.16
N GLU A 65 -6.26 15.17 -0.56
CA GLU A 65 -5.75 16.25 -1.39
C GLU A 65 -5.41 17.47 -0.55
N ALA A 66 -5.55 17.35 0.76
CA ALA A 66 -5.26 18.45 1.68
C ALA A 66 -5.29 18.00 3.13
N ASP A 67 -6.31 18.42 3.88
CA ASP A 67 -6.44 18.05 5.28
C ASP A 67 -7.83 18.38 5.81
N GLY A 68 -8.77 17.44 5.65
CA GLY A 68 -10.13 17.66 6.11
C GLY A 68 -11.15 17.37 5.03
N HIS A 69 -11.25 16.10 4.65
CA HIS A 69 -12.20 15.68 3.62
C HIS A 69 -12.63 14.23 3.83
N ALA A 70 -13.13 13.60 2.76
CA ALA A 70 -13.57 12.22 2.84
C ALA A 70 -13.58 11.58 1.45
N ALA A 71 -12.40 11.34 0.90
CA ALA A 71 -12.26 10.74 -0.43
C ALA A 71 -11.06 9.80 -0.50
N VAL A 72 -9.86 10.38 -0.47
CA VAL A 72 -8.63 9.61 -0.54
C VAL A 72 -7.97 9.49 0.83
N VAL A 73 -7.83 8.26 1.30
CA VAL A 73 -7.21 8.01 2.60
C VAL A 73 -6.27 6.80 2.57
N PHE A 74 -4.98 7.08 2.47
CA PHE A 74 -3.97 6.02 2.46
C PHE A 74 -2.87 6.34 3.45
N GLY A 75 -1.95 5.41 3.66
CA GLY A 75 -0.88 5.62 4.61
C GLY A 75 -1.40 5.65 6.03
N THR A 76 -2.61 5.14 6.20
CA THR A 76 -3.27 5.09 7.50
C THR A 76 -4.17 3.87 7.59
N VAL A 77 -4.62 3.53 8.79
CA VAL A 77 -5.50 2.38 8.97
C VAL A 77 -6.83 2.65 8.26
N VAL A 78 -6.98 2.10 7.06
CA VAL A 78 -8.19 2.30 6.27
C VAL A 78 -8.77 0.98 5.78
N ASP A 79 -9.92 1.08 5.11
CA ASP A 79 -10.59 -0.09 4.54
C ASP A 79 -10.10 -0.31 3.11
N ILE A 80 -9.36 -1.38 2.89
CA ILE A 80 -8.84 -1.69 1.57
C ILE A 80 -9.67 -2.75 0.86
N ILE A 81 -9.39 -2.95 -0.42
CA ILE A 81 -10.10 -3.94 -1.23
C ILE A 81 -9.11 -4.69 -2.12
N SER A 82 -9.18 -6.01 -2.10
CA SER A 82 -8.28 -6.83 -2.91
C SER A 82 -8.87 -7.12 -4.28
N ARG A 83 -8.06 -7.69 -5.17
CA ARG A 83 -8.49 -8.02 -6.52
C ARG A 83 -9.81 -8.80 -6.54
N SER A 84 -10.11 -9.49 -5.44
CA SER A 84 -11.34 -10.27 -5.35
C SER A 84 -12.44 -9.50 -4.63
N GLY A 85 -12.04 -8.51 -3.84
CA GLY A 85 -13.00 -7.71 -3.11
C GLY A 85 -13.07 -8.09 -1.65
N GLU A 86 -12.38 -7.34 -0.81
CA GLU A 86 -12.36 -7.60 0.62
C GLU A 86 -12.33 -6.30 1.40
N LYS A 87 -13.51 -5.74 1.66
CA LYS A 87 -13.61 -4.48 2.40
C LYS A 87 -13.39 -4.69 3.89
N ILE A 88 -12.14 -4.98 4.26
CA ILE A 88 -11.79 -5.20 5.65
C ILE A 88 -10.84 -4.13 6.16
N PRO A 89 -10.89 -3.80 7.46
CA PRO A 89 -10.03 -2.79 8.06
C PRO A 89 -8.58 -3.22 8.10
N VAL A 90 -7.68 -2.34 7.64
CA VAL A 90 -6.26 -2.64 7.63
C VAL A 90 -5.45 -1.39 7.98
N SER A 91 -4.30 -1.61 8.61
CA SER A 91 -3.41 -0.52 9.01
C SER A 91 -2.36 -0.28 7.95
N VAL A 92 -2.26 0.96 7.47
CA VAL A 92 -1.28 1.29 6.45
C VAL A 92 -0.38 2.43 6.89
N TRP A 93 0.92 2.30 6.59
CA TRP A 93 1.90 3.33 6.93
C TRP A 93 2.94 3.48 5.84
N MET A 94 2.91 4.61 5.16
CA MET A 94 3.85 4.90 4.09
C MET A 94 5.01 5.76 4.59
N LYS A 95 6.22 5.43 4.16
CA LYS A 95 7.40 6.19 4.56
C LYS A 95 8.44 6.20 3.45
N ARG A 96 8.80 7.39 2.98
CA ARG A 96 9.78 7.52 1.92
C ARG A 96 11.19 7.24 2.44
N MET A 97 11.64 6.01 2.22
CA MET A 97 12.97 5.59 2.65
C MET A 97 13.85 5.29 1.44
N ARG A 98 15.07 4.84 1.68
CA ARG A 98 15.99 4.53 0.59
C ARG A 98 16.51 3.09 0.69
N GLN A 99 16.53 2.41 -0.44
CA GLN A 99 17.01 1.03 -0.49
C GLN A 99 17.25 0.60 -1.93
N GLU A 100 17.66 1.55 -2.77
CA GLU A 100 17.91 1.29 -4.17
C GLU A 100 18.87 2.33 -4.74
N ARG A 101 18.35 3.53 -4.96
CA ARG A 101 19.13 4.64 -5.50
C ARG A 101 18.26 5.89 -5.58
N ARG A 102 16.96 5.69 -5.37
CA ARG A 102 16.01 6.80 -5.41
C ARG A 102 15.01 6.68 -4.26
N LEU A 103 14.50 7.82 -3.79
CA LEU A 103 13.53 7.85 -2.70
C LEU A 103 12.40 6.86 -2.97
N CYS A 104 12.40 5.75 -2.25
CA CYS A 104 11.39 4.73 -2.42
C CYS A 104 10.40 4.68 -1.26
N CYS A 105 9.13 4.86 -1.58
CA CYS A 105 8.05 4.83 -0.58
C CYS A 105 7.68 3.38 -0.26
N VAL A 106 7.60 3.05 1.03
CA VAL A 106 7.25 1.70 1.44
C VAL A 106 5.89 1.68 2.15
N VAL A 107 5.09 0.66 1.84
CA VAL A 107 3.78 0.52 2.43
C VAL A 107 3.65 -0.84 3.13
N VAL A 108 3.08 -0.84 4.34
CA VAL A 108 2.90 -2.07 5.09
C VAL A 108 1.47 -2.21 5.58
N LEU A 109 0.79 -3.26 5.12
CA LEU A 109 -0.59 -3.52 5.51
C LEU A 109 -0.66 -4.55 6.63
N GLU A 110 -1.33 -4.18 7.71
CA GLU A 110 -1.48 -5.08 8.85
C GLU A 110 -2.95 -5.24 9.22
N PRO A 111 -3.50 -6.47 9.10
CA PRO A 111 -4.90 -6.74 9.43
C PRO A 111 -5.22 -6.41 10.88
N VAL A 112 -6.34 -5.72 11.09
CA VAL A 112 -6.76 -5.33 12.43
C VAL A 112 -7.16 -6.55 13.25
N GLU A 113 -7.20 -6.39 14.57
CA GLU A 113 -7.56 -7.47 15.47
C GLU A 113 -9.06 -7.79 15.36
N ARG A 114 -9.40 -9.06 15.49
CA ARG A 114 -10.79 -9.49 15.41
C ARG A 114 -10.99 -10.82 16.12
N GLY A 1 7.62 -19.41 8.68
CA GLY A 1 7.04 -19.18 10.03
C GLY A 1 8.06 -18.64 11.02
N ALA A 2 7.64 -17.66 11.81
CA ALA A 2 8.53 -17.05 12.80
C ALA A 2 7.74 -16.26 13.84
N MET A 3 7.08 -15.20 13.39
CA MET A 3 6.28 -14.36 14.28
C MET A 3 5.37 -13.43 13.48
N ASP A 4 5.96 -12.63 12.60
CA ASP A 4 5.21 -11.69 11.77
C ASP A 4 6.06 -11.17 10.62
N PRO A 5 7.29 -10.66 10.89
CA PRO A 5 8.17 -10.12 9.84
C PRO A 5 8.31 -11.09 8.67
N GLU A 6 8.10 -12.36 8.94
CA GLU A 6 8.21 -13.40 7.91
C GLU A 6 6.89 -14.16 7.80
N PHE A 7 6.09 -14.12 8.86
CA PHE A 7 4.80 -14.80 8.88
C PHE A 7 3.86 -14.21 7.83
N ASN A 8 3.44 -12.97 8.05
CA ASN A 8 2.53 -12.30 7.12
C ASN A 8 2.78 -10.80 7.11
N LYS A 9 4.02 -10.41 6.80
CA LYS A 9 4.38 -9.00 6.75
C LYS A 9 4.06 -8.39 5.39
N ALA A 10 3.02 -7.58 5.34
CA ALA A 10 2.61 -6.94 4.11
C ALA A 10 3.55 -5.80 3.74
N ILE A 11 4.57 -6.11 2.93
CA ILE A 11 5.54 -5.11 2.52
C ILE A 11 5.44 -4.79 1.03
N PHE A 12 5.11 -3.55 0.72
CA PHE A 12 5.00 -3.10 -0.66
C PHE A 12 6.04 -2.01 -0.93
N THR A 13 7.06 -2.33 -1.71
CA THR A 13 8.12 -1.37 -2.02
C THR A 13 7.86 -0.64 -3.33
N VAL A 14 7.84 0.69 -3.25
CA VAL A 14 7.61 1.53 -4.41
C VAL A 14 8.48 2.78 -4.35
N ASP A 15 8.44 3.60 -5.40
CA ASP A 15 9.20 4.84 -5.43
C ASP A 15 8.29 6.00 -5.02
N ALA A 16 8.87 7.11 -4.56
CA ALA A 16 8.06 8.24 -4.11
C ALA A 16 7.69 9.20 -5.24
N LYS A 17 8.47 9.21 -6.31
CA LYS A 17 8.17 10.09 -7.42
C LYS A 17 6.86 9.68 -8.10
N THR A 18 6.88 8.50 -8.71
CA THR A 18 5.69 8.01 -9.42
C THR A 18 5.04 6.81 -8.77
N THR A 19 5.63 6.32 -7.68
CA THR A 19 5.10 5.15 -6.97
C THR A 19 5.50 3.87 -7.68
N GLU A 20 4.51 3.16 -8.26
CA GLU A 20 4.79 1.91 -8.97
C GLU A 20 5.54 0.92 -8.08
N ILE A 21 4.82 -0.06 -7.56
CA ILE A 21 5.42 -1.06 -6.68
C ILE A 21 6.59 -1.78 -7.35
N LEU A 22 7.81 -1.41 -6.96
CA LEU A 22 9.01 -2.01 -7.51
C LEU A 22 9.01 -3.52 -7.31
N VAL A 23 8.45 -3.97 -6.18
CA VAL A 23 8.38 -5.40 -5.87
C VAL A 23 7.66 -5.65 -4.54
N ALA A 24 7.16 -6.87 -4.38
CA ALA A 24 6.46 -7.25 -3.15
C ALA A 24 6.88 -8.66 -2.72
N ASN A 25 6.60 -9.01 -1.47
CA ASN A 25 6.98 -10.32 -0.95
C ASN A 25 5.82 -11.31 -0.89
N ASP A 26 6.16 -12.52 -0.43
CA ASP A 26 5.20 -13.62 -0.31
C ASP A 26 4.23 -13.42 0.85
N LYS A 27 4.45 -12.37 1.63
CA LYS A 27 3.56 -12.08 2.74
C LYS A 27 2.48 -11.10 2.29
N ALA A 28 2.89 -9.87 1.99
CA ALA A 28 1.97 -8.85 1.50
C ALA A 28 1.05 -9.42 0.43
N CYS A 29 1.67 -10.07 -0.55
CA CYS A 29 0.95 -10.67 -1.66
C CYS A 29 -0.09 -11.66 -1.15
N GLY A 30 0.28 -12.41 -0.12
CA GLY A 30 -0.64 -13.36 0.47
C GLY A 30 -1.89 -12.68 0.98
N LEU A 31 -1.70 -11.52 1.59
CA LEU A 31 -2.81 -10.73 2.13
C LEU A 31 -3.90 -10.56 1.09
N LEU A 32 -3.56 -9.92 -0.02
CA LEU A 32 -4.54 -9.72 -1.10
C LEU A 32 -4.61 -10.95 -1.99
N GLY A 33 -3.60 -11.12 -2.84
CA GLY A 33 -3.56 -12.27 -3.74
C GLY A 33 -2.66 -12.02 -4.94
N TYR A 34 -1.71 -11.11 -4.78
CA TYR A 34 -0.78 -10.78 -5.84
C TYR A 34 0.58 -11.41 -5.59
N SER A 35 1.64 -10.71 -6.00
CA SER A 35 3.02 -11.16 -5.81
C SER A 35 3.98 -10.23 -6.54
N SER A 36 5.27 -10.36 -6.24
CA SER A 36 6.28 -9.54 -6.86
C SER A 36 6.16 -9.53 -8.39
N GLN A 37 5.70 -10.64 -8.95
CA GLN A 37 5.56 -10.76 -10.40
C GLN A 37 4.11 -10.54 -10.86
N ASP A 38 3.19 -10.37 -9.92
CA ASP A 38 1.78 -10.18 -10.27
C ASP A 38 1.28 -8.78 -9.92
N LEU A 39 2.09 -7.99 -9.21
CA LEU A 39 1.67 -6.64 -8.82
C LEU A 39 2.69 -5.60 -9.26
N ILE A 40 3.89 -6.05 -9.64
CA ILE A 40 4.93 -5.14 -10.08
C ILE A 40 4.51 -4.40 -11.35
N GLY A 41 4.89 -3.13 -11.44
CA GLY A 41 4.54 -2.34 -12.60
C GLY A 41 3.39 -1.38 -12.32
N GLN A 42 2.42 -1.82 -11.53
CA GLN A 42 1.28 -1.00 -11.18
C GLN A 42 1.51 -0.28 -9.86
N LYS A 43 0.44 0.30 -9.31
CA LYS A 43 0.53 1.01 -8.04
C LYS A 43 -0.28 0.29 -6.97
N LEU A 44 0.34 0.08 -5.81
CA LEU A 44 -0.31 -0.63 -4.71
C LEU A 44 -1.74 -0.14 -4.48
N THR A 45 -1.93 1.17 -4.50
CA THR A 45 -3.24 1.77 -4.26
C THR A 45 -4.31 1.20 -5.17
N GLN A 46 -3.90 0.48 -6.21
CA GLN A 46 -4.84 -0.13 -7.13
C GLN A 46 -5.62 -1.22 -6.43
N PHE A 47 -5.04 -1.74 -5.34
CA PHE A 47 -5.67 -2.80 -4.57
C PHE A 47 -6.04 -2.33 -3.18
N PHE A 48 -6.55 -1.10 -3.09
CA PHE A 48 -6.96 -0.53 -1.82
C PHE A 48 -8.19 0.35 -2.00
N LEU A 49 -8.82 0.71 -0.88
CA LEU A 49 -10.03 1.54 -0.86
C LEU A 49 -10.21 2.34 -2.16
N ARG A 50 -11.02 1.81 -3.07
CA ARG A 50 -11.29 2.47 -4.35
C ARG A 50 -10.00 2.64 -5.17
N SER A 51 -9.88 1.83 -6.22
CA SER A 51 -8.71 1.88 -7.09
C SER A 51 -8.88 2.90 -8.21
N ASP A 52 -10.05 3.51 -8.29
CA ASP A 52 -10.34 4.48 -9.35
C ASP A 52 -9.83 5.88 -9.01
N SER A 53 -10.48 6.55 -8.06
CA SER A 53 -10.10 7.91 -7.69
C SER A 53 -9.12 7.96 -6.52
N ASP A 54 -9.39 7.20 -5.48
CA ASP A 54 -8.54 7.20 -4.29
C ASP A 54 -7.06 6.96 -4.61
N VAL A 55 -6.76 6.49 -5.82
CA VAL A 55 -5.38 6.25 -6.19
C VAL A 55 -4.78 7.45 -6.91
N VAL A 56 -5.63 8.28 -7.49
CA VAL A 56 -5.17 9.47 -8.19
C VAL A 56 -4.93 10.61 -7.22
N GLU A 57 -5.63 10.58 -6.08
CA GLU A 57 -5.48 11.61 -5.05
C GLU A 57 -4.38 11.23 -4.07
N ALA A 58 -4.33 9.94 -3.73
CA ALA A 58 -3.33 9.43 -2.80
C ALA A 58 -1.90 9.70 -3.28
N LEU A 59 -1.64 9.36 -4.54
CA LEU A 59 -0.31 9.57 -5.11
C LEU A 59 -0.15 10.99 -5.63
N SER A 60 -1.22 11.77 -5.56
CA SER A 60 -1.19 13.15 -6.03
C SER A 60 -0.24 13.99 -5.19
N GLU A 61 -0.04 13.57 -3.96
CA GLU A 61 0.86 14.28 -3.04
C GLU A 61 1.36 13.33 -1.97
N GLU A 62 1.11 12.04 -2.18
CA GLU A 62 1.54 10.99 -1.25
C GLU A 62 1.00 11.23 0.15
N HIS A 63 -0.16 11.84 0.23
CA HIS A 63 -0.82 12.11 1.51
C HIS A 63 -2.19 12.74 1.30
N MET A 64 -2.57 13.67 2.17
CA MET A 64 -3.88 14.33 2.08
C MET A 64 -3.86 15.44 1.02
N GLU A 65 -3.05 15.26 -0.02
CA GLU A 65 -2.94 16.23 -1.10
C GLU A 65 -2.45 17.58 -0.58
N ALA A 66 -2.14 17.63 0.71
CA ALA A 66 -1.67 18.86 1.33
C ALA A 66 -1.05 18.58 2.70
N ASP A 67 -1.84 18.73 3.76
CA ASP A 67 -1.36 18.50 5.12
C ASP A 67 -2.50 18.56 6.12
N GLY A 68 -3.61 17.91 5.80
CA GLY A 68 -4.76 17.91 6.69
C GLY A 68 -6.08 18.01 5.94
N HIS A 69 -6.47 16.93 5.28
CA HIS A 69 -7.71 16.91 4.52
C HIS A 69 -8.52 15.65 4.85
N ALA A 70 -9.59 15.44 4.09
CA ALA A 70 -10.45 14.27 4.31
C ALA A 70 -10.95 13.70 2.98
N ALA A 71 -10.07 13.71 1.98
CA ALA A 71 -10.41 13.19 0.66
C ALA A 71 -9.57 11.97 0.31
N VAL A 72 -8.36 11.91 0.87
CA VAL A 72 -7.46 10.80 0.62
C VAL A 72 -6.84 10.30 1.93
N VAL A 73 -7.04 9.01 2.20
CA VAL A 73 -6.49 8.40 3.41
C VAL A 73 -5.93 7.01 3.13
N PHE A 74 -4.61 6.93 2.98
CA PHE A 74 -3.95 5.65 2.72
C PHE A 74 -2.88 5.37 3.77
N GLY A 75 -2.17 6.41 4.19
CA GLY A 75 -1.12 6.25 5.19
C GLY A 75 -1.68 6.09 6.59
N THR A 76 -2.85 5.47 6.68
CA THR A 76 -3.52 5.24 7.96
C THR A 76 -4.33 3.94 7.93
N VAL A 77 -4.77 3.48 9.09
CA VAL A 77 -5.57 2.26 9.15
C VAL A 77 -6.91 2.49 8.44
N VAL A 78 -7.00 2.02 7.20
CA VAL A 78 -8.20 2.20 6.41
C VAL A 78 -8.78 0.89 5.90
N ASP A 79 -10.00 0.96 5.38
CA ASP A 79 -10.67 -0.21 4.82
C ASP A 79 -10.21 -0.40 3.39
N ILE A 80 -9.42 -1.45 3.16
CA ILE A 80 -8.89 -1.72 1.83
C ILE A 80 -9.70 -2.79 1.11
N ILE A 81 -9.43 -2.94 -0.18
CA ILE A 81 -10.13 -3.91 -1.01
C ILE A 81 -9.13 -4.68 -1.88
N SER A 82 -9.28 -6.01 -1.90
CA SER A 82 -8.38 -6.84 -2.70
C SER A 82 -8.93 -7.02 -4.11
N ARG A 83 -8.07 -7.51 -5.00
CA ARG A 83 -8.44 -7.74 -6.40
C ARG A 83 -9.77 -8.49 -6.53
N SER A 84 -10.11 -9.29 -5.51
CA SER A 84 -11.33 -10.07 -5.55
C SER A 84 -12.48 -9.35 -4.85
N GLY A 85 -12.12 -8.38 -4.01
CA GLY A 85 -13.13 -7.63 -3.27
C GLY A 85 -13.49 -8.28 -1.97
N GLU A 86 -13.05 -7.68 -0.87
CA GLU A 86 -13.32 -8.23 0.45
C GLU A 86 -13.57 -7.13 1.46
N LYS A 87 -13.24 -5.89 1.08
CA LYS A 87 -13.42 -4.73 1.96
C LYS A 87 -13.00 -5.07 3.39
N ILE A 88 -11.71 -5.30 3.58
CA ILE A 88 -11.17 -5.65 4.88
C ILE A 88 -10.33 -4.50 5.46
N PRO A 89 -10.64 -4.04 6.68
CA PRO A 89 -9.90 -2.96 7.33
C PRO A 89 -8.51 -3.41 7.76
N VAL A 90 -7.52 -2.56 7.50
CA VAL A 90 -6.14 -2.86 7.86
C VAL A 90 -5.38 -1.57 8.19
N SER A 91 -4.12 -1.72 8.57
CA SER A 91 -3.29 -0.58 8.91
C SER A 91 -2.24 -0.34 7.82
N VAL A 92 -2.23 0.88 7.28
CA VAL A 92 -1.28 1.21 6.22
C VAL A 92 -0.44 2.42 6.61
N TRP A 93 0.87 2.33 6.34
CA TRP A 93 1.78 3.43 6.64
C TRP A 93 2.85 3.56 5.57
N MET A 94 2.80 4.67 4.85
CA MET A 94 3.76 4.94 3.78
C MET A 94 4.87 5.86 4.29
N LYS A 95 6.11 5.55 3.91
CA LYS A 95 7.26 6.34 4.32
C LYS A 95 8.34 6.36 3.25
N ARG A 96 8.68 7.56 2.79
CA ARG A 96 9.69 7.73 1.75
C ARG A 96 11.10 7.49 2.32
N MET A 97 11.63 6.30 2.07
CA MET A 97 12.96 5.95 2.53
C MET A 97 13.84 5.54 1.36
N ARG A 98 15.14 5.51 1.56
CA ARG A 98 16.08 5.15 0.50
C ARG A 98 16.32 3.64 0.49
N GLN A 99 15.73 2.96 -0.48
CA GLN A 99 15.89 1.52 -0.62
C GLN A 99 17.16 1.19 -1.40
N GLU A 100 17.64 2.16 -2.19
CA GLU A 100 18.84 1.99 -2.98
C GLU A 100 19.55 3.32 -3.19
N ARG A 101 19.11 4.07 -4.19
CA ARG A 101 19.70 5.37 -4.49
C ARG A 101 18.62 6.40 -4.79
N ARG A 102 17.36 5.96 -4.74
CA ARG A 102 16.23 6.84 -5.02
C ARG A 102 15.21 6.77 -3.89
N LEU A 103 14.62 7.90 -3.55
CA LEU A 103 13.61 7.96 -2.49
C LEU A 103 12.47 7.00 -2.80
N CYS A 104 12.54 5.80 -2.21
CA CYS A 104 11.52 4.79 -2.43
C CYS A 104 10.46 4.82 -1.35
N CYS A 105 9.20 4.93 -1.76
CA CYS A 105 8.08 4.94 -0.84
C CYS A 105 7.73 3.52 -0.42
N VAL A 106 7.70 3.27 0.89
CA VAL A 106 7.38 1.94 1.40
C VAL A 106 6.03 1.93 2.10
N VAL A 107 5.20 0.96 1.74
CA VAL A 107 3.88 0.81 2.32
C VAL A 107 3.76 -0.55 3.01
N VAL A 108 3.51 -0.54 4.32
CA VAL A 108 3.38 -1.77 5.08
C VAL A 108 1.97 -1.93 5.63
N LEU A 109 1.26 -2.91 5.10
CA LEU A 109 -0.11 -3.18 5.52
C LEU A 109 -0.14 -4.17 6.69
N GLU A 110 -1.22 -4.13 7.45
CA GLU A 110 -1.38 -5.01 8.60
C GLU A 110 -2.85 -5.33 8.85
N PRO A 111 -3.24 -6.60 8.69
CA PRO A 111 -4.62 -7.03 8.90
C PRO A 111 -5.07 -6.78 10.34
N VAL A 112 -6.23 -6.13 10.50
CA VAL A 112 -6.75 -5.83 11.83
C VAL A 112 -7.18 -7.11 12.55
N GLU A 113 -7.11 -7.09 13.87
CA GLU A 113 -7.50 -8.25 14.68
C GLU A 113 -8.63 -7.90 15.64
N ARG A 114 -9.34 -6.82 15.34
CA ARG A 114 -10.44 -6.37 16.19
C ARG A 114 -11.78 -6.77 15.59
N GLY A 1 12.81 -17.94 12.15
CA GLY A 1 11.83 -17.91 11.03
C GLY A 1 10.40 -18.04 11.51
N ALA A 2 9.71 -16.91 11.65
CA ALA A 2 8.33 -16.89 12.10
C ALA A 2 7.37 -16.69 10.93
N MET A 3 6.12 -16.37 11.24
CA MET A 3 5.10 -16.14 10.22
C MET A 3 5.09 -14.68 9.79
N ASP A 4 6.14 -13.94 10.14
CA ASP A 4 6.25 -12.53 9.79
C ASP A 4 5.05 -11.74 10.32
N PRO A 5 5.04 -11.43 11.63
CA PRO A 5 3.94 -10.68 12.25
C PRO A 5 4.05 -9.19 11.95
N GLU A 6 5.28 -8.68 11.94
CA GLU A 6 5.54 -7.28 11.67
C GLU A 6 6.92 -7.10 11.06
N PHE A 7 7.65 -8.20 10.95
CA PHE A 7 9.00 -8.18 10.39
C PHE A 7 8.97 -7.85 8.90
N ASN A 8 8.62 -8.84 8.07
CA ASN A 8 8.57 -8.64 6.64
C ASN A 8 7.32 -9.30 6.04
N LYS A 9 6.15 -8.87 6.49
CA LYS A 9 4.88 -9.42 6.01
C LYS A 9 4.36 -8.60 4.82
N ALA A 10 3.25 -7.90 5.01
CA ALA A 10 2.68 -7.11 3.94
C ALA A 10 3.54 -5.87 3.64
N ILE A 11 4.53 -6.05 2.78
CA ILE A 11 5.43 -4.95 2.42
C ILE A 11 5.38 -4.67 0.92
N PHE A 12 5.05 -3.44 0.55
CA PHE A 12 4.99 -3.04 -0.84
C PHE A 12 6.02 -1.93 -1.10
N THR A 13 7.07 -2.26 -1.84
CA THR A 13 8.12 -1.29 -2.14
C THR A 13 7.80 -0.54 -3.42
N VAL A 14 7.73 0.79 -3.32
CA VAL A 14 7.44 1.65 -4.46
C VAL A 14 8.28 2.92 -4.44
N ASP A 15 8.15 3.72 -5.48
CA ASP A 15 8.87 4.99 -5.58
C ASP A 15 8.01 6.13 -5.03
N ALA A 16 8.62 7.19 -4.56
CA ALA A 16 7.86 8.31 -4.00
C ALA A 16 7.48 9.33 -5.05
N LYS A 17 8.21 9.35 -6.16
CA LYS A 17 7.90 10.28 -7.24
C LYS A 17 6.59 9.91 -7.90
N THR A 18 6.59 8.75 -8.58
CA THR A 18 5.40 8.30 -9.28
C THR A 18 4.77 7.05 -8.68
N THR A 19 5.43 6.48 -7.67
CA THR A 19 4.95 5.27 -7.01
C THR A 19 5.41 4.02 -7.77
N GLU A 20 4.46 3.29 -8.36
CA GLU A 20 4.79 2.08 -9.11
C GLU A 20 5.53 1.09 -8.22
N ILE A 21 4.80 0.12 -7.69
CA ILE A 21 5.38 -0.89 -6.80
C ILE A 21 6.55 -1.61 -7.47
N LEU A 22 7.77 -1.24 -7.06
CA LEU A 22 8.97 -1.84 -7.60
C LEU A 22 8.95 -3.36 -7.45
N VAL A 23 8.44 -3.83 -6.31
CA VAL A 23 8.35 -5.26 -6.04
C VAL A 23 7.68 -5.52 -4.69
N ALA A 24 7.21 -6.76 -4.50
CA ALA A 24 6.55 -7.16 -3.27
C ALA A 24 6.96 -8.58 -2.88
N ASN A 25 6.77 -8.93 -1.61
CA ASN A 25 7.14 -10.25 -1.14
C ASN A 25 5.97 -11.24 -1.11
N ASP A 26 6.32 -12.49 -0.79
CA ASP A 26 5.35 -13.58 -0.73
C ASP A 26 4.39 -13.43 0.45
N LYS A 27 4.63 -12.43 1.28
CA LYS A 27 3.75 -12.17 2.42
C LYS A 27 2.70 -11.15 2.01
N ALA A 28 3.16 -9.96 1.63
CA ALA A 28 2.27 -8.90 1.17
C ALA A 28 1.34 -9.43 0.10
N CYS A 29 1.92 -10.18 -0.82
CA CYS A 29 1.17 -10.78 -1.91
C CYS A 29 0.08 -11.69 -1.35
N GLY A 30 0.43 -12.41 -0.30
CA GLY A 30 -0.52 -13.30 0.35
C GLY A 30 -1.70 -12.51 0.90
N LEU A 31 -1.40 -11.34 1.44
CA LEU A 31 -2.42 -10.46 2.00
C LEU A 31 -3.56 -10.29 0.99
N LEU A 32 -3.23 -9.84 -0.21
CA LEU A 32 -4.25 -9.67 -1.25
C LEU A 32 -4.35 -10.92 -2.13
N GLY A 33 -3.37 -11.12 -2.98
CA GLY A 33 -3.36 -12.27 -3.88
C GLY A 33 -2.47 -12.05 -5.08
N TYR A 34 -1.52 -11.13 -4.95
CA TYR A 34 -0.60 -10.80 -6.02
C TYR A 34 0.76 -11.45 -5.78
N SER A 35 1.83 -10.74 -6.15
CA SER A 35 3.20 -11.22 -5.94
C SER A 35 4.19 -10.24 -6.58
N SER A 36 5.47 -10.45 -6.29
CA SER A 36 6.52 -9.59 -6.83
C SER A 36 6.33 -9.29 -8.31
N GLN A 37 5.87 -10.29 -9.06
CA GLN A 37 5.67 -10.13 -10.50
C GLN A 37 4.20 -9.89 -10.85
N ASP A 38 3.29 -10.25 -9.95
CA ASP A 38 1.85 -10.09 -10.20
C ASP A 38 1.36 -8.68 -9.91
N LEU A 39 2.10 -7.92 -9.10
CA LEU A 39 1.67 -6.57 -8.76
C LEU A 39 2.67 -5.52 -9.26
N ILE A 40 3.87 -5.95 -9.63
CA ILE A 40 4.89 -5.04 -10.12
C ILE A 40 4.43 -4.33 -11.39
N GLY A 41 4.76 -3.05 -11.51
CA GLY A 41 4.37 -2.28 -12.68
C GLY A 41 3.24 -1.31 -12.38
N GLN A 42 2.33 -1.72 -11.51
CA GLN A 42 1.18 -0.88 -11.14
C GLN A 42 1.46 -0.18 -9.81
N LYS A 43 0.42 0.40 -9.23
CA LYS A 43 0.55 1.09 -7.94
C LYS A 43 -0.27 0.37 -6.87
N LEU A 44 0.35 0.14 -5.71
CA LEU A 44 -0.31 -0.55 -4.62
C LEU A 44 -1.75 -0.07 -4.40
N THR A 45 -1.94 1.23 -4.47
CA THR A 45 -3.27 1.84 -4.25
C THR A 45 -4.35 1.22 -5.13
N GLN A 46 -3.94 0.55 -6.19
CA GLN A 46 -4.89 -0.10 -7.09
C GLN A 46 -5.63 -1.19 -6.34
N PHE A 47 -4.98 -1.72 -5.30
CA PHE A 47 -5.55 -2.79 -4.51
C PHE A 47 -5.93 -2.29 -3.11
N PHE A 48 -6.31 -1.02 -3.02
CA PHE A 48 -6.71 -0.43 -1.75
C PHE A 48 -7.81 0.61 -1.95
N LEU A 49 -8.77 0.60 -1.02
CA LEU A 49 -9.92 1.52 -1.02
C LEU A 49 -10.16 2.21 -2.36
N ARG A 50 -10.94 1.58 -3.23
CA ARG A 50 -11.28 2.13 -4.53
C ARG A 50 -10.04 2.45 -5.35
N SER A 51 -9.84 1.69 -6.43
CA SER A 51 -8.70 1.89 -7.32
C SER A 51 -9.00 2.90 -8.42
N ASP A 52 -10.25 3.37 -8.49
CA ASP A 52 -10.64 4.31 -9.53
C ASP A 52 -10.16 5.74 -9.25
N SER A 53 -10.77 6.40 -8.28
CA SER A 53 -10.40 7.78 -7.95
C SER A 53 -9.38 7.87 -6.82
N ASP A 54 -9.60 7.12 -5.75
CA ASP A 54 -8.71 7.15 -4.59
C ASP A 54 -7.26 6.89 -4.96
N VAL A 55 -7.01 6.38 -6.17
CA VAL A 55 -5.65 6.11 -6.61
C VAL A 55 -5.02 7.33 -7.25
N VAL A 56 -5.85 8.16 -7.89
CA VAL A 56 -5.37 9.36 -8.54
C VAL A 56 -5.10 10.49 -7.54
N GLU A 57 -5.79 10.45 -6.41
CA GLU A 57 -5.64 11.47 -5.38
C GLU A 57 -4.57 11.10 -4.37
N ALA A 58 -4.58 9.85 -3.91
CA ALA A 58 -3.62 9.38 -2.92
C ALA A 58 -2.18 9.48 -3.43
N LEU A 59 -2.00 9.25 -4.72
CA LEU A 59 -0.67 9.31 -5.32
C LEU A 59 -0.28 10.74 -5.67
N SER A 60 -1.22 11.67 -5.47
CA SER A 60 -0.98 13.08 -5.75
C SER A 60 -0.20 13.73 -4.62
N GLU A 61 -0.29 15.05 -4.50
CA GLU A 61 0.42 15.78 -3.45
C GLU A 61 0.05 15.22 -2.07
N GLU A 62 -1.09 14.53 -2.01
CA GLU A 62 -1.57 13.92 -0.77
C GLU A 62 -2.01 14.97 0.24
N HIS A 63 -3.31 14.97 0.52
CA HIS A 63 -3.93 15.89 1.46
C HIS A 63 -5.45 15.74 1.42
N MET A 64 -6.15 16.84 1.21
CA MET A 64 -7.60 16.82 1.12
C MET A 64 -8.05 16.92 -0.33
N GLU A 65 -7.08 16.70 -1.23
CA GLU A 65 -7.33 16.77 -2.67
C GLU A 65 -7.50 18.22 -3.12
N ALA A 66 -8.20 19.00 -2.31
CA ALA A 66 -8.44 20.40 -2.60
C ALA A 66 -9.12 21.10 -1.42
N ASP A 67 -8.90 20.57 -0.22
CA ASP A 67 -9.47 21.12 0.99
C ASP A 67 -10.99 20.97 1.01
N GLY A 68 -11.51 20.47 2.13
CA GLY A 68 -12.95 20.28 2.26
C GLY A 68 -13.47 19.19 1.33
N HIS A 69 -12.73 18.10 1.22
CA HIS A 69 -13.12 16.98 0.38
C HIS A 69 -13.04 15.66 1.13
N ALA A 70 -11.84 15.33 1.60
CA ALA A 70 -11.62 14.10 2.34
C ALA A 70 -11.96 12.86 1.51
N ALA A 71 -11.55 12.89 0.24
CA ALA A 71 -11.81 11.77 -0.66
C ALA A 71 -10.58 10.87 -0.79
N VAL A 72 -9.42 11.43 -0.45
CA VAL A 72 -8.16 10.69 -0.51
C VAL A 72 -7.75 10.21 0.87
N VAL A 73 -7.68 8.88 1.04
CA VAL A 73 -7.31 8.31 2.33
C VAL A 73 -6.35 7.12 2.17
N PHE A 74 -5.08 7.35 2.51
CA PHE A 74 -4.06 6.31 2.43
C PHE A 74 -2.92 6.63 3.39
N GLY A 75 -2.19 5.61 3.82
CA GLY A 75 -1.10 5.81 4.74
C GLY A 75 -1.59 5.79 6.17
N THR A 76 -2.80 5.26 6.35
CA THR A 76 -3.43 5.18 7.66
C THR A 76 -4.32 3.93 7.71
N VAL A 77 -4.76 3.56 8.91
CA VAL A 77 -5.61 2.39 9.06
C VAL A 77 -6.94 2.63 8.35
N VAL A 78 -7.06 2.10 7.14
CA VAL A 78 -8.26 2.29 6.33
C VAL A 78 -8.82 0.97 5.82
N ASP A 79 -9.93 1.04 5.11
CA ASP A 79 -10.56 -0.13 4.53
C ASP A 79 -10.01 -0.38 3.13
N ILE A 80 -9.27 -1.47 2.98
CA ILE A 80 -8.66 -1.81 1.70
C ILE A 80 -9.46 -2.89 0.99
N ILE A 81 -9.18 -3.07 -0.30
CA ILE A 81 -9.87 -4.07 -1.10
C ILE A 81 -8.89 -4.78 -2.04
N SER A 82 -9.00 -6.10 -2.13
CA SER A 82 -8.12 -6.87 -2.99
C SER A 82 -8.68 -6.95 -4.41
N ARG A 83 -7.85 -7.38 -5.34
CA ARG A 83 -8.25 -7.49 -6.75
C ARG A 83 -9.62 -8.15 -6.91
N SER A 84 -9.92 -9.15 -6.08
CA SER A 84 -11.18 -9.86 -6.16
C SER A 84 -12.26 -9.18 -5.33
N GLY A 85 -11.84 -8.30 -4.42
CA GLY A 85 -12.78 -7.60 -3.58
C GLY A 85 -12.79 -8.13 -2.17
N GLU A 86 -12.06 -7.46 -1.28
CA GLU A 86 -11.98 -7.89 0.12
C GLU A 86 -12.15 -6.69 1.06
N LYS A 87 -13.39 -6.44 1.47
CA LYS A 87 -13.69 -5.33 2.37
C LYS A 87 -13.30 -5.68 3.80
N ILE A 88 -12.12 -5.22 4.21
CA ILE A 88 -11.63 -5.48 5.56
C ILE A 88 -10.76 -4.34 6.08
N PRO A 89 -10.96 -3.92 7.34
CA PRO A 89 -10.18 -2.85 7.95
C PRO A 89 -8.72 -3.25 8.16
N VAL A 90 -7.80 -2.44 7.65
CA VAL A 90 -6.38 -2.72 7.77
C VAL A 90 -5.58 -1.46 8.08
N SER A 91 -4.43 -1.64 8.71
CA SER A 91 -3.56 -0.53 9.07
C SER A 91 -2.50 -0.33 7.99
N VAL A 92 -2.41 0.89 7.47
CA VAL A 92 -1.43 1.19 6.42
C VAL A 92 -0.56 2.39 6.79
N TRP A 93 0.72 2.30 6.47
CA TRP A 93 1.65 3.38 6.75
C TRP A 93 2.70 3.51 5.65
N MET A 94 2.57 4.57 4.85
CA MET A 94 3.50 4.81 3.76
C MET A 94 4.54 5.84 4.17
N LYS A 95 5.80 5.55 3.90
CA LYS A 95 6.89 6.45 4.25
C LYS A 95 7.98 6.42 3.19
N ARG A 96 8.39 7.60 2.71
CA ARG A 96 9.41 7.70 1.69
C ARG A 96 10.81 7.56 2.28
N MET A 97 11.28 6.33 2.39
CA MET A 97 12.60 6.05 2.93
C MET A 97 13.58 5.80 1.79
N ARG A 98 14.79 5.34 2.12
CA ARG A 98 15.80 5.08 1.09
C ARG A 98 16.10 3.58 1.01
N GLN A 99 15.98 3.02 -0.20
CA GLN A 99 16.24 1.60 -0.40
C GLN A 99 17.36 1.41 -1.42
N GLU A 100 17.51 2.36 -2.34
CA GLU A 100 18.55 2.29 -3.37
C GLU A 100 19.31 3.59 -3.48
N ARG A 101 18.86 4.48 -4.35
CA ARG A 101 19.51 5.77 -4.55
C ARG A 101 18.46 6.90 -4.60
N ARG A 102 17.20 6.51 -4.51
CA ARG A 102 16.10 7.47 -4.55
C ARG A 102 15.11 7.20 -3.42
N LEU A 103 14.44 8.25 -2.96
CA LEU A 103 13.46 8.13 -1.89
C LEU A 103 12.38 7.12 -2.28
N CYS A 104 12.55 5.88 -1.86
CA CYS A 104 11.59 4.83 -2.16
C CYS A 104 10.46 4.79 -1.13
N CYS A 105 9.24 4.89 -1.63
CA CYS A 105 8.06 4.87 -0.78
C CYS A 105 7.70 3.44 -0.39
N VAL A 106 7.63 3.17 0.92
CA VAL A 106 7.31 1.83 1.40
C VAL A 106 5.96 1.83 2.12
N VAL A 107 5.17 0.78 1.88
CA VAL A 107 3.85 0.65 2.50
C VAL A 107 3.73 -0.70 3.22
N VAL A 108 3.08 -0.69 4.38
CA VAL A 108 2.90 -1.92 5.15
C VAL A 108 1.45 -2.08 5.61
N LEU A 109 0.84 -3.20 5.26
CA LEU A 109 -0.54 -3.47 5.63
C LEU A 109 -0.64 -4.51 6.75
N GLU A 110 -1.26 -4.12 7.85
CA GLU A 110 -1.42 -5.01 8.99
C GLU A 110 -2.90 -5.18 9.34
N PRO A 111 -3.44 -6.41 9.21
CA PRO A 111 -4.84 -6.69 9.52
C PRO A 111 -5.19 -6.35 10.96
N VAL A 112 -6.33 -5.70 11.16
CA VAL A 112 -6.77 -5.32 12.49
C VAL A 112 -7.21 -6.54 13.30
N GLU A 113 -7.14 -6.45 14.61
CA GLU A 113 -7.53 -7.53 15.49
C GLU A 113 -8.92 -7.29 16.08
N ARG A 114 -9.76 -8.31 16.04
CA ARG A 114 -11.12 -8.21 16.57
C ARG A 114 -11.31 -9.12 17.78
N GLY A 1 0.65 -17.04 14.56
CA GLY A 1 1.01 -17.06 16.00
C GLY A 1 0.70 -15.75 16.71
N ALA A 2 1.43 -14.70 16.34
CA ALA A 2 1.22 -13.39 16.94
C ALA A 2 1.75 -12.28 16.04
N MET A 3 3.08 -12.17 15.99
CA MET A 3 3.72 -11.16 15.15
C MET A 3 4.03 -11.71 13.77
N ASP A 4 4.32 -10.80 12.83
CA ASP A 4 4.64 -11.21 11.47
C ASP A 4 5.92 -10.55 10.99
N PRO A 5 7.08 -10.87 11.62
CA PRO A 5 8.37 -10.31 11.24
C PRO A 5 8.77 -10.69 9.82
N GLU A 6 8.52 -11.95 9.47
CA GLU A 6 8.84 -12.47 8.15
C GLU A 6 7.89 -13.60 7.77
N PHE A 7 6.86 -13.79 8.58
CA PHE A 7 5.87 -14.84 8.33
C PHE A 7 4.75 -14.34 7.42
N ASN A 8 4.25 -13.13 7.71
CA ASN A 8 3.19 -12.53 6.91
C ASN A 8 3.28 -11.01 6.93
N LYS A 9 4.48 -10.49 6.68
CA LYS A 9 4.71 -9.05 6.69
C LYS A 9 4.37 -8.43 5.33
N ALA A 10 3.36 -7.56 5.32
CA ALA A 10 2.95 -6.91 4.10
C ALA A 10 3.90 -5.79 3.71
N ILE A 11 4.93 -6.13 2.93
CA ILE A 11 5.92 -5.15 2.50
C ILE A 11 5.74 -4.79 1.03
N PHE A 12 5.37 -3.54 0.78
CA PHE A 12 5.19 -3.06 -0.59
C PHE A 12 6.20 -1.96 -0.89
N THR A 13 7.18 -2.26 -1.75
CA THR A 13 8.20 -1.29 -2.09
C THR A 13 7.90 -0.58 -3.41
N VAL A 14 7.76 0.74 -3.33
CA VAL A 14 7.46 1.56 -4.49
C VAL A 14 8.25 2.87 -4.44
N ASP A 15 8.13 3.68 -5.49
CA ASP A 15 8.82 4.96 -5.54
C ASP A 15 7.92 6.06 -4.97
N ALA A 16 8.51 7.14 -4.49
CA ALA A 16 7.71 8.22 -3.91
C ALA A 16 7.33 9.25 -4.97
N LYS A 17 8.09 9.27 -6.06
CA LYS A 17 7.81 10.20 -7.14
C LYS A 17 6.54 9.78 -7.86
N THR A 18 6.60 8.61 -8.51
CA THR A 18 5.46 8.12 -9.27
C THR A 18 4.79 6.90 -8.65
N THR A 19 5.42 6.35 -7.63
CA THR A 19 4.90 5.15 -6.96
C THR A 19 5.29 3.88 -7.72
N GLU A 20 4.31 3.11 -8.19
CA GLU A 20 4.58 1.89 -8.92
C GLU A 20 5.36 0.89 -8.06
N ILE A 21 4.69 -0.18 -7.66
CA ILE A 21 5.31 -1.19 -6.81
C ILE A 21 6.47 -1.88 -7.53
N LEU A 22 7.69 -1.53 -7.13
CA LEU A 22 8.89 -2.13 -7.71
C LEU A 22 8.86 -3.65 -7.51
N VAL A 23 8.34 -4.07 -6.37
CA VAL A 23 8.23 -5.49 -6.05
C VAL A 23 7.56 -5.71 -4.70
N ALA A 24 7.02 -6.90 -4.50
CA ALA A 24 6.36 -7.26 -3.25
C ALA A 24 6.75 -8.69 -2.87
N ASN A 25 6.61 -9.03 -1.60
CA ASN A 25 7.00 -10.35 -1.12
C ASN A 25 5.82 -11.31 -0.96
N ASP A 26 6.17 -12.57 -0.74
CA ASP A 26 5.20 -13.66 -0.56
C ASP A 26 4.32 -13.43 0.66
N LYS A 27 4.63 -12.39 1.43
CA LYS A 27 3.84 -12.06 2.60
C LYS A 27 2.78 -11.03 2.22
N ALA A 28 3.24 -9.82 1.90
CA ALA A 28 2.35 -8.74 1.48
C ALA A 28 1.37 -9.24 0.42
N CYS A 29 1.90 -9.82 -0.64
CA CYS A 29 1.08 -10.35 -1.72
C CYS A 29 0.05 -11.33 -1.19
N GLY A 30 0.45 -12.11 -0.18
CA GLY A 30 -0.48 -13.06 0.43
C GLY A 30 -1.68 -12.35 1.00
N LEU A 31 -1.41 -11.23 1.67
CA LEU A 31 -2.46 -10.41 2.27
C LEU A 31 -3.59 -10.19 1.26
N LEU A 32 -3.22 -9.71 0.07
CA LEU A 32 -4.20 -9.49 -0.99
C LEU A 32 -4.41 -10.76 -1.79
N GLY A 33 -3.51 -11.00 -2.74
CA GLY A 33 -3.61 -12.18 -3.58
C GLY A 33 -2.74 -12.06 -4.82
N TYR A 34 -1.78 -11.14 -4.78
CA TYR A 34 -0.87 -10.91 -5.89
C TYR A 34 0.48 -11.56 -5.63
N SER A 35 1.54 -10.98 -6.19
CA SER A 35 2.89 -11.45 -5.99
C SER A 35 3.89 -10.50 -6.63
N SER A 36 5.15 -10.63 -6.21
CA SER A 36 6.23 -9.77 -6.72
C SER A 36 6.08 -9.46 -8.21
N GLN A 37 5.69 -10.47 -8.99
CA GLN A 37 5.54 -10.31 -10.43
C GLN A 37 4.08 -10.08 -10.85
N ASP A 38 3.14 -10.60 -10.06
CA ASP A 38 1.73 -10.46 -10.38
C ASP A 38 1.17 -9.08 -10.05
N LEU A 39 1.98 -8.23 -9.42
CA LEU A 39 1.53 -6.90 -9.05
C LEU A 39 2.53 -5.82 -9.47
N ILE A 40 3.74 -6.23 -9.84
CA ILE A 40 4.77 -5.29 -10.25
C ILE A 40 4.37 -4.58 -11.54
N GLY A 41 4.64 -3.29 -11.62
CA GLY A 41 4.31 -2.51 -12.81
C GLY A 41 3.15 -1.56 -12.58
N GLN A 42 2.28 -1.90 -11.63
CA GLN A 42 1.13 -1.07 -11.32
C GLN A 42 1.31 -0.36 -9.97
N LYS A 43 0.23 0.25 -9.48
CA LYS A 43 0.27 0.96 -8.21
C LYS A 43 -0.51 0.20 -7.15
N LEU A 44 0.14 -0.09 -6.02
CA LEU A 44 -0.48 -0.84 -4.95
C LEU A 44 -1.89 -0.35 -4.61
N THR A 45 -2.07 0.98 -4.54
CA THR A 45 -3.37 1.56 -4.21
C THR A 45 -4.50 1.04 -5.08
N GLN A 46 -4.16 0.50 -6.24
CA GLN A 46 -5.16 -0.05 -7.14
C GLN A 46 -5.90 -1.19 -6.44
N PHE A 47 -5.21 -1.79 -5.48
CA PHE A 47 -5.76 -2.91 -4.72
C PHE A 47 -6.03 -2.49 -3.29
N PHE A 48 -6.47 -1.24 -3.11
CA PHE A 48 -6.78 -0.70 -1.79
C PHE A 48 -7.92 0.31 -1.89
N LEU A 49 -8.80 0.30 -0.89
CA LEU A 49 -9.95 1.21 -0.82
C LEU A 49 -10.66 1.35 -2.17
N ARG A 50 -10.19 2.28 -3.00
CA ARG A 50 -10.77 2.51 -4.32
C ARG A 50 -9.68 2.75 -5.36
N SER A 51 -9.71 1.96 -6.42
CA SER A 51 -8.72 2.06 -7.48
C SER A 51 -9.13 3.08 -8.55
N ASP A 52 -10.33 3.63 -8.41
CA ASP A 52 -10.82 4.59 -9.38
C ASP A 52 -10.48 6.03 -8.99
N SER A 53 -11.14 6.53 -7.95
CA SER A 53 -10.92 7.91 -7.49
C SER A 53 -9.85 7.98 -6.40
N ASP A 54 -10.12 7.32 -5.27
CA ASP A 54 -9.21 7.33 -4.12
C ASP A 54 -7.75 7.12 -4.52
N VAL A 55 -7.53 6.47 -5.65
CA VAL A 55 -6.17 6.22 -6.11
C VAL A 55 -5.45 7.52 -6.46
N VAL A 56 -6.10 8.35 -7.27
CA VAL A 56 -5.52 9.62 -7.71
C VAL A 56 -5.35 10.60 -6.55
N GLU A 57 -6.09 10.37 -5.48
CA GLU A 57 -6.03 11.25 -4.31
C GLU A 57 -4.97 10.79 -3.32
N ALA A 58 -4.99 9.51 -2.98
CA ALA A 58 -4.04 8.93 -2.03
C ALA A 58 -2.61 8.98 -2.56
N LEU A 59 -2.45 8.63 -3.84
CA LEU A 59 -1.13 8.61 -4.46
C LEU A 59 -0.57 10.02 -4.63
N SER A 60 -1.36 11.03 -4.26
CA SER A 60 -0.92 12.42 -4.38
C SER A 60 0.23 12.70 -3.42
N GLU A 61 0.28 13.94 -2.91
CA GLU A 61 1.33 14.33 -1.97
C GLU A 61 1.08 13.73 -0.59
N GLU A 62 0.13 12.81 -0.51
CA GLU A 62 -0.22 12.15 0.73
C GLU A 62 -0.78 13.12 1.76
N HIS A 63 -2.06 13.41 1.63
CA HIS A 63 -2.76 14.32 2.53
C HIS A 63 -4.21 14.51 2.07
N MET A 64 -4.74 15.71 2.26
CA MET A 64 -6.12 16.00 1.85
C MET A 64 -6.17 16.38 0.38
N GLU A 65 -5.35 15.72 -0.43
CA GLU A 65 -5.27 15.98 -1.87
C GLU A 65 -4.56 17.30 -2.14
N ALA A 66 -4.72 18.23 -1.20
CA ALA A 66 -4.09 19.55 -1.30
C ALA A 66 -4.32 20.35 -0.02
N ASP A 67 -5.54 20.86 0.14
CA ASP A 67 -5.89 21.65 1.32
C ASP A 67 -7.38 21.96 1.35
N GLY A 68 -8.06 21.45 2.38
CA GLY A 68 -9.49 21.69 2.49
C GLY A 68 -10.28 20.40 2.63
N HIS A 69 -9.58 19.27 2.61
CA HIS A 69 -10.24 17.97 2.74
C HIS A 69 -9.69 17.20 3.93
N ALA A 70 -10.11 15.94 4.04
CA ALA A 70 -9.68 15.07 5.13
C ALA A 70 -10.38 13.72 5.04
N ALA A 71 -10.22 13.05 3.90
CA ALA A 71 -10.85 11.76 3.68
C ALA A 71 -10.07 10.90 2.69
N VAL A 72 -9.03 11.47 2.10
CA VAL A 72 -8.22 10.73 1.14
C VAL A 72 -6.78 10.55 1.61
N VAL A 73 -6.55 9.49 2.36
CA VAL A 73 -5.21 9.21 2.89
C VAL A 73 -4.89 7.72 2.83
N PHE A 74 -3.68 7.40 2.36
CA PHE A 74 -3.24 6.01 2.27
C PHE A 74 -2.06 5.78 3.21
N GLY A 75 -2.06 6.50 4.31
CA GLY A 75 -1.01 6.38 5.31
C GLY A 75 -1.59 6.20 6.70
N THR A 76 -2.78 5.61 6.74
CA THR A 76 -3.49 5.37 7.99
C THR A 76 -4.33 4.09 7.88
N VAL A 77 -4.83 3.60 9.01
CA VAL A 77 -5.64 2.40 9.00
C VAL A 77 -6.93 2.67 8.23
N VAL A 78 -6.97 2.15 7.00
CA VAL A 78 -8.12 2.36 6.12
C VAL A 78 -8.72 1.04 5.66
N ASP A 79 -9.71 1.13 4.77
CA ASP A 79 -10.36 -0.04 4.22
C ASP A 79 -9.75 -0.39 2.87
N ILE A 80 -9.14 -1.56 2.79
CA ILE A 80 -8.50 -2.00 1.55
C ILE A 80 -9.37 -3.01 0.82
N ILE A 81 -9.14 -3.14 -0.48
CA ILE A 81 -9.89 -4.07 -1.31
C ILE A 81 -8.96 -4.86 -2.21
N SER A 82 -9.11 -6.17 -2.22
CA SER A 82 -8.28 -7.02 -3.05
C SER A 82 -8.84 -7.08 -4.47
N ARG A 83 -8.00 -7.53 -5.40
CA ARG A 83 -8.37 -7.62 -6.81
C ARG A 83 -9.81 -8.11 -6.99
N SER A 84 -10.10 -9.29 -6.46
CA SER A 84 -11.43 -9.89 -6.57
C SER A 84 -12.45 -9.18 -5.70
N GLY A 85 -11.97 -8.34 -4.79
CA GLY A 85 -12.87 -7.61 -3.91
C GLY A 85 -13.07 -8.32 -2.59
N GLU A 86 -12.48 -7.77 -1.52
CA GLU A 86 -12.60 -8.37 -0.20
C GLU A 86 -13.13 -7.38 0.82
N LYS A 87 -12.57 -6.16 0.81
CA LYS A 87 -12.98 -5.11 1.75
C LYS A 87 -12.69 -5.54 3.18
N ILE A 88 -11.60 -5.02 3.75
CA ILE A 88 -11.23 -5.36 5.12
C ILE A 88 -10.45 -4.24 5.79
N PRO A 89 -10.75 -3.94 7.06
CA PRO A 89 -10.05 -2.88 7.81
C PRO A 89 -8.61 -3.25 8.08
N VAL A 90 -7.69 -2.48 7.53
CA VAL A 90 -6.26 -2.75 7.70
C VAL A 90 -5.49 -1.45 7.97
N SER A 91 -4.30 -1.60 8.54
CA SER A 91 -3.45 -0.46 8.85
C SER A 91 -2.46 -0.24 7.73
N VAL A 92 -2.43 0.98 7.19
CA VAL A 92 -1.52 1.31 6.12
C VAL A 92 -0.63 2.48 6.49
N TRP A 93 0.67 2.32 6.27
CA TRP A 93 1.63 3.37 6.59
C TRP A 93 2.67 3.52 5.47
N MET A 94 2.58 4.64 4.75
CA MET A 94 3.51 4.92 3.66
C MET A 94 4.61 5.86 4.12
N LYS A 95 5.85 5.52 3.77
CA LYS A 95 6.99 6.34 4.16
C LYS A 95 7.99 6.48 3.00
N ARG A 96 8.26 7.72 2.62
CA ARG A 96 9.19 7.99 1.53
C ARG A 96 10.63 7.98 2.01
N MET A 97 11.13 6.78 2.29
CA MET A 97 12.51 6.61 2.75
C MET A 97 13.40 6.32 1.56
N ARG A 98 14.67 5.99 1.82
CA ARG A 98 15.61 5.69 0.75
C ARG A 98 16.21 4.30 0.92
N GLN A 99 16.03 3.47 -0.11
CA GLN A 99 16.54 2.11 -0.08
C GLN A 99 17.86 2.02 -0.86
N GLU A 100 18.02 2.91 -1.83
CA GLU A 100 19.23 2.93 -2.64
C GLU A 100 19.72 4.36 -2.85
N ARG A 101 19.13 5.04 -3.83
CA ARG A 101 19.50 6.42 -4.12
C ARG A 101 18.28 7.23 -4.52
N ARG A 102 17.12 6.58 -4.52
CA ARG A 102 15.86 7.23 -4.88
C ARG A 102 14.83 7.06 -3.77
N LEU A 103 14.14 8.15 -3.44
CA LEU A 103 13.11 8.13 -2.40
C LEU A 103 12.06 7.07 -2.72
N CYS A 104 12.17 5.93 -2.07
CA CYS A 104 11.24 4.83 -2.28
C CYS A 104 10.14 4.80 -1.21
N CYS A 105 8.89 4.89 -1.68
CA CYS A 105 7.74 4.86 -0.79
C CYS A 105 7.41 3.42 -0.38
N VAL A 106 7.43 3.14 0.92
CA VAL A 106 7.14 1.81 1.42
C VAL A 106 5.79 1.78 2.14
N VAL A 107 5.01 0.73 1.89
CA VAL A 107 3.70 0.57 2.51
C VAL A 107 3.61 -0.78 3.20
N VAL A 108 3.16 -0.78 4.45
CA VAL A 108 3.03 -2.01 5.22
C VAL A 108 1.61 -2.20 5.74
N LEU A 109 0.95 -3.25 5.27
CA LEU A 109 -0.42 -3.53 5.67
C LEU A 109 -0.46 -4.48 6.87
N GLU A 110 -1.23 -4.09 7.89
CA GLU A 110 -1.37 -4.89 9.10
C GLU A 110 -2.83 -5.02 9.50
N PRO A 111 -3.35 -6.27 9.53
CA PRO A 111 -4.75 -6.52 9.89
C PRO A 111 -5.11 -5.98 11.27
N VAL A 112 -6.26 -5.33 11.37
CA VAL A 112 -6.72 -4.77 12.63
C VAL A 112 -7.13 -5.86 13.61
N GLU A 113 -7.22 -5.51 14.88
CA GLU A 113 -7.61 -6.45 15.91
C GLU A 113 -9.06 -6.92 15.72
N ARG A 114 -9.34 -8.13 16.18
CA ARG A 114 -10.68 -8.70 16.05
C ARG A 114 -11.12 -9.37 17.35
N GLY A 1 -1.95 -12.72 11.82
CA GLY A 1 -3.07 -12.98 12.77
C GLY A 1 -2.62 -12.92 14.21
N ALA A 2 -1.44 -12.37 14.45
CA ALA A 2 -0.90 -12.25 15.80
C ALA A 2 -0.04 -11.00 15.94
N MET A 3 1.15 -11.03 15.34
CA MET A 3 2.06 -9.89 15.40
C MET A 3 2.87 -9.79 14.12
N ASP A 4 2.38 -10.44 13.06
CA ASP A 4 3.05 -10.42 11.77
C ASP A 4 4.50 -10.91 11.88
N PRO A 5 4.69 -12.20 12.27
CA PRO A 5 6.01 -12.79 12.41
C PRO A 5 6.53 -13.36 11.09
N GLU A 6 6.65 -12.50 10.08
CA GLU A 6 7.13 -12.91 8.76
C GLU A 6 6.20 -13.96 8.15
N PHE A 7 4.95 -13.97 8.59
CA PHE A 7 3.96 -14.92 8.09
C PHE A 7 2.92 -14.20 7.23
N ASN A 8 2.85 -12.88 7.37
CA ASN A 8 1.91 -12.07 6.61
C ASN A 8 2.40 -10.63 6.50
N LYS A 9 3.71 -10.46 6.58
CA LYS A 9 4.31 -9.13 6.50
C LYS A 9 4.04 -8.48 5.14
N ALA A 10 3.03 -7.64 5.09
CA ALA A 10 2.66 -6.97 3.85
C ALA A 10 3.67 -5.87 3.51
N ILE A 11 4.71 -6.24 2.77
CA ILE A 11 5.74 -5.27 2.38
C ILE A 11 5.60 -4.86 0.92
N PHE A 12 5.24 -3.61 0.69
CA PHE A 12 5.08 -3.08 -0.66
C PHE A 12 6.06 -1.94 -0.90
N THR A 13 7.06 -2.18 -1.73
CA THR A 13 8.07 -1.16 -2.05
C THR A 13 7.75 -0.46 -3.35
N VAL A 14 7.61 0.87 -3.29
CA VAL A 14 7.28 1.67 -4.46
C VAL A 14 8.06 2.98 -4.47
N ASP A 15 7.92 3.75 -5.55
CA ASP A 15 8.58 5.04 -5.67
C ASP A 15 7.60 6.16 -5.28
N ALA A 16 8.12 7.34 -4.95
CA ALA A 16 7.26 8.44 -4.55
C ALA A 16 6.80 9.24 -5.76
N LYS A 17 7.44 9.02 -6.90
CA LYS A 17 7.09 9.72 -8.12
C LYS A 17 5.81 9.13 -8.72
N THR A 18 5.80 7.81 -8.89
CA THR A 18 4.66 7.14 -9.49
C THR A 18 3.99 6.15 -8.55
N THR A 19 4.64 5.83 -7.45
CA THR A 19 4.11 4.87 -6.49
C THR A 19 4.11 3.46 -7.06
N GLU A 20 4.81 3.28 -8.17
CA GLU A 20 4.89 1.98 -8.82
C GLU A 20 5.62 0.99 -7.92
N ILE A 21 4.94 -0.09 -7.56
CA ILE A 21 5.52 -1.10 -6.69
C ILE A 21 6.68 -1.82 -7.38
N LEU A 22 7.89 -1.47 -6.97
CA LEU A 22 9.09 -2.08 -7.53
C LEU A 22 9.09 -3.59 -7.34
N VAL A 23 8.57 -4.05 -6.20
CA VAL A 23 8.50 -5.47 -5.91
C VAL A 23 7.77 -5.74 -4.59
N ALA A 24 7.25 -6.96 -4.45
CA ALA A 24 6.54 -7.35 -3.23
C ALA A 24 6.91 -8.79 -2.85
N ASN A 25 6.65 -9.16 -1.61
CA ASN A 25 6.99 -10.50 -1.12
C ASN A 25 5.79 -11.44 -1.06
N ASP A 26 6.07 -12.66 -0.60
CA ASP A 26 5.07 -13.72 -0.48
C ASP A 26 4.10 -13.47 0.68
N LYS A 27 4.35 -12.42 1.45
CA LYS A 27 3.46 -12.08 2.55
C LYS A 27 2.44 -11.07 2.06
N ALA A 28 2.91 -9.87 1.74
CA ALA A 28 2.05 -8.81 1.22
C ALA A 28 1.14 -9.35 0.13
N CYS A 29 1.74 -10.07 -0.83
CA CYS A 29 0.99 -10.65 -1.93
C CYS A 29 -0.10 -11.56 -1.41
N GLY A 30 0.20 -12.30 -0.34
CA GLY A 30 -0.77 -13.19 0.26
C GLY A 30 -1.97 -12.42 0.77
N LEU A 31 -1.69 -11.27 1.37
CA LEU A 31 -2.72 -10.40 1.92
C LEU A 31 -3.82 -10.18 0.88
N LEU A 32 -3.46 -9.71 -0.31
CA LEU A 32 -4.44 -9.50 -1.37
C LEU A 32 -4.55 -10.73 -2.27
N GLY A 33 -3.54 -10.93 -3.12
CA GLY A 33 -3.54 -12.07 -4.02
C GLY A 33 -2.64 -11.84 -5.23
N TYR A 34 -1.66 -10.96 -5.05
CA TYR A 34 -0.70 -10.65 -6.12
C TYR A 34 0.64 -11.32 -5.87
N SER A 35 1.72 -10.65 -6.25
CA SER A 35 3.07 -11.14 -6.06
C SER A 35 4.09 -10.19 -6.68
N SER A 36 5.36 -10.37 -6.34
CA SER A 36 6.43 -9.53 -6.85
C SER A 36 6.26 -9.20 -8.33
N GLN A 37 5.78 -10.17 -9.11
CA GLN A 37 5.59 -9.96 -10.55
C GLN A 37 4.14 -9.64 -10.91
N ASP A 38 3.20 -10.17 -10.14
CA ASP A 38 1.77 -9.98 -10.42
C ASP A 38 1.30 -8.56 -10.10
N LEU A 39 2.01 -7.86 -9.21
CA LEU A 39 1.62 -6.51 -8.83
C LEU A 39 2.61 -5.46 -9.32
N ILE A 40 3.81 -5.89 -9.70
CA ILE A 40 4.83 -4.97 -10.19
C ILE A 40 4.39 -4.29 -11.47
N GLY A 41 4.72 -3.01 -11.60
CA GLY A 41 4.34 -2.27 -12.80
C GLY A 41 3.22 -1.29 -12.52
N GLN A 42 2.45 -1.54 -11.46
CA GLN A 42 1.34 -0.66 -11.10
C GLN A 42 1.59 -0.05 -9.73
N LYS A 43 0.56 0.60 -9.18
CA LYS A 43 0.67 1.23 -7.87
C LYS A 43 -0.12 0.43 -6.85
N LEU A 44 0.51 0.14 -5.71
CA LEU A 44 -0.13 -0.64 -4.66
C LEU A 44 -1.55 -0.15 -4.35
N THR A 45 -1.71 1.16 -4.23
CA THR A 45 -3.00 1.76 -3.90
C THR A 45 -4.10 1.32 -4.88
N GLN A 46 -3.70 0.76 -6.01
CA GLN A 46 -4.67 0.29 -7.00
C GLN A 46 -5.50 -0.82 -6.40
N PHE A 47 -4.92 -1.50 -5.43
CA PHE A 47 -5.58 -2.61 -4.75
C PHE A 47 -5.87 -2.27 -3.29
N PHE A 48 -6.40 -1.07 -3.06
CA PHE A 48 -6.74 -0.62 -1.71
C PHE A 48 -7.94 0.31 -1.73
N LEU A 49 -8.62 0.41 -0.59
CA LEU A 49 -9.82 1.25 -0.42
C LEU A 49 -10.59 1.42 -1.73
N ARG A 50 -10.24 2.45 -2.50
CA ARG A 50 -10.91 2.71 -3.77
C ARG A 50 -9.90 2.85 -4.89
N SER A 51 -10.01 1.98 -5.89
CA SER A 51 -9.12 2.00 -7.05
C SER A 51 -9.61 2.97 -8.12
N ASP A 52 -10.79 3.56 -7.88
CA ASP A 52 -11.38 4.48 -8.85
C ASP A 52 -10.92 5.92 -8.65
N SER A 53 -11.37 6.55 -7.56
CA SER A 53 -11.03 7.95 -7.29
C SER A 53 -9.79 8.10 -6.40
N ASP A 54 -9.78 7.42 -5.27
CA ASP A 54 -8.67 7.51 -4.31
C ASP A 54 -7.31 7.44 -4.97
N VAL A 55 -7.05 6.37 -5.72
CA VAL A 55 -5.77 6.18 -6.39
C VAL A 55 -5.42 7.31 -7.34
N VAL A 56 -6.38 8.16 -7.66
CA VAL A 56 -6.16 9.26 -8.59
C VAL A 56 -5.82 10.56 -7.87
N GLU A 57 -6.46 10.83 -6.74
CA GLU A 57 -6.22 12.06 -6.00
C GLU A 57 -5.11 11.88 -4.96
N ALA A 58 -5.06 10.71 -4.35
CA ALA A 58 -4.07 10.42 -3.31
C ALA A 58 -2.63 10.53 -3.81
N LEU A 59 -2.37 10.06 -5.03
CA LEU A 59 -1.02 10.10 -5.57
C LEU A 59 -0.79 11.26 -6.53
N SER A 60 -1.85 12.02 -6.83
CA SER A 60 -1.72 13.17 -7.74
C SER A 60 -1.22 14.41 -7.02
N GLU A 61 -1.46 14.47 -5.71
CA GLU A 61 -1.03 15.62 -4.91
C GLU A 61 -0.45 15.16 -3.58
N GLU A 62 -0.55 13.85 -3.32
CA GLU A 62 -0.04 13.25 -2.09
C GLU A 62 -0.90 13.66 -0.88
N HIS A 63 -0.62 13.02 0.26
CA HIS A 63 -1.32 13.26 1.53
C HIS A 63 -2.49 14.24 1.42
N MET A 64 -3.71 13.68 1.45
CA MET A 64 -4.93 14.49 1.39
C MET A 64 -4.86 15.60 0.36
N GLU A 65 -4.18 15.35 -0.76
CA GLU A 65 -4.03 16.33 -1.83
C GLU A 65 -3.16 17.52 -1.38
N ALA A 66 -2.98 17.64 -0.07
CA ALA A 66 -2.18 18.72 0.50
C ALA A 66 -2.19 18.61 2.02
N ASP A 67 -1.37 19.43 2.67
CA ASP A 67 -1.30 19.41 4.13
C ASP A 67 -2.43 20.23 4.74
N GLY A 68 -3.54 19.58 5.03
CA GLY A 68 -4.68 20.27 5.60
C GLY A 68 -5.89 20.27 4.68
N HIS A 69 -6.40 19.08 4.40
CA HIS A 69 -7.55 18.93 3.51
C HIS A 69 -8.46 17.80 3.97
N ALA A 70 -7.88 16.60 4.04
CA ALA A 70 -8.60 15.40 4.45
C ALA A 70 -9.56 14.92 3.36
N ALA A 71 -8.98 14.42 2.28
CA ALA A 71 -9.77 13.92 1.15
C ALA A 71 -9.29 12.53 0.74
N VAL A 72 -8.03 12.43 0.35
CA VAL A 72 -7.44 11.16 -0.05
C VAL A 72 -6.32 10.76 0.89
N VAL A 73 -6.48 9.60 1.53
CA VAL A 73 -5.48 9.11 2.47
C VAL A 73 -5.13 7.65 2.22
N PHE A 74 -3.92 7.27 2.60
CA PHE A 74 -3.44 5.91 2.42
C PHE A 74 -2.27 5.62 3.36
N GLY A 75 -2.12 6.49 4.37
CA GLY A 75 -1.05 6.32 5.34
C GLY A 75 -1.60 6.19 6.74
N THR A 76 -2.79 5.59 6.83
CA THR A 76 -3.47 5.39 8.10
C THR A 76 -4.31 4.10 8.06
N VAL A 77 -4.78 3.67 9.22
CA VAL A 77 -5.60 2.47 9.28
C VAL A 77 -6.89 2.71 8.50
N VAL A 78 -6.92 2.20 7.28
CA VAL A 78 -8.09 2.37 6.41
C VAL A 78 -8.67 1.04 5.97
N ASP A 79 -9.71 1.12 5.14
CA ASP A 79 -10.37 -0.07 4.61
C ASP A 79 -9.81 -0.37 3.23
N ILE A 80 -9.13 -1.51 3.09
CA ILE A 80 -8.53 -1.89 1.82
C ILE A 80 -9.36 -2.95 1.11
N ILE A 81 -9.06 -3.15 -0.17
CA ILE A 81 -9.76 -4.15 -0.98
C ILE A 81 -8.79 -4.81 -1.96
N SER A 82 -8.97 -6.11 -2.17
CA SER A 82 -8.11 -6.85 -3.08
C SER A 82 -8.68 -6.84 -4.50
N ARG A 83 -7.84 -7.20 -5.46
CA ARG A 83 -8.24 -7.22 -6.87
C ARG A 83 -9.60 -7.89 -7.08
N SER A 84 -9.91 -8.89 -6.25
CA SER A 84 -11.18 -9.60 -6.37
C SER A 84 -12.26 -8.98 -5.49
N GLY A 85 -11.84 -8.20 -4.50
CA GLY A 85 -12.79 -7.56 -3.61
C GLY A 85 -12.71 -8.11 -2.20
N GLU A 86 -11.87 -7.49 -1.38
CA GLU A 86 -11.71 -7.92 0.01
C GLU A 86 -11.79 -6.74 0.97
N LYS A 87 -13.02 -6.36 1.31
CA LYS A 87 -13.24 -5.23 2.22
C LYS A 87 -12.86 -5.62 3.65
N ILE A 88 -11.68 -5.18 4.09
CA ILE A 88 -11.21 -5.49 5.42
C ILE A 88 -10.40 -4.34 6.01
N PRO A 89 -10.78 -3.86 7.22
CA PRO A 89 -10.07 -2.76 7.88
C PRO A 89 -8.68 -3.16 8.33
N VAL A 90 -7.67 -2.41 7.91
CA VAL A 90 -6.30 -2.69 8.27
C VAL A 90 -5.50 -1.41 8.47
N SER A 91 -4.32 -1.54 9.07
CA SER A 91 -3.46 -0.41 9.32
C SER A 91 -2.44 -0.24 8.19
N VAL A 92 -2.42 0.93 7.58
CA VAL A 92 -1.49 1.20 6.50
C VAL A 92 -0.57 2.36 6.87
N TRP A 93 0.73 2.18 6.66
CA TRP A 93 1.70 3.22 6.98
C TRP A 93 2.71 3.39 5.86
N MET A 94 2.61 4.53 5.18
CA MET A 94 3.52 4.85 4.08
C MET A 94 4.62 5.78 4.58
N LYS A 95 5.84 5.59 4.08
CA LYS A 95 6.95 6.42 4.51
C LYS A 95 8.09 6.42 3.48
N ARG A 96 8.47 7.62 3.05
CA ARG A 96 9.54 7.80 2.09
C ARG A 96 10.87 7.31 2.65
N MET A 97 11.54 6.45 1.90
CA MET A 97 12.83 5.90 2.30
C MET A 97 13.60 5.38 1.08
N ARG A 98 14.91 5.26 1.22
CA ARG A 98 15.75 4.79 0.14
C ARG A 98 15.84 3.26 0.13
N GLN A 99 16.21 2.71 -1.02
CA GLN A 99 16.35 1.27 -1.18
C GLN A 99 17.29 0.94 -2.32
N GLU A 100 17.43 1.88 -3.25
CA GLU A 100 18.32 1.71 -4.40
C GLU A 100 19.13 2.97 -4.66
N ARG A 101 18.49 3.98 -5.23
CA ARG A 101 19.14 5.24 -5.53
C ARG A 101 18.10 6.34 -5.69
N ARG A 102 16.84 5.99 -5.45
CA ARG A 102 15.75 6.93 -5.56
C ARG A 102 14.79 6.79 -4.38
N LEU A 103 14.31 7.92 -3.85
CA LEU A 103 13.39 7.92 -2.73
C LEU A 103 12.18 7.04 -3.03
N CYS A 104 12.09 5.91 -2.34
CA CYS A 104 11.00 4.97 -2.56
C CYS A 104 10.04 4.92 -1.37
N CYS A 105 8.74 5.01 -1.67
CA CYS A 105 7.69 4.96 -0.67
C CYS A 105 7.41 3.52 -0.26
N VAL A 106 7.33 3.25 1.03
CA VAL A 106 7.06 1.91 1.53
C VAL A 106 5.73 1.84 2.26
N VAL A 107 4.97 0.77 2.00
CA VAL A 107 3.67 0.57 2.63
C VAL A 107 3.60 -0.81 3.29
N VAL A 108 3.04 -0.85 4.50
CA VAL A 108 2.92 -2.12 5.23
C VAL A 108 1.51 -2.31 5.76
N LEU A 109 0.82 -3.31 5.24
CA LEU A 109 -0.55 -3.60 5.65
C LEU A 109 -0.60 -4.61 6.80
N GLU A 110 -1.32 -4.26 7.85
CA GLU A 110 -1.45 -5.13 9.01
C GLU A 110 -2.92 -5.24 9.42
N PRO A 111 -3.48 -6.47 9.38
CA PRO A 111 -4.88 -6.70 9.74
C PRO A 111 -5.17 -6.25 11.17
N VAL A 112 -6.26 -5.50 11.34
CA VAL A 112 -6.65 -5.00 12.66
C VAL A 112 -7.09 -6.13 13.57
N GLU A 113 -6.99 -5.92 14.87
CA GLU A 113 -7.38 -6.92 15.86
C GLU A 113 -8.34 -6.33 16.88
N ARG A 114 -8.95 -5.19 16.52
CA ARG A 114 -9.90 -4.53 17.42
C ARG A 114 -11.33 -5.00 17.15
N GLY A 1 4.17 -16.48 16.22
CA GLY A 1 5.01 -15.25 16.30
C GLY A 1 4.50 -14.26 17.31
N ALA A 2 5.25 -13.18 17.50
CA ALA A 2 4.87 -12.14 18.46
C ALA A 2 3.75 -11.26 17.90
N MET A 3 4.01 -10.68 16.73
CA MET A 3 3.02 -9.81 16.09
C MET A 3 3.07 -9.97 14.57
N ASP A 4 4.08 -9.36 13.95
CA ASP A 4 4.25 -9.44 12.50
C ASP A 4 5.64 -8.98 12.08
N PRO A 5 6.70 -9.68 12.55
CA PRO A 5 8.09 -9.34 12.21
C PRO A 5 8.41 -9.70 10.75
N GLU A 6 7.98 -10.88 10.34
CA GLU A 6 8.22 -11.36 8.99
C GLU A 6 7.10 -12.28 8.55
N PHE A 7 6.03 -12.32 9.36
CA PHE A 7 4.88 -13.15 9.06
C PHE A 7 3.67 -12.29 8.73
N ASN A 8 3.02 -12.58 7.60
CA ASN A 8 1.87 -11.82 7.16
C ASN A 8 2.24 -10.35 6.93
N LYS A 9 3.54 -10.06 6.93
CA LYS A 9 4.03 -8.70 6.74
C LYS A 9 3.81 -8.21 5.31
N ALA A 10 2.85 -7.30 5.15
CA ALA A 10 2.54 -6.75 3.84
C ALA A 10 3.53 -5.66 3.46
N ILE A 11 4.61 -6.03 2.77
CA ILE A 11 5.63 -5.07 2.36
C ILE A 11 5.54 -4.75 0.88
N PHE A 12 5.23 -3.50 0.57
CA PHE A 12 5.14 -3.03 -0.81
C PHE A 12 6.10 -1.87 -1.04
N THR A 13 7.13 -2.09 -1.87
CA THR A 13 8.10 -1.04 -2.13
C THR A 13 7.86 -0.35 -3.47
N VAL A 14 7.81 0.99 -3.42
CA VAL A 14 7.58 1.80 -4.60
C VAL A 14 8.41 3.08 -4.56
N ASP A 15 8.34 3.85 -5.63
CA ASP A 15 9.05 5.13 -5.70
C ASP A 15 8.17 6.21 -5.07
N ALA A 16 8.77 7.27 -4.57
CA ALA A 16 8.00 8.34 -3.94
C ALA A 16 7.54 9.36 -4.96
N LYS A 17 8.24 9.43 -6.08
CA LYS A 17 7.88 10.36 -7.13
C LYS A 17 6.57 9.93 -7.78
N THR A 18 6.61 8.78 -8.47
CA THR A 18 5.42 8.30 -9.16
C THR A 18 4.82 7.03 -8.57
N THR A 19 5.48 6.46 -7.56
CA THR A 19 5.00 5.24 -6.91
C THR A 19 5.42 4.01 -7.71
N GLU A 20 4.45 3.23 -8.19
CA GLU A 20 4.73 2.03 -8.97
C GLU A 20 5.50 1.01 -8.12
N ILE A 21 4.82 -0.07 -7.74
CA ILE A 21 5.43 -1.11 -6.92
C ILE A 21 6.60 -1.78 -7.64
N LEU A 22 7.81 -1.43 -7.24
CA LEU A 22 9.02 -1.99 -7.83
C LEU A 22 9.11 -3.49 -7.57
N VAL A 23 8.60 -3.92 -6.42
CA VAL A 23 8.64 -5.33 -6.04
C VAL A 23 7.89 -5.57 -4.73
N ALA A 24 7.33 -6.77 -4.58
CA ALA A 24 6.59 -7.14 -3.38
C ALA A 24 6.93 -8.56 -2.96
N ASN A 25 6.70 -8.88 -1.69
CA ASN A 25 7.01 -10.21 -1.17
C ASN A 25 5.78 -11.10 -1.07
N ASP A 26 6.00 -12.32 -0.59
CA ASP A 26 4.92 -13.29 -0.42
C ASP A 26 3.87 -12.75 0.54
N LYS A 27 4.22 -12.65 1.82
CA LYS A 27 3.31 -12.15 2.85
C LYS A 27 2.36 -11.10 2.28
N ALA A 28 2.91 -9.94 1.92
CA ALA A 28 2.11 -8.86 1.34
C ALA A 28 1.16 -9.40 0.25
N CYS A 29 1.74 -10.07 -0.73
CA CYS A 29 0.97 -10.64 -1.83
C CYS A 29 -0.15 -11.53 -1.31
N GLY A 30 0.13 -12.25 -0.22
CA GLY A 30 -0.86 -13.11 0.37
C GLY A 30 -2.05 -12.31 0.88
N LEU A 31 -1.74 -11.13 1.42
CA LEU A 31 -2.78 -10.24 1.94
C LEU A 31 -3.86 -10.04 0.89
N LEU A 32 -3.47 -9.56 -0.29
CA LEU A 32 -4.44 -9.37 -1.37
C LEU A 32 -4.55 -10.63 -2.23
N GLY A 33 -3.54 -10.84 -3.08
CA GLY A 33 -3.52 -11.99 -3.95
C GLY A 33 -2.65 -11.78 -5.16
N TYR A 34 -1.64 -10.94 -5.01
CA TYR A 34 -0.71 -10.62 -6.09
C TYR A 34 0.64 -11.29 -5.84
N SER A 35 1.71 -10.61 -6.27
CA SER A 35 3.08 -11.10 -6.10
C SER A 35 4.06 -10.21 -6.85
N SER A 36 5.33 -10.30 -6.48
CA SER A 36 6.37 -9.50 -7.11
C SER A 36 6.29 -9.55 -8.64
N GLN A 37 5.83 -10.68 -9.18
CA GLN A 37 5.74 -10.84 -10.63
C GLN A 37 4.34 -10.61 -11.17
N ASP A 38 3.35 -10.51 -10.27
CA ASP A 38 1.97 -10.33 -10.70
C ASP A 38 1.43 -8.95 -10.32
N LEU A 39 2.23 -8.15 -9.64
CA LEU A 39 1.78 -6.82 -9.23
C LEU A 39 2.79 -5.74 -9.62
N ILE A 40 4.00 -6.15 -9.99
CA ILE A 40 5.03 -5.20 -10.38
C ILE A 40 4.66 -4.48 -11.68
N GLY A 41 4.91 -3.17 -11.71
CA GLY A 41 4.58 -2.39 -12.89
C GLY A 41 3.39 -1.47 -12.67
N GLN A 42 2.50 -1.87 -11.77
CA GLN A 42 1.31 -1.06 -11.48
C GLN A 42 1.48 -0.29 -10.18
N LYS A 43 0.38 0.21 -9.64
CA LYS A 43 0.40 0.97 -8.40
C LYS A 43 -0.39 0.25 -7.31
N LEU A 44 0.27 0.01 -6.17
CA LEU A 44 -0.36 -0.70 -5.06
C LEU A 44 -1.75 -0.16 -4.73
N THR A 45 -1.88 1.17 -4.71
CA THR A 45 -3.16 1.81 -4.39
C THR A 45 -4.31 1.29 -5.23
N GLN A 46 -3.99 0.69 -6.37
CA GLN A 46 -5.02 0.16 -7.26
C GLN A 46 -5.78 -0.95 -6.54
N PHE A 47 -5.14 -1.51 -5.52
CA PHE A 47 -5.73 -2.60 -4.75
C PHE A 47 -5.99 -2.18 -3.31
N PHE A 48 -6.61 -1.01 -3.13
CA PHE A 48 -6.93 -0.52 -1.79
C PHE A 48 -8.22 0.29 -1.83
N LEU A 49 -8.54 0.94 -0.70
CA LEU A 49 -9.76 1.74 -0.59
C LEU A 49 -10.03 2.54 -1.87
N ARG A 50 -11.19 2.28 -2.47
CA ARG A 50 -11.58 2.96 -3.71
C ARG A 50 -10.47 2.88 -4.75
N SER A 51 -10.47 1.81 -5.53
CA SER A 51 -9.47 1.59 -6.56
C SER A 51 -9.66 2.53 -7.74
N ASP A 52 -10.71 3.34 -7.71
CA ASP A 52 -11.00 4.25 -8.82
C ASP A 52 -10.32 5.62 -8.66
N SER A 53 -10.83 6.43 -7.74
CA SER A 53 -10.29 7.79 -7.54
C SER A 53 -9.23 7.86 -6.44
N ASP A 54 -9.45 7.14 -5.35
CA ASP A 54 -8.52 7.17 -4.21
C ASP A 54 -7.10 6.82 -4.62
N VAL A 55 -6.93 6.15 -5.75
CA VAL A 55 -5.60 5.76 -6.22
C VAL A 55 -4.98 6.86 -7.08
N VAL A 56 -5.82 7.74 -7.60
CA VAL A 56 -5.35 8.84 -8.43
C VAL A 56 -5.04 10.09 -7.60
N GLU A 57 -5.67 10.18 -6.42
CA GLU A 57 -5.45 11.32 -5.53
C GLU A 57 -4.31 11.04 -4.57
N ALA A 58 -4.20 9.79 -4.11
CA ALA A 58 -3.16 9.40 -3.17
C ALA A 58 -1.77 9.59 -3.75
N LEU A 59 -1.58 9.18 -4.99
CA LEU A 59 -0.28 9.30 -5.64
C LEU A 59 -0.09 10.68 -6.27
N SER A 60 -1.13 11.50 -6.22
CA SER A 60 -1.07 12.84 -6.79
C SER A 60 -0.87 13.88 -5.68
N GLU A 61 0.10 14.78 -5.89
CA GLU A 61 0.41 15.83 -4.92
C GLU A 61 1.07 15.26 -3.67
N GLU A 62 1.04 13.94 -3.54
CA GLU A 62 1.63 13.25 -2.39
C GLU A 62 0.83 13.55 -1.12
N HIS A 63 1.20 12.89 -0.03
CA HIS A 63 0.53 13.06 1.26
C HIS A 63 -0.97 13.28 1.10
N MET A 64 -1.54 14.20 1.88
CA MET A 64 -2.97 14.49 1.81
C MET A 64 -3.24 15.71 0.93
N GLU A 65 -2.43 15.88 -0.11
CA GLU A 65 -2.56 17.01 -1.03
C GLU A 65 -2.29 18.34 -0.32
N ALA A 66 -2.07 18.29 0.98
CA ALA A 66 -1.80 19.49 1.76
C ALA A 66 -1.26 19.14 3.14
N ASP A 67 -2.15 19.07 4.13
CA ASP A 67 -1.77 18.74 5.50
C ASP A 67 -2.99 18.52 6.38
N GLY A 68 -3.22 17.27 6.76
CA GLY A 68 -4.36 16.95 7.61
C GLY A 68 -5.68 17.22 6.92
N HIS A 69 -5.96 16.46 5.85
CA HIS A 69 -7.20 16.63 5.11
C HIS A 69 -8.02 15.34 5.14
N ALA A 70 -9.19 15.37 4.52
CA ALA A 70 -10.07 14.20 4.49
C ALA A 70 -10.33 13.75 3.05
N ALA A 71 -9.39 14.08 2.16
CA ALA A 71 -9.51 13.71 0.75
C ALA A 71 -8.80 12.39 0.48
N VAL A 72 -7.49 12.37 0.65
CA VAL A 72 -6.69 11.18 0.42
C VAL A 72 -6.13 10.64 1.73
N VAL A 73 -6.38 9.35 1.98
CA VAL A 73 -5.89 8.71 3.20
C VAL A 73 -5.36 7.30 2.93
N PHE A 74 -4.04 7.17 2.89
CA PHE A 74 -3.40 5.89 2.65
C PHE A 74 -2.19 5.72 3.55
N GLY A 75 -2.15 6.51 4.63
CA GLY A 75 -1.05 6.44 5.58
C GLY A 75 -1.57 6.22 6.99
N THR A 76 -2.74 5.59 7.07
CA THR A 76 -3.39 5.31 8.35
C THR A 76 -4.19 4.02 8.26
N VAL A 77 -4.62 3.49 9.40
CA VAL A 77 -5.41 2.27 9.42
C VAL A 77 -6.73 2.52 8.69
N VAL A 78 -6.79 2.06 7.44
CA VAL A 78 -7.97 2.25 6.60
C VAL A 78 -8.56 0.92 6.15
N ASP A 79 -9.71 1.00 5.47
CA ASP A 79 -10.38 -0.17 4.94
C ASP A 79 -9.90 -0.41 3.52
N ILE A 80 -9.12 -1.47 3.32
CA ILE A 80 -8.59 -1.78 1.99
C ILE A 80 -9.38 -2.89 1.31
N ILE A 81 -9.13 -3.07 0.02
CA ILE A 81 -9.81 -4.09 -0.77
C ILE A 81 -8.84 -4.75 -1.74
N SER A 82 -8.97 -6.06 -1.90
CA SER A 82 -8.09 -6.81 -2.80
C SER A 82 -8.69 -6.91 -4.20
N ARG A 83 -7.88 -7.38 -5.15
CA ARG A 83 -8.31 -7.52 -6.54
C ARG A 83 -9.67 -8.22 -6.65
N SER A 84 -9.92 -9.20 -5.79
CA SER A 84 -11.18 -9.95 -5.82
C SER A 84 -12.28 -9.21 -5.08
N GLY A 85 -11.89 -8.24 -4.25
CA GLY A 85 -12.87 -7.47 -3.49
C GLY A 85 -13.00 -7.96 -2.08
N GLU A 86 -12.42 -7.22 -1.15
CA GLU A 86 -12.47 -7.60 0.26
C GLU A 86 -12.36 -6.36 1.15
N LYS A 87 -13.51 -5.83 1.55
CA LYS A 87 -13.53 -4.65 2.41
C LYS A 87 -13.11 -5.00 3.84
N ILE A 88 -11.83 -5.23 4.03
CA ILE A 88 -11.29 -5.59 5.32
C ILE A 88 -10.48 -4.43 5.92
N PRO A 89 -10.76 -4.06 7.18
CA PRO A 89 -10.04 -2.97 7.85
C PRO A 89 -8.63 -3.37 8.26
N VAL A 90 -7.65 -2.57 7.87
CA VAL A 90 -6.25 -2.85 8.21
C VAL A 90 -5.47 -1.56 8.44
N SER A 91 -4.22 -1.71 8.85
CA SER A 91 -3.36 -0.56 9.11
C SER A 91 -2.39 -0.34 7.96
N VAL A 92 -2.36 0.88 7.43
CA VAL A 92 -1.46 1.22 6.34
C VAL A 92 -0.60 2.42 6.70
N TRP A 93 0.70 2.28 6.49
CA TRP A 93 1.64 3.35 6.78
C TRP A 93 2.72 3.45 5.71
N MET A 94 2.64 4.47 4.87
CA MET A 94 3.61 4.67 3.80
C MET A 94 4.62 5.75 4.20
N LYS A 95 5.88 5.52 3.85
CA LYS A 95 6.94 6.46 4.18
C LYS A 95 8.17 6.25 3.31
N ARG A 96 8.90 7.32 3.03
CA ARG A 96 10.11 7.26 2.23
C ARG A 96 11.28 6.72 3.05
N MET A 97 11.60 5.45 2.85
CA MET A 97 12.69 4.81 3.58
C MET A 97 13.82 4.40 2.65
N ARG A 98 13.66 4.71 1.37
CA ARG A 98 14.68 4.38 0.36
C ARG A 98 14.99 2.88 0.34
N GLN A 99 15.71 2.45 -0.69
CA GLN A 99 16.08 1.04 -0.82
C GLN A 99 17.44 0.93 -1.50
N GLU A 100 17.88 2.01 -2.14
CA GLU A 100 19.16 2.03 -2.83
C GLU A 100 19.76 3.43 -2.85
N ARG A 101 19.19 4.30 -3.67
CA ARG A 101 19.67 5.68 -3.77
C ARG A 101 18.51 6.61 -4.14
N ARG A 102 17.29 6.11 -3.97
CA ARG A 102 16.10 6.90 -4.28
C ARG A 102 15.04 6.74 -3.20
N LEU A 103 14.32 7.82 -2.92
CA LEU A 103 13.26 7.80 -1.91
C LEU A 103 12.21 6.75 -2.25
N CYS A 104 12.27 5.62 -1.58
CA CYS A 104 11.33 4.54 -1.83
C CYS A 104 10.20 4.54 -0.81
N CYS A 105 8.97 4.69 -1.31
CA CYS A 105 7.79 4.70 -0.46
C CYS A 105 7.41 3.26 -0.11
N VAL A 106 7.30 2.98 1.18
CA VAL A 106 6.97 1.64 1.64
C VAL A 106 5.68 1.62 2.45
N VAL A 107 4.80 0.68 2.13
CA VAL A 107 3.53 0.52 2.82
C VAL A 107 3.50 -0.80 3.56
N VAL A 108 2.91 -0.82 4.74
CA VAL A 108 2.82 -2.05 5.50
C VAL A 108 1.39 -2.26 5.99
N LEU A 109 0.69 -3.18 5.35
CA LEU A 109 -0.69 -3.47 5.70
C LEU A 109 -0.77 -4.54 6.78
N GLU A 110 -1.24 -4.14 7.96
CA GLU A 110 -1.36 -5.04 9.09
C GLU A 110 -2.82 -5.19 9.50
N PRO A 111 -3.37 -6.42 9.37
CA PRO A 111 -4.77 -6.69 9.74
C PRO A 111 -5.10 -6.20 11.15
N VAL A 112 -6.26 -5.57 11.31
CA VAL A 112 -6.68 -5.06 12.59
C VAL A 112 -7.14 -6.18 13.52
N GLU A 113 -6.77 -6.07 14.81
CA GLU A 113 -7.13 -7.06 15.81
C GLU A 113 -6.52 -8.43 15.48
N ARG A 114 -5.48 -8.44 14.66
CA ARG A 114 -4.81 -9.67 14.28
C ARG A 114 -3.50 -9.38 13.55
N GLY A 1 6.43 -23.74 8.07
CA GLY A 1 6.44 -22.66 7.04
C GLY A 1 7.84 -22.15 6.77
N ALA A 2 8.07 -20.86 7.06
CA ALA A 2 9.37 -20.25 6.83
C ALA A 2 9.68 -19.20 7.89
N MET A 3 10.60 -18.30 7.59
CA MET A 3 10.96 -17.24 8.53
C MET A 3 9.72 -16.52 9.02
N ASP A 4 8.84 -16.19 8.08
CA ASP A 4 7.59 -15.50 8.40
C ASP A 4 7.81 -14.34 9.35
N PRO A 5 8.41 -13.23 8.86
CA PRO A 5 8.64 -12.05 9.67
C PRO A 5 7.37 -11.62 10.39
N GLU A 6 6.25 -12.03 9.82
CA GLU A 6 4.94 -11.72 10.37
C GLU A 6 3.92 -12.70 9.83
N PHE A 7 4.39 -13.64 9.00
CA PHE A 7 3.53 -14.64 8.38
C PHE A 7 2.44 -13.94 7.56
N ASN A 8 2.61 -12.64 7.40
CA ASN A 8 1.69 -11.81 6.66
C ASN A 8 2.32 -10.45 6.39
N LYS A 9 3.58 -10.29 6.84
CA LYS A 9 4.32 -9.04 6.65
C LYS A 9 4.12 -8.45 5.25
N ALA A 10 3.21 -7.49 5.15
CA ALA A 10 2.92 -6.86 3.87
C ALA A 10 3.96 -5.79 3.54
N ILE A 11 5.00 -6.19 2.80
CA ILE A 11 6.06 -5.26 2.41
C ILE A 11 5.89 -4.80 0.97
N PHE A 12 5.58 -3.52 0.79
CA PHE A 12 5.40 -2.95 -0.53
C PHE A 12 6.43 -1.86 -0.79
N THR A 13 7.40 -2.14 -1.68
CA THR A 13 8.44 -1.17 -1.99
C THR A 13 8.11 -0.42 -3.27
N VAL A 14 8.03 0.91 -3.17
CA VAL A 14 7.71 1.75 -4.31
C VAL A 14 8.53 3.04 -4.28
N ASP A 15 8.39 3.86 -5.31
CA ASP A 15 9.10 5.14 -5.39
C ASP A 15 8.18 6.26 -4.88
N ALA A 16 8.76 7.37 -4.46
CA ALA A 16 7.95 8.48 -3.95
C ALA A 16 7.55 9.43 -5.05
N LYS A 17 8.27 9.41 -6.15
CA LYS A 17 7.96 10.27 -7.27
C LYS A 17 6.68 9.81 -7.94
N THR A 18 6.73 8.63 -8.55
CA THR A 18 5.57 8.09 -9.24
C THR A 18 4.92 6.92 -8.53
N THR A 19 5.55 6.43 -7.47
CA THR A 19 5.02 5.29 -6.71
C THR A 19 5.30 3.99 -7.47
N GLU A 20 4.26 3.28 -7.88
CA GLU A 20 4.41 2.02 -8.61
C GLU A 20 5.23 1.02 -7.82
N ILE A 21 4.57 0.01 -7.28
CA ILE A 21 5.24 -1.02 -6.49
C ILE A 21 6.40 -1.67 -7.23
N LEU A 22 7.62 -1.27 -6.87
CA LEU A 22 8.81 -1.83 -7.48
C LEU A 22 8.82 -3.34 -7.34
N VAL A 23 8.32 -3.83 -6.21
CA VAL A 23 8.24 -5.26 -5.94
C VAL A 23 7.55 -5.53 -4.60
N ALA A 24 7.01 -6.74 -4.47
CA ALA A 24 6.33 -7.15 -3.24
C ALA A 24 6.66 -8.60 -2.93
N ASN A 25 6.72 -8.94 -1.65
CA ASN A 25 7.06 -10.31 -1.25
C ASN A 25 5.82 -11.20 -1.14
N ASP A 26 6.04 -12.41 -0.64
CA ASP A 26 4.96 -13.37 -0.47
C ASP A 26 3.93 -12.83 0.50
N LYS A 27 4.31 -12.77 1.78
CA LYS A 27 3.41 -12.27 2.83
C LYS A 27 2.48 -11.18 2.28
N ALA A 28 3.06 -10.04 1.91
CA ALA A 28 2.29 -8.93 1.35
C ALA A 28 1.30 -9.41 0.30
N CYS A 29 1.82 -10.00 -0.77
CA CYS A 29 0.99 -10.51 -1.86
C CYS A 29 -0.13 -11.40 -1.32
N GLY A 30 0.18 -12.17 -0.28
CA GLY A 30 -0.81 -13.03 0.33
C GLY A 30 -1.98 -12.23 0.88
N LEU A 31 -1.66 -11.10 1.50
CA LEU A 31 -2.67 -10.22 2.06
C LEU A 31 -3.75 -9.95 1.00
N LEU A 32 -3.33 -9.45 -0.15
CA LEU A 32 -4.26 -9.19 -1.25
C LEU A 32 -4.47 -10.46 -2.07
N GLY A 33 -3.55 -10.70 -3.00
CA GLY A 33 -3.64 -11.86 -3.86
C GLY A 33 -2.77 -11.72 -5.09
N TYR A 34 -1.74 -10.89 -5.00
CA TYR A 34 -0.83 -10.64 -6.11
C TYR A 34 0.52 -11.32 -5.85
N SER A 35 1.59 -10.65 -6.25
CA SER A 35 2.95 -11.13 -6.07
C SER A 35 3.95 -10.19 -6.73
N SER A 36 5.22 -10.37 -6.41
CA SER A 36 6.28 -9.52 -6.96
C SER A 36 6.15 -9.36 -8.48
N GLN A 37 5.71 -10.42 -9.15
CA GLN A 37 5.55 -10.39 -10.61
C GLN A 37 4.12 -10.15 -11.04
N ASP A 38 3.18 -10.21 -10.10
CA ASP A 38 1.77 -10.02 -10.44
C ASP A 38 1.25 -8.64 -10.06
N LEU A 39 2.05 -7.86 -9.34
CA LEU A 39 1.64 -6.53 -8.91
C LEU A 39 2.67 -5.47 -9.28
N ILE A 40 3.84 -5.91 -9.72
CA ILE A 40 4.91 -4.96 -10.09
C ILE A 40 4.49 -4.12 -11.29
N GLY A 41 4.95 -2.87 -11.31
CA GLY A 41 4.63 -1.98 -12.40
C GLY A 41 3.40 -1.15 -12.12
N GLN A 42 2.46 -1.71 -11.36
CA GLN A 42 1.23 -1.00 -11.02
C GLN A 42 1.42 -0.24 -9.70
N LYS A 43 0.36 0.43 -9.26
CA LYS A 43 0.40 1.18 -8.02
C LYS A 43 -0.38 0.44 -6.93
N LEU A 44 0.27 0.18 -5.81
CA LEU A 44 -0.35 -0.55 -4.71
C LEU A 44 -1.75 -0.03 -4.41
N THR A 45 -1.90 1.29 -4.35
CA THR A 45 -3.19 1.93 -4.04
C THR A 45 -4.31 1.44 -4.95
N GLN A 46 -3.96 0.96 -6.13
CA GLN A 46 -4.96 0.46 -7.06
C GLN A 46 -5.72 -0.70 -6.42
N PHE A 47 -5.04 -1.39 -5.52
CA PHE A 47 -5.61 -2.52 -4.81
C PHE A 47 -5.93 -2.16 -3.37
N PHE A 48 -6.33 -0.91 -3.15
CA PHE A 48 -6.68 -0.43 -1.81
C PHE A 48 -7.81 0.59 -1.90
N LEU A 49 -8.68 0.57 -0.88
CA LEU A 49 -9.83 1.49 -0.78
C LEU A 49 -10.14 2.20 -2.09
N ARG A 50 -11.11 1.66 -2.83
CA ARG A 50 -11.53 2.25 -4.10
C ARG A 50 -10.40 2.23 -5.12
N SER A 51 -10.52 1.36 -6.12
CA SER A 51 -9.52 1.23 -7.17
C SER A 51 -9.80 2.18 -8.33
N ASP A 52 -10.91 2.91 -8.25
CA ASP A 52 -11.30 3.83 -9.32
C ASP A 52 -10.75 5.25 -9.10
N SER A 53 -11.31 5.95 -8.13
CA SER A 53 -10.90 7.34 -7.86
C SER A 53 -9.78 7.44 -6.82
N ASP A 54 -10.04 6.90 -5.62
CA ASP A 54 -9.08 6.96 -4.53
C ASP A 54 -7.63 6.81 -4.98
N VAL A 55 -7.33 5.71 -5.68
CA VAL A 55 -5.97 5.46 -6.16
C VAL A 55 -5.40 6.64 -6.95
N VAL A 56 -6.26 7.31 -7.70
CA VAL A 56 -5.85 8.44 -8.53
C VAL A 56 -5.58 9.70 -7.69
N GLU A 57 -6.24 9.82 -6.54
CA GLU A 57 -6.05 10.99 -5.68
C GLU A 57 -4.90 10.79 -4.69
N ALA A 58 -4.84 9.60 -4.11
CA ALA A 58 -3.81 9.27 -3.13
C ALA A 58 -2.41 9.49 -3.67
N LEU A 59 -2.22 9.25 -4.96
CA LEU A 59 -0.92 9.42 -5.59
C LEU A 59 -0.81 10.78 -6.28
N SER A 60 -1.92 11.52 -6.32
CA SER A 60 -1.93 12.83 -6.95
C SER A 60 -1.78 13.94 -5.91
N GLU A 61 -0.69 14.69 -6.02
CA GLU A 61 -0.39 15.79 -5.09
C GLU A 61 -0.01 15.27 -3.70
N GLU A 62 -0.33 14.01 -3.42
CA GLU A 62 -0.04 13.38 -2.14
C GLU A 62 -0.93 13.97 -1.05
N HIS A 63 -0.74 13.50 0.19
CA HIS A 63 -1.52 13.96 1.33
C HIS A 63 -2.93 14.37 0.90
N MET A 64 -3.32 15.60 1.20
CA MET A 64 -4.62 16.11 0.81
C MET A 64 -4.55 16.67 -0.61
N GLU A 65 -5.63 16.49 -1.37
CA GLU A 65 -5.68 16.96 -2.75
C GLU A 65 -5.54 18.49 -2.82
N ALA A 66 -5.50 19.14 -1.66
CA ALA A 66 -5.38 20.60 -1.61
C ALA A 66 -5.18 21.09 -0.17
N ASP A 67 -4.48 20.29 0.63
CA ASP A 67 -4.20 20.64 2.02
C ASP A 67 -5.51 20.91 2.78
N GLY A 68 -6.59 20.33 2.30
CA GLY A 68 -7.88 20.51 2.94
C GLY A 68 -8.90 19.48 2.51
N HIS A 69 -8.44 18.25 2.30
CA HIS A 69 -9.31 17.16 1.88
C HIS A 69 -9.18 15.96 2.81
N ALA A 70 -10.07 14.99 2.64
CA ALA A 70 -10.06 13.79 3.47
C ALA A 70 -10.41 12.55 2.65
N ALA A 71 -10.76 12.76 1.38
CA ALA A 71 -11.11 11.66 0.49
C ALA A 71 -9.90 10.82 0.12
N VAL A 72 -8.71 11.39 0.32
CA VAL A 72 -7.47 10.69 0.01
C VAL A 72 -6.74 10.27 1.29
N VAL A 73 -6.82 8.98 1.60
CA VAL A 73 -6.18 8.43 2.78
C VAL A 73 -5.55 7.07 2.48
N PHE A 74 -4.34 6.85 3.01
CA PHE A 74 -3.63 5.59 2.78
C PHE A 74 -2.61 5.34 3.88
N GLY A 75 -1.92 6.39 4.31
CA GLY A 75 -0.91 6.23 5.36
C GLY A 75 -1.53 6.07 6.74
N THR A 76 -2.71 5.48 6.79
CA THR A 76 -3.42 5.26 8.05
C THR A 76 -4.26 3.99 7.98
N VAL A 77 -4.74 3.51 9.12
CA VAL A 77 -5.56 2.31 9.17
C VAL A 77 -6.86 2.56 8.40
N VAL A 78 -6.92 2.03 7.19
CA VAL A 78 -8.10 2.20 6.34
C VAL A 78 -8.65 0.88 5.85
N ASP A 79 -9.80 0.95 5.17
CA ASP A 79 -10.44 -0.23 4.61
C ASP A 79 -9.92 -0.46 3.20
N ILE A 80 -9.15 -1.53 3.02
CA ILE A 80 -8.59 -1.83 1.71
C ILE A 80 -9.40 -2.90 0.99
N ILE A 81 -9.17 -3.02 -0.31
CA ILE A 81 -9.86 -4.01 -1.13
C ILE A 81 -8.87 -4.70 -2.06
N SER A 82 -8.93 -6.03 -2.10
CA SER A 82 -8.04 -6.79 -2.95
C SER A 82 -8.63 -6.99 -4.35
N ARG A 83 -7.80 -7.48 -5.26
CA ARG A 83 -8.23 -7.72 -6.64
C ARG A 83 -9.56 -8.45 -6.72
N SER A 84 -9.86 -9.28 -5.73
CA SER A 84 -11.10 -10.05 -5.73
C SER A 84 -12.21 -9.31 -4.99
N GLY A 85 -11.82 -8.34 -4.18
CA GLY A 85 -12.80 -7.58 -3.42
C GLY A 85 -13.12 -8.24 -2.11
N GLU A 86 -12.65 -7.64 -1.03
CA GLU A 86 -12.88 -8.20 0.29
C GLU A 86 -13.26 -7.11 1.30
N LYS A 87 -12.77 -5.89 1.08
CA LYS A 87 -13.06 -4.77 1.95
C LYS A 87 -12.71 -5.11 3.41
N ILE A 88 -11.44 -5.46 3.64
CA ILE A 88 -10.97 -5.81 4.97
C ILE A 88 -10.25 -4.64 5.63
N PRO A 89 -10.69 -4.23 6.83
CA PRO A 89 -10.06 -3.11 7.56
C PRO A 89 -8.66 -3.47 8.04
N VAL A 90 -7.68 -2.66 7.64
CA VAL A 90 -6.30 -2.90 8.04
C VAL A 90 -5.56 -1.59 8.30
N SER A 91 -4.35 -1.71 8.81
CA SER A 91 -3.51 -0.56 9.09
C SER A 91 -2.45 -0.38 8.02
N VAL A 92 -2.36 0.81 7.45
CA VAL A 92 -1.38 1.09 6.41
C VAL A 92 -0.52 2.28 6.77
N TRP A 93 0.78 2.15 6.52
CA TRP A 93 1.72 3.22 6.82
C TRP A 93 2.74 3.38 5.69
N MET A 94 2.66 4.52 5.00
CA MET A 94 3.56 4.81 3.90
C MET A 94 4.69 5.72 4.35
N LYS A 95 5.93 5.30 4.09
CA LYS A 95 7.11 6.07 4.47
C LYS A 95 8.04 6.24 3.28
N ARG A 96 8.24 7.48 2.85
CA ARG A 96 9.10 7.77 1.72
C ARG A 96 10.56 7.82 2.13
N MET A 97 11.04 6.71 2.69
CA MET A 97 12.44 6.62 3.10
C MET A 97 13.33 6.50 1.87
N ARG A 98 14.63 6.38 2.07
CA ARG A 98 15.56 6.25 0.95
C ARG A 98 15.56 4.84 0.39
N GLN A 99 16.04 3.88 1.18
CA GLN A 99 16.09 2.49 0.76
C GLN A 99 17.01 2.32 -0.44
N GLU A 100 16.49 2.57 -1.63
CA GLU A 100 17.28 2.44 -2.86
C GLU A 100 18.10 3.71 -3.10
N ARG A 101 18.42 3.98 -4.36
CA ARG A 101 19.20 5.17 -4.71
C ARG A 101 18.38 6.43 -4.48
N ARG A 102 17.07 6.32 -4.64
CA ARG A 102 16.18 7.46 -4.44
C ARG A 102 15.20 7.16 -3.32
N LEU A 103 14.63 8.22 -2.74
CA LEU A 103 13.66 8.06 -1.65
C LEU A 103 12.52 7.16 -2.07
N CYS A 104 12.63 5.87 -1.75
CA CYS A 104 11.60 4.89 -2.10
C CYS A 104 10.52 4.84 -1.04
N CYS A 105 9.27 4.97 -1.47
CA CYS A 105 8.14 4.92 -0.56
C CYS A 105 7.77 3.48 -0.24
N VAL A 106 7.73 3.15 1.05
CA VAL A 106 7.39 1.81 1.50
C VAL A 106 6.04 1.79 2.20
N VAL A 107 5.24 0.76 1.89
CA VAL A 107 3.92 0.62 2.50
C VAL A 107 3.80 -0.75 3.16
N VAL A 108 3.33 -0.77 4.40
CA VAL A 108 3.18 -2.02 5.13
C VAL A 108 1.76 -2.19 5.64
N LEU A 109 1.08 -3.22 5.14
CA LEU A 109 -0.30 -3.51 5.52
C LEU A 109 -0.35 -4.53 6.65
N GLU A 110 -1.10 -4.22 7.71
CA GLU A 110 -1.23 -5.12 8.85
C GLU A 110 -2.68 -5.17 9.33
N PRO A 111 -3.34 -6.34 9.23
CA PRO A 111 -4.73 -6.52 9.66
C PRO A 111 -4.99 -5.92 11.04
N VAL A 112 -6.15 -5.29 11.19
CA VAL A 112 -6.52 -4.67 12.47
C VAL A 112 -6.76 -5.73 13.53
N GLU A 113 -6.50 -5.36 14.79
CA GLU A 113 -6.69 -6.28 15.90
C GLU A 113 -8.10 -6.15 16.48
N ARG A 114 -9.05 -6.81 15.83
CA ARG A 114 -10.44 -6.77 16.27
C ARG A 114 -11.04 -8.18 16.32
N GLY A 1 17.90 -16.02 4.85
CA GLY A 1 17.44 -14.65 5.20
C GLY A 1 15.98 -14.59 5.59
N ALA A 2 15.55 -13.47 6.14
CA ALA A 2 14.17 -13.27 6.55
C ALA A 2 13.79 -14.23 7.68
N MET A 3 12.71 -13.91 8.38
CA MET A 3 12.23 -14.74 9.48
C MET A 3 10.79 -14.39 9.84
N ASP A 4 10.47 -13.10 9.78
CA ASP A 4 9.12 -12.64 10.09
C ASP A 4 8.93 -11.16 9.75
N PRO A 5 9.84 -10.27 10.21
CA PRO A 5 9.75 -8.83 9.93
C PRO A 5 9.54 -8.55 8.44
N GLU A 6 9.98 -9.48 7.60
CA GLU A 6 9.85 -9.33 6.16
C GLU A 6 9.33 -10.63 5.53
N PHE A 7 9.33 -11.69 6.31
CA PHE A 7 8.86 -12.99 5.84
C PHE A 7 7.34 -13.05 5.87
N ASN A 8 6.77 -12.88 7.07
CA ASN A 8 5.33 -12.91 7.24
C ASN A 8 4.77 -11.50 7.43
N LYS A 9 5.17 -10.59 6.53
CA LYS A 9 4.71 -9.21 6.61
C LYS A 9 4.33 -8.68 5.23
N ALA A 10 3.28 -7.85 5.21
CA ALA A 10 2.80 -7.27 3.97
C ALA A 10 3.58 -6.00 3.65
N ILE A 11 4.66 -6.15 2.91
CA ILE A 11 5.51 -5.01 2.55
C ILE A 11 5.48 -4.76 1.05
N PHE A 12 5.19 -3.51 0.67
CA PHE A 12 5.15 -3.12 -0.73
C PHE A 12 6.19 -2.04 -0.99
N THR A 13 7.25 -2.38 -1.72
CA THR A 13 8.30 -1.42 -2.01
C THR A 13 8.02 -0.70 -3.32
N VAL A 14 7.80 0.60 -3.23
CA VAL A 14 7.50 1.42 -4.39
C VAL A 14 8.32 2.71 -4.36
N ASP A 15 8.23 3.52 -5.41
CA ASP A 15 8.94 4.79 -5.47
C ASP A 15 7.98 5.91 -5.09
N ALA A 16 8.51 7.05 -4.67
CA ALA A 16 7.66 8.17 -4.26
C ALA A 16 7.30 9.08 -5.42
N LYS A 17 8.08 9.03 -6.49
CA LYS A 17 7.80 9.87 -7.64
C LYS A 17 6.48 9.47 -8.30
N THR A 18 6.47 8.26 -8.88
CA THR A 18 5.29 7.76 -9.56
C THR A 18 4.61 6.61 -8.84
N THR A 19 5.19 6.19 -7.73
CA THR A 19 4.66 5.07 -6.95
C THR A 19 5.15 3.75 -7.53
N GLU A 20 4.46 3.25 -8.55
CA GLU A 20 4.83 2.00 -9.23
C GLU A 20 5.59 1.04 -8.31
N ILE A 21 4.88 0.09 -7.72
CA ILE A 21 5.49 -0.88 -6.81
C ILE A 21 6.68 -1.58 -7.45
N LEU A 22 7.88 -1.24 -6.98
CA LEU A 22 9.11 -1.83 -7.48
C LEU A 22 9.11 -3.35 -7.27
N VAL A 23 8.52 -3.79 -6.16
CA VAL A 23 8.46 -5.22 -5.85
C VAL A 23 7.70 -5.47 -4.54
N ALA A 24 7.26 -6.70 -4.35
CA ALA A 24 6.55 -7.09 -3.14
C ALA A 24 6.89 -8.52 -2.75
N ASN A 25 6.75 -8.85 -1.48
CA ASN A 25 7.08 -10.19 -1.00
C ASN A 25 5.85 -11.10 -0.95
N ASP A 26 6.04 -12.29 -0.38
CA ASP A 26 4.98 -13.27 -0.27
C ASP A 26 3.82 -12.75 0.57
N LYS A 27 4.02 -12.66 1.89
CA LYS A 27 2.96 -12.19 2.79
C LYS A 27 2.12 -11.10 2.15
N ALA A 28 2.76 -9.97 1.82
CA ALA A 28 2.04 -8.86 1.19
C ALA A 28 1.17 -9.36 0.04
N CYS A 29 1.77 -10.12 -0.86
CA CYS A 29 1.06 -10.67 -2.01
C CYS A 29 -0.11 -11.54 -1.53
N GLY A 30 0.13 -12.28 -0.44
CA GLY A 30 -0.91 -13.12 0.11
C GLY A 30 -2.08 -12.29 0.60
N LEU A 31 -1.75 -11.13 1.15
CA LEU A 31 -2.75 -10.20 1.65
C LEU A 31 -3.84 -9.98 0.59
N LEU A 32 -3.42 -9.55 -0.59
CA LEU A 32 -4.37 -9.34 -1.68
C LEU A 32 -4.46 -10.58 -2.57
N GLY A 33 -3.43 -10.81 -3.38
CA GLY A 33 -3.42 -11.95 -4.26
C GLY A 33 -2.49 -11.75 -5.43
N TYR A 34 -1.48 -10.90 -5.24
CA TYR A 34 -0.51 -10.60 -6.30
C TYR A 34 0.83 -11.23 -5.98
N SER A 35 1.91 -10.54 -6.33
CA SER A 35 3.28 -11.00 -6.08
C SER A 35 4.28 -10.06 -6.74
N SER A 36 5.54 -10.19 -6.35
CA SER A 36 6.60 -9.34 -6.90
C SER A 36 6.51 -9.22 -8.41
N GLN A 37 6.09 -10.29 -9.08
CA GLN A 37 5.97 -10.30 -10.54
C GLN A 37 4.55 -10.07 -11.03
N ASP A 38 3.57 -10.15 -10.13
CA ASP A 38 2.17 -9.98 -10.52
C ASP A 38 1.61 -8.60 -10.14
N LEU A 39 2.37 -7.82 -9.39
CA LEU A 39 1.91 -6.49 -8.99
C LEU A 39 2.90 -5.40 -9.40
N ILE A 40 4.08 -5.83 -9.86
CA ILE A 40 5.10 -4.89 -10.28
C ILE A 40 4.68 -4.17 -11.57
N GLY A 41 4.95 -2.88 -11.64
CA GLY A 41 4.58 -2.09 -12.81
C GLY A 41 3.37 -1.23 -12.55
N GLN A 42 2.53 -1.66 -11.61
CA GLN A 42 1.33 -0.91 -11.26
C GLN A 42 1.53 -0.19 -9.93
N LYS A 43 0.44 0.35 -9.40
CA LYS A 43 0.50 1.08 -8.14
C LYS A 43 -0.32 0.33 -7.08
N LEU A 44 0.30 0.09 -5.93
CA LEU A 44 -0.37 -0.64 -4.85
C LEU A 44 -1.77 -0.11 -4.59
N THR A 45 -1.92 1.21 -4.58
CA THR A 45 -3.21 1.85 -4.33
C THR A 45 -4.31 1.32 -5.24
N GLN A 46 -3.92 0.75 -6.37
CA GLN A 46 -4.89 0.19 -7.31
C GLN A 46 -5.66 -0.92 -6.64
N PHE A 47 -5.05 -1.51 -5.61
CA PHE A 47 -5.65 -2.60 -4.88
C PHE A 47 -5.94 -2.21 -3.43
N PHE A 48 -6.55 -1.04 -3.24
CA PHE A 48 -6.89 -0.55 -1.90
C PHE A 48 -8.15 0.30 -1.92
N LEU A 49 -8.90 0.29 -0.81
CA LEU A 49 -10.14 1.03 -0.66
C LEU A 49 -10.82 1.32 -2.01
N ARG A 50 -10.69 2.55 -2.48
CA ARG A 50 -11.27 2.93 -3.76
C ARG A 50 -10.22 2.94 -4.86
N SER A 51 -10.19 1.88 -5.65
CA SER A 51 -9.24 1.74 -6.73
C SER A 51 -9.49 2.72 -7.86
N ASP A 52 -10.57 3.49 -7.77
CA ASP A 52 -10.91 4.45 -8.81
C ASP A 52 -10.34 5.84 -8.55
N SER A 53 -10.89 6.54 -7.56
CA SER A 53 -10.45 7.90 -7.24
C SER A 53 -9.40 7.93 -6.13
N ASP A 54 -9.71 7.30 -5.00
CA ASP A 54 -8.81 7.28 -3.84
C ASP A 54 -7.35 7.07 -4.21
N VAL A 55 -7.09 6.34 -5.30
CA VAL A 55 -5.72 6.06 -5.70
C VAL A 55 -5.05 7.28 -6.34
N VAL A 56 -5.84 8.09 -7.04
CA VAL A 56 -5.32 9.27 -7.71
C VAL A 56 -5.13 10.43 -6.72
N GLU A 57 -5.88 10.41 -5.63
CA GLU A 57 -5.77 11.47 -4.62
C GLU A 57 -4.72 11.14 -3.57
N ALA A 58 -4.72 9.88 -3.13
CA ALA A 58 -3.77 9.43 -2.10
C ALA A 58 -2.32 9.71 -2.51
N LEU A 59 -2.04 9.60 -3.81
CA LEU A 59 -0.71 9.85 -4.32
C LEU A 59 -0.56 11.28 -4.81
N SER A 60 -1.68 12.02 -4.85
CA SER A 60 -1.65 13.41 -5.30
C SER A 60 -1.49 14.35 -4.10
N GLU A 61 -0.40 15.11 -4.13
CA GLU A 61 -0.10 16.06 -3.05
C GLU A 61 0.29 15.34 -1.76
N GLU A 62 0.03 14.03 -1.72
CA GLU A 62 0.36 13.21 -0.54
C GLU A 62 -0.54 13.55 0.64
N HIS A 63 -0.27 12.90 1.77
CA HIS A 63 -1.04 13.10 3.00
C HIS A 63 -2.54 13.25 2.72
N MET A 64 -3.22 14.03 3.56
CA MET A 64 -4.66 14.24 3.42
C MET A 64 -4.97 15.20 2.27
N GLU A 65 -3.95 15.61 1.52
CA GLU A 65 -4.10 16.52 0.40
C GLU A 65 -4.38 17.95 0.88
N ALA A 66 -5.09 18.06 1.99
CA ALA A 66 -5.42 19.37 2.56
C ALA A 66 -4.45 19.76 3.66
N ASP A 67 -3.54 18.84 4.00
CA ASP A 67 -2.56 19.08 5.05
C ASP A 67 -3.23 19.42 6.36
N GLY A 68 -3.55 18.39 7.14
CA GLY A 68 -4.20 18.60 8.43
C GLY A 68 -5.69 18.36 8.37
N HIS A 69 -6.09 17.25 7.76
CA HIS A 69 -7.50 16.91 7.63
C HIS A 69 -7.67 15.39 7.52
N ALA A 70 -8.84 14.98 7.01
CA ALA A 70 -9.15 13.56 6.85
C ALA A 70 -10.00 13.34 5.61
N ALA A 71 -9.47 13.71 4.45
CA ALA A 71 -10.18 13.55 3.19
C ALA A 71 -9.71 12.30 2.45
N VAL A 72 -8.51 12.36 1.89
CA VAL A 72 -7.95 11.23 1.16
C VAL A 72 -6.53 10.94 1.59
N VAL A 73 -6.36 9.90 2.39
CA VAL A 73 -5.04 9.51 2.88
C VAL A 73 -4.85 8.00 2.85
N PHE A 74 -3.67 7.57 2.41
CA PHE A 74 -3.35 6.14 2.34
C PHE A 74 -2.13 5.84 3.23
N GLY A 75 -2.09 6.50 4.38
CA GLY A 75 -1.01 6.30 5.33
C GLY A 75 -1.53 6.13 6.74
N THR A 76 -2.72 5.53 6.82
CA THR A 76 -3.38 5.28 8.09
C THR A 76 -4.21 4.00 8.02
N VAL A 77 -4.66 3.51 9.18
CA VAL A 77 -5.48 2.30 9.21
C VAL A 77 -6.79 2.56 8.49
N VAL A 78 -6.87 2.10 7.24
CA VAL A 78 -8.07 2.29 6.42
C VAL A 78 -8.65 0.96 5.97
N ASP A 79 -9.76 1.03 5.24
CA ASP A 79 -10.40 -0.17 4.72
C ASP A 79 -9.91 -0.44 3.31
N ILE A 80 -9.20 -1.55 3.12
CA ILE A 80 -8.66 -1.89 1.82
C ILE A 80 -9.41 -3.05 1.18
N ILE A 81 -9.08 -3.32 -0.08
CA ILE A 81 -9.69 -4.40 -0.84
C ILE A 81 -8.69 -4.97 -1.83
N SER A 82 -8.80 -6.26 -2.10
CA SER A 82 -7.89 -6.93 -3.03
C SER A 82 -8.49 -6.99 -4.43
N ARG A 83 -7.67 -7.43 -5.39
CA ARG A 83 -8.09 -7.53 -6.79
C ARG A 83 -9.51 -8.10 -6.92
N SER A 84 -9.87 -9.02 -6.03
CA SER A 84 -11.19 -9.65 -6.07
C SER A 84 -12.17 -8.96 -5.12
N GLY A 85 -11.64 -8.24 -4.13
CA GLY A 85 -12.49 -7.56 -3.18
C GLY A 85 -12.68 -8.37 -1.92
N GLU A 86 -12.06 -7.92 -0.84
CA GLU A 86 -12.15 -8.62 0.44
C GLU A 86 -12.84 -7.75 1.48
N LYS A 87 -12.67 -6.43 1.36
CA LYS A 87 -13.29 -5.50 2.28
C LYS A 87 -12.91 -5.83 3.72
N ILE A 88 -11.76 -5.33 4.16
CA ILE A 88 -11.28 -5.57 5.52
C ILE A 88 -10.38 -4.43 5.99
N PRO A 89 -10.61 -3.92 7.21
CA PRO A 89 -9.82 -2.83 7.77
C PRO A 89 -8.40 -3.27 8.14
N VAL A 90 -7.42 -2.47 7.74
CA VAL A 90 -6.02 -2.77 8.02
C VAL A 90 -5.23 -1.49 8.24
N SER A 91 -4.01 -1.63 8.77
CA SER A 91 -3.15 -0.49 9.04
C SER A 91 -2.19 -0.25 7.89
N VAL A 92 -2.19 0.97 7.35
CA VAL A 92 -1.31 1.31 6.25
C VAL A 92 -0.37 2.45 6.64
N TRP A 93 0.93 2.25 6.44
CA TRP A 93 1.90 3.27 6.78
C TRP A 93 2.93 3.45 5.66
N MET A 94 2.84 4.60 4.98
CA MET A 94 3.76 4.91 3.89
C MET A 94 4.89 5.81 4.37
N LYS A 95 6.12 5.51 3.96
CA LYS A 95 7.28 6.30 4.37
C LYS A 95 8.46 6.08 3.43
N ARG A 96 9.06 7.18 2.98
CA ARG A 96 10.21 7.12 2.09
C ARG A 96 11.46 6.60 2.81
N MET A 97 11.91 5.42 2.41
CA MET A 97 13.07 4.78 3.02
C MET A 97 14.21 4.64 2.01
N ARG A 98 14.02 5.19 0.81
CA ARG A 98 15.03 5.13 -0.25
C ARG A 98 15.27 3.71 -0.73
N GLN A 99 16.04 2.96 0.06
CA GLN A 99 16.36 1.56 -0.28
C GLN A 99 17.22 1.49 -1.54
N GLU A 100 17.54 2.66 -2.10
CA GLU A 100 18.35 2.72 -3.32
C GLU A 100 18.77 4.16 -3.60
N ARG A 101 19.19 4.42 -4.84
CA ARG A 101 19.62 5.76 -5.24
C ARG A 101 18.43 6.70 -5.35
N ARG A 102 17.24 6.13 -5.54
CA ARG A 102 16.02 6.92 -5.65
C ARG A 102 15.13 6.72 -4.43
N LEU A 103 14.67 7.83 -3.86
CA LEU A 103 13.78 7.80 -2.70
C LEU A 103 12.58 6.92 -2.97
N CYS A 104 12.54 5.74 -2.36
CA CYS A 104 11.44 4.80 -2.56
C CYS A 104 10.42 4.85 -1.42
N CYS A 105 9.16 4.80 -1.79
CA CYS A 105 8.04 4.82 -0.85
C CYS A 105 7.66 3.39 -0.46
N VAL A 106 7.55 3.13 0.85
CA VAL A 106 7.20 1.80 1.33
C VAL A 106 5.83 1.80 2.03
N VAL A 107 5.06 0.75 1.79
CA VAL A 107 3.73 0.60 2.39
C VAL A 107 3.59 -0.77 3.04
N VAL A 108 3.29 -0.80 4.33
CA VAL A 108 3.14 -2.05 5.05
C VAL A 108 1.72 -2.22 5.57
N LEU A 109 1.03 -3.24 5.07
CA LEU A 109 -0.34 -3.51 5.46
C LEU A 109 -0.40 -4.57 6.56
N GLU A 110 -1.19 -4.30 7.60
CA GLU A 110 -1.33 -5.23 8.71
C GLU A 110 -2.78 -5.32 9.17
N PRO A 111 -3.41 -6.50 9.02
CA PRO A 111 -4.81 -6.71 9.41
C PRO A 111 -5.07 -6.29 10.87
N VAL A 112 -6.17 -5.59 11.09
CA VAL A 112 -6.53 -5.13 12.41
C VAL A 112 -7.52 -6.09 13.08
N GLU A 113 -7.65 -5.99 14.40
CA GLU A 113 -8.57 -6.85 15.14
C GLU A 113 -9.99 -6.31 15.07
N ARG A 114 -10.94 -7.19 14.77
CA ARG A 114 -12.34 -6.80 14.68
C ARG A 114 -13.14 -7.39 15.83
N GLY A 1 1.02 -12.89 14.51
CA GLY A 1 -0.03 -13.05 15.54
C GLY A 1 -0.43 -11.74 16.19
N ALA A 2 0.55 -11.01 16.70
CA ALA A 2 0.30 -9.74 17.35
C ALA A 2 1.22 -8.65 16.80
N MET A 3 2.38 -9.06 16.29
CA MET A 3 3.35 -8.12 15.73
C MET A 3 3.57 -8.41 14.24
N ASP A 4 4.68 -9.08 13.92
CA ASP A 4 5.01 -9.41 12.55
C ASP A 4 6.07 -10.51 12.48
N PRO A 5 5.73 -11.72 12.96
CA PRO A 5 6.66 -12.85 12.96
C PRO A 5 6.71 -13.58 11.62
N GLU A 6 6.80 -12.80 10.54
CA GLU A 6 6.86 -13.36 9.19
C GLU A 6 5.65 -14.23 8.91
N PHE A 7 4.50 -13.84 9.46
CA PHE A 7 3.26 -14.58 9.28
C PHE A 7 2.46 -14.04 8.11
N ASN A 8 2.38 -12.72 8.01
CA ASN A 8 1.64 -12.06 6.94
C ASN A 8 2.14 -10.63 6.72
N LYS A 9 3.45 -10.44 6.91
CA LYS A 9 4.06 -9.13 6.75
C LYS A 9 3.88 -8.60 5.33
N ALA A 10 2.94 -7.68 5.17
CA ALA A 10 2.68 -7.10 3.86
C ALA A 10 3.62 -5.94 3.56
N ILE A 11 4.69 -6.22 2.84
CA ILE A 11 5.67 -5.20 2.49
C ILE A 11 5.64 -4.90 1.00
N PHE A 12 5.31 -3.66 0.66
CA PHE A 12 5.25 -3.22 -0.73
C PHE A 12 6.24 -2.09 -0.97
N THR A 13 7.31 -2.36 -1.70
CA THR A 13 8.31 -1.34 -1.99
C THR A 13 7.95 -0.59 -3.27
N VAL A 14 7.80 0.72 -3.15
CA VAL A 14 7.44 1.57 -4.28
C VAL A 14 8.25 2.86 -4.29
N ASP A 15 8.11 3.62 -5.38
CA ASP A 15 8.81 4.90 -5.49
C ASP A 15 7.83 6.04 -5.16
N ALA A 16 8.35 7.23 -4.91
CA ALA A 16 7.50 8.36 -4.56
C ALA A 16 6.99 9.12 -5.79
N LYS A 17 7.63 8.89 -6.93
CA LYS A 17 7.22 9.56 -8.16
C LYS A 17 5.88 9.00 -8.66
N THR A 18 5.86 7.70 -8.90
CA THR A 18 4.64 7.06 -9.40
C THR A 18 4.06 6.03 -8.45
N THR A 19 4.80 5.71 -7.40
CA THR A 19 4.34 4.73 -6.42
C THR A 19 4.35 3.32 -7.02
N GLU A 20 4.94 3.19 -8.19
CA GLU A 20 5.03 1.90 -8.87
C GLU A 20 5.73 0.88 -7.98
N ILE A 21 4.99 -0.14 -7.55
CA ILE A 21 5.56 -1.16 -6.68
C ILE A 21 6.73 -1.88 -7.34
N LEU A 22 7.94 -1.49 -6.93
CA LEU A 22 9.16 -2.08 -7.46
C LEU A 22 9.14 -3.60 -7.31
N VAL A 23 8.58 -4.07 -6.19
CA VAL A 23 8.49 -5.50 -5.92
C VAL A 23 7.78 -5.75 -4.59
N ALA A 24 7.23 -6.96 -4.44
CA ALA A 24 6.54 -7.35 -3.22
C ALA A 24 6.90 -8.79 -2.85
N ASN A 25 6.70 -9.14 -1.58
CA ASN A 25 7.03 -10.48 -1.12
C ASN A 25 5.80 -11.38 -1.03
N ASP A 26 6.02 -12.60 -0.51
CA ASP A 26 4.95 -13.56 -0.36
C ASP A 26 3.87 -13.03 0.57
N LYS A 27 4.18 -12.94 1.86
CA LYS A 27 3.24 -12.44 2.86
C LYS A 27 2.35 -11.36 2.27
N ALA A 28 2.94 -10.21 1.92
CA ALA A 28 2.19 -9.11 1.32
C ALA A 28 1.25 -9.61 0.22
N CYS A 29 1.82 -10.28 -0.78
CA CYS A 29 1.05 -10.81 -1.89
C CYS A 29 -0.11 -11.67 -1.37
N GLY A 30 0.15 -12.41 -0.29
CA GLY A 30 -0.88 -13.24 0.29
C GLY A 30 -2.04 -12.41 0.80
N LEU A 31 -1.70 -11.24 1.35
CA LEU A 31 -2.69 -10.31 1.87
C LEU A 31 -3.77 -10.07 0.82
N LEU A 32 -3.37 -9.59 -0.36
CA LEU A 32 -4.35 -9.36 -1.43
C LEU A 32 -4.47 -10.58 -2.34
N GLY A 33 -3.47 -10.78 -3.20
CA GLY A 33 -3.50 -11.91 -4.11
C GLY A 33 -2.62 -11.69 -5.32
N TYR A 34 -1.51 -10.97 -5.11
CA TYR A 34 -0.57 -10.67 -6.19
C TYR A 34 0.76 -11.36 -5.93
N SER A 35 1.85 -10.70 -6.34
CA SER A 35 3.21 -11.21 -6.14
C SER A 35 4.22 -10.27 -6.78
N SER A 36 5.48 -10.43 -6.39
CA SER A 36 6.55 -9.58 -6.91
C SER A 36 6.44 -9.35 -8.42
N GLN A 37 6.04 -10.38 -9.16
CA GLN A 37 5.93 -10.28 -10.61
C GLN A 37 4.49 -10.06 -11.07
N ASP A 38 3.53 -10.22 -10.17
CA ASP A 38 2.12 -10.06 -10.52
C ASP A 38 1.58 -8.69 -10.16
N LEU A 39 2.34 -7.92 -9.39
CA LEU A 39 1.90 -6.59 -8.98
C LEU A 39 2.90 -5.51 -9.40
N ILE A 40 4.09 -5.94 -9.82
CA ILE A 40 5.12 -5.00 -10.25
C ILE A 40 4.71 -4.30 -11.54
N GLY A 41 4.88 -2.98 -11.59
CA GLY A 41 4.52 -2.22 -12.77
C GLY A 41 3.36 -1.27 -12.52
N GLN A 42 2.52 -1.60 -11.55
CA GLN A 42 1.38 -0.75 -11.22
C GLN A 42 1.59 -0.05 -9.89
N LYS A 43 0.53 0.55 -9.35
CA LYS A 43 0.59 1.23 -8.07
C LYS A 43 -0.13 0.42 -7.00
N LEU A 44 0.55 0.15 -5.90
CA LEU A 44 -0.02 -0.66 -4.82
C LEU A 44 -1.41 -0.16 -4.43
N THR A 45 -1.63 1.14 -4.50
CA THR A 45 -2.92 1.74 -4.13
C THR A 45 -4.05 1.25 -5.02
N GLN A 46 -3.71 0.78 -6.22
CA GLN A 46 -4.72 0.28 -7.15
C GLN A 46 -5.52 -0.84 -6.50
N PHE A 47 -4.92 -1.47 -5.50
CA PHE A 47 -5.55 -2.57 -4.80
C PHE A 47 -5.96 -2.17 -3.39
N PHE A 48 -6.37 -0.90 -3.22
CA PHE A 48 -6.79 -0.40 -1.91
C PHE A 48 -7.90 0.64 -2.03
N LEU A 49 -8.77 0.67 -1.02
CA LEU A 49 -9.91 1.60 -0.93
C LEU A 49 -10.12 2.41 -2.21
N ARG A 50 -10.86 1.84 -3.15
CA ARG A 50 -11.17 2.51 -4.41
C ARG A 50 -9.90 2.89 -5.17
N SER A 51 -9.68 2.21 -6.29
CA SER A 51 -8.51 2.46 -7.13
C SER A 51 -8.81 3.59 -8.13
N ASP A 52 -10.02 4.10 -8.11
CA ASP A 52 -10.43 5.16 -9.04
C ASP A 52 -9.98 6.54 -8.57
N SER A 53 -10.62 7.06 -7.51
CA SER A 53 -10.31 8.40 -7.01
C SER A 53 -9.29 8.40 -5.88
N ASP A 54 -9.66 7.79 -4.75
CA ASP A 54 -8.81 7.74 -3.56
C ASP A 54 -7.32 7.63 -3.87
N VAL A 55 -6.94 6.62 -4.64
CA VAL A 55 -5.54 6.41 -4.98
C VAL A 55 -4.92 7.64 -5.64
N VAL A 56 -5.68 8.32 -6.49
CA VAL A 56 -5.19 9.50 -7.18
C VAL A 56 -5.02 10.69 -6.24
N GLU A 57 -5.75 10.67 -5.12
CA GLU A 57 -5.68 11.76 -4.14
C GLU A 57 -4.59 11.52 -3.11
N ALA A 58 -4.58 10.32 -2.54
CA ALA A 58 -3.60 9.96 -1.52
C ALA A 58 -2.16 10.10 -2.04
N LEU A 59 -1.94 9.63 -3.26
CA LEU A 59 -0.60 9.70 -3.86
C LEU A 59 -0.32 11.08 -4.43
N SER A 60 -1.31 11.96 -4.36
CA SER A 60 -1.16 13.31 -4.87
C SER A 60 -0.75 14.27 -3.75
N GLU A 61 0.46 14.83 -3.87
CA GLU A 61 0.99 15.74 -2.86
C GLU A 61 1.30 15.03 -1.56
N GLU A 62 0.97 13.73 -1.49
CA GLU A 62 1.21 12.93 -0.29
C GLU A 62 0.29 13.37 0.85
N HIS A 63 0.51 12.77 2.02
CA HIS A 63 -0.29 13.08 3.21
C HIS A 63 -1.76 13.34 2.87
N MET A 64 -2.37 14.31 3.55
CA MET A 64 -3.77 14.65 3.32
C MET A 64 -3.91 15.65 2.17
N GLU A 65 -2.94 15.63 1.26
CA GLU A 65 -2.92 16.53 0.10
C GLU A 65 -2.63 17.96 0.52
N ALA A 66 -2.88 18.27 1.78
CA ALA A 66 -2.65 19.60 2.32
C ALA A 66 -2.57 19.56 3.84
N ASP A 67 -2.86 20.70 4.48
CA ASP A 67 -2.82 20.76 5.94
C ASP A 67 -4.18 21.17 6.49
N GLY A 68 -5.14 20.27 6.38
CA GLY A 68 -6.48 20.55 6.88
C GLY A 68 -7.56 19.89 6.05
N HIS A 69 -7.28 18.70 5.54
CA HIS A 69 -8.22 17.95 4.74
C HIS A 69 -8.81 16.79 5.51
N ALA A 70 -7.98 15.79 5.79
CA ALA A 70 -8.41 14.61 6.53
C ALA A 70 -9.54 13.89 5.82
N ALA A 71 -9.48 13.88 4.48
CA ALA A 71 -10.51 13.24 3.68
C ALA A 71 -9.88 12.31 2.64
N VAL A 72 -8.59 12.49 2.39
CA VAL A 72 -7.89 11.67 1.41
C VAL A 72 -6.54 11.20 1.95
N VAL A 73 -6.56 10.04 2.61
CA VAL A 73 -5.34 9.48 3.19
C VAL A 73 -5.27 7.97 2.97
N PHE A 74 -4.04 7.45 2.86
CA PHE A 74 -3.83 6.03 2.68
C PHE A 74 -2.87 5.49 3.74
N GLY A 75 -2.03 6.37 4.28
CA GLY A 75 -1.09 5.98 5.31
C GLY A 75 -1.74 5.89 6.68
N THR A 76 -2.96 5.36 6.70
CA THR A 76 -3.72 5.19 7.93
C THR A 76 -4.60 3.95 7.87
N VAL A 77 -5.13 3.53 9.02
CA VAL A 77 -6.00 2.36 9.04
C VAL A 77 -7.28 2.64 8.26
N VAL A 78 -7.33 2.10 7.04
CA VAL A 78 -8.48 2.30 6.16
C VAL A 78 -9.05 0.98 5.66
N ASP A 79 -10.23 1.06 5.04
CA ASP A 79 -10.88 -0.11 4.47
C ASP A 79 -10.31 -0.38 3.09
N ILE A 80 -9.54 -1.46 2.97
CA ILE A 80 -8.92 -1.81 1.69
C ILE A 80 -9.69 -2.91 0.96
N ILE A 81 -9.36 -3.07 -0.32
CA ILE A 81 -10.00 -4.09 -1.15
C ILE A 81 -8.98 -4.68 -2.12
N SER A 82 -8.99 -6.00 -2.26
CA SER A 82 -8.05 -6.67 -3.16
C SER A 82 -8.60 -6.73 -4.58
N ARG A 83 -7.75 -7.14 -5.51
CA ARG A 83 -8.14 -7.24 -6.93
C ARG A 83 -9.50 -7.89 -7.12
N SER A 84 -9.83 -8.87 -6.28
CA SER A 84 -11.10 -9.60 -6.37
C SER A 84 -12.18 -8.95 -5.51
N GLY A 85 -11.77 -8.09 -4.58
CA GLY A 85 -12.71 -7.44 -3.70
C GLY A 85 -12.65 -7.99 -2.30
N GLU A 86 -11.92 -7.32 -1.43
CA GLU A 86 -11.77 -7.76 -0.05
C GLU A 86 -11.98 -6.60 0.92
N LYS A 87 -13.24 -6.18 1.07
CA LYS A 87 -13.56 -5.08 1.97
C LYS A 87 -13.24 -5.47 3.41
N ILE A 88 -12.05 -5.08 3.86
CA ILE A 88 -11.60 -5.38 5.21
C ILE A 88 -10.76 -4.25 5.78
N PRO A 89 -10.96 -3.90 7.07
CA PRO A 89 -10.21 -2.84 7.72
C PRO A 89 -8.76 -3.23 7.94
N VAL A 90 -7.84 -2.41 7.44
CA VAL A 90 -6.41 -2.67 7.58
C VAL A 90 -5.65 -1.40 7.93
N SER A 91 -4.47 -1.56 8.49
CA SER A 91 -3.63 -0.43 8.86
C SER A 91 -2.51 -0.24 7.85
N VAL A 92 -2.39 0.97 7.31
CA VAL A 92 -1.34 1.26 6.34
C VAL A 92 -0.45 2.40 6.81
N TRP A 93 0.85 2.25 6.57
CA TRP A 93 1.82 3.27 6.96
C TRP A 93 2.93 3.38 5.93
N MET A 94 3.01 4.54 5.28
CA MET A 94 4.02 4.78 4.26
C MET A 94 5.21 5.54 4.83
N LYS A 95 6.38 5.29 4.26
CA LYS A 95 7.60 5.95 4.71
C LYS A 95 8.56 6.19 3.55
N ARG A 96 8.70 7.45 3.17
CA ARG A 96 9.58 7.83 2.08
C ARG A 96 11.05 7.61 2.46
N MET A 97 11.61 6.53 1.95
CA MET A 97 13.01 6.19 2.22
C MET A 97 13.76 6.00 0.90
N ARG A 98 15.05 5.74 0.96
CA ARG A 98 15.83 5.56 -0.26
C ARG A 98 15.77 4.12 -0.77
N GLN A 99 16.48 3.22 -0.09
CA GLN A 99 16.53 1.82 -0.49
C GLN A 99 17.16 1.66 -1.88
N GLU A 100 17.63 2.79 -2.43
CA GLU A 100 18.27 2.80 -3.74
C GLU A 100 18.75 4.21 -4.08
N ARG A 101 18.88 4.50 -5.37
CA ARG A 101 19.32 5.81 -5.82
C ARG A 101 18.23 6.85 -5.65
N ARG A 102 16.99 6.44 -5.87
CA ARG A 102 15.84 7.33 -5.74
C ARG A 102 15.03 7.02 -4.49
N LEU A 103 14.52 8.05 -3.83
CA LEU A 103 13.73 7.88 -2.61
C LEU A 103 12.46 7.06 -2.90
N CYS A 104 12.47 5.80 -2.48
CA CYS A 104 11.34 4.91 -2.68
C CYS A 104 10.45 4.84 -1.44
N CYS A 105 9.15 5.01 -1.66
CA CYS A 105 8.16 4.97 -0.58
C CYS A 105 7.84 3.52 -0.23
N VAL A 106 7.79 3.23 1.07
CA VAL A 106 7.47 1.89 1.54
C VAL A 106 6.11 1.84 2.20
N VAL A 107 5.29 0.86 1.83
CA VAL A 107 3.95 0.71 2.39
C VAL A 107 3.83 -0.64 3.10
N VAL A 108 3.23 -0.65 4.28
CA VAL A 108 3.07 -1.89 5.04
C VAL A 108 1.63 -2.06 5.49
N LEU A 109 1.04 -3.20 5.13
CA LEU A 109 -0.34 -3.49 5.46
C LEU A 109 -0.45 -4.53 6.59
N GLU A 110 -1.11 -4.14 7.67
CA GLU A 110 -1.28 -5.03 8.82
C GLU A 110 -2.76 -5.13 9.19
N PRO A 111 -3.35 -6.34 9.08
CA PRO A 111 -4.76 -6.55 9.41
C PRO A 111 -5.10 -6.11 10.82
N VAL A 112 -6.25 -5.45 10.98
CA VAL A 112 -6.69 -4.98 12.29
C VAL A 112 -7.28 -6.12 13.11
N GLU A 113 -7.25 -5.97 14.43
CA GLU A 113 -7.78 -6.98 15.33
C GLU A 113 -7.15 -8.35 15.06
N ARG A 114 -7.85 -9.42 15.40
CA ARG A 114 -7.36 -10.77 15.18
C ARG A 114 -7.76 -11.29 13.81
N GLY A 1 7.22 -22.25 11.28
CA GLY A 1 7.47 -20.79 11.13
C GLY A 1 8.94 -20.47 10.94
N ALA A 2 9.23 -19.51 10.06
CA ALA A 2 10.60 -19.12 9.78
C ALA A 2 10.65 -17.83 8.97
N MET A 3 10.39 -17.93 7.68
CA MET A 3 10.41 -16.78 6.79
C MET A 3 9.08 -16.02 6.86
N ASP A 4 8.39 -16.17 7.99
CA ASP A 4 7.11 -15.51 8.19
C ASP A 4 7.16 -14.60 9.42
N PRO A 5 7.87 -13.46 9.32
CA PRO A 5 7.98 -12.50 10.42
C PRO A 5 6.62 -12.16 11.00
N GLU A 6 5.61 -12.19 10.14
CA GLU A 6 4.25 -11.89 10.54
C GLU A 6 3.28 -12.84 9.85
N PHE A 7 3.84 -13.69 8.97
CA PHE A 7 3.04 -14.64 8.22
C PHE A 7 1.99 -13.90 7.39
N ASN A 8 2.13 -12.59 7.37
CA ASN A 8 1.24 -11.70 6.64
C ASN A 8 1.91 -10.36 6.42
N LYS A 9 3.13 -10.22 6.95
CA LYS A 9 3.90 -8.99 6.83
C LYS A 9 3.83 -8.43 5.41
N ALA A 10 2.96 -7.45 5.21
CA ALA A 10 2.77 -6.83 3.91
C ALA A 10 3.79 -5.74 3.64
N ILE A 11 4.87 -6.11 2.95
CA ILE A 11 5.93 -5.15 2.60
C ILE A 11 5.87 -4.80 1.13
N PHE A 12 5.55 -3.54 0.83
CA PHE A 12 5.46 -3.08 -0.55
C PHE A 12 6.43 -1.93 -0.80
N THR A 13 7.47 -2.21 -1.58
CA THR A 13 8.47 -1.17 -1.91
C THR A 13 8.16 -0.55 -3.26
N VAL A 14 8.01 0.78 -3.27
CA VAL A 14 7.69 1.50 -4.49
C VAL A 14 8.43 2.83 -4.57
N ASP A 15 8.26 3.53 -5.69
CA ASP A 15 8.89 4.83 -5.89
C ASP A 15 7.92 5.91 -5.41
N ALA A 16 8.44 7.05 -4.96
CA ALA A 16 7.59 8.12 -4.46
C ALA A 16 7.08 9.01 -5.58
N LYS A 17 7.69 8.92 -6.76
CA LYS A 17 7.27 9.72 -7.89
C LYS A 17 6.00 9.14 -8.51
N THR A 18 6.04 7.84 -8.81
CA THR A 18 4.89 7.19 -9.43
C THR A 18 4.22 6.15 -8.54
N THR A 19 4.88 5.78 -7.46
CA THR A 19 4.34 4.77 -6.54
C THR A 19 4.38 3.37 -7.16
N GLU A 20 4.92 3.29 -8.37
CA GLU A 20 5.03 2.01 -9.07
C GLU A 20 5.72 0.99 -8.17
N ILE A 21 4.96 -0.01 -7.74
CA ILE A 21 5.49 -1.04 -6.86
C ILE A 21 6.68 -1.76 -7.46
N LEU A 22 7.87 -1.48 -6.92
CA LEU A 22 9.10 -2.10 -7.40
C LEU A 22 9.04 -3.62 -7.23
N VAL A 23 8.67 -4.06 -6.02
CA VAL A 23 8.58 -5.49 -5.73
C VAL A 23 7.85 -5.74 -4.40
N ALA A 24 7.18 -6.88 -4.30
CA ALA A 24 6.46 -7.26 -3.09
C ALA A 24 6.79 -8.70 -2.71
N ASN A 25 6.75 -9.00 -1.41
CA ASN A 25 7.08 -10.34 -0.93
C ASN A 25 5.85 -11.23 -0.86
N ASP A 26 6.06 -12.46 -0.36
CA ASP A 26 4.97 -13.42 -0.24
C ASP A 26 3.88 -12.88 0.67
N LYS A 27 4.18 -12.79 1.97
CA LYS A 27 3.22 -12.29 2.96
C LYS A 27 2.33 -11.21 2.36
N ALA A 28 2.92 -10.06 2.03
CA ALA A 28 2.18 -8.96 1.42
C ALA A 28 1.24 -9.45 0.32
N CYS A 29 1.80 -10.15 -0.66
CA CYS A 29 1.04 -10.67 -1.77
C CYS A 29 -0.12 -11.55 -1.28
N GLY A 30 0.14 -12.34 -0.25
CA GLY A 30 -0.89 -13.19 0.30
C GLY A 30 -2.04 -12.38 0.84
N LEU A 31 -1.71 -11.23 1.43
CA LEU A 31 -2.71 -10.32 1.99
C LEU A 31 -3.78 -10.02 0.94
N LEU A 32 -3.38 -9.46 -0.20
CA LEU A 32 -4.34 -9.14 -1.25
C LEU A 32 -4.51 -10.31 -2.22
N GLY A 33 -3.51 -10.55 -3.08
CA GLY A 33 -3.60 -11.63 -4.02
C GLY A 33 -2.75 -11.42 -5.27
N TYR A 34 -1.56 -10.87 -5.08
CA TYR A 34 -0.64 -10.60 -6.18
C TYR A 34 0.74 -11.18 -5.88
N SER A 35 1.78 -10.47 -6.30
CA SER A 35 3.17 -10.89 -6.07
C SER A 35 4.13 -9.95 -6.77
N SER A 36 5.39 -9.96 -6.35
CA SER A 36 6.40 -9.09 -6.93
C SER A 36 6.43 -9.17 -8.46
N GLN A 37 6.06 -10.32 -9.01
CA GLN A 37 6.07 -10.51 -10.45
C GLN A 37 4.67 -10.37 -11.07
N ASP A 38 3.65 -10.28 -10.22
CA ASP A 38 2.28 -10.17 -10.71
C ASP A 38 1.65 -8.81 -10.39
N LEU A 39 2.38 -7.98 -9.66
CA LEU A 39 1.88 -6.67 -9.29
C LEU A 39 2.87 -5.56 -9.64
N ILE A 40 4.09 -5.94 -10.01
CA ILE A 40 5.10 -4.96 -10.36
C ILE A 40 4.72 -4.19 -11.62
N GLY A 41 5.07 -2.92 -11.66
CA GLY A 41 4.75 -2.09 -12.82
C GLY A 41 3.49 -1.29 -12.62
N GLN A 42 2.65 -1.72 -11.69
CA GLN A 42 1.38 -1.04 -11.41
C GLN A 42 1.50 -0.20 -10.14
N LYS A 43 0.36 0.25 -9.62
CA LYS A 43 0.33 1.05 -8.41
C LYS A 43 -0.39 0.29 -7.31
N LEU A 44 0.29 0.06 -6.19
CA LEU A 44 -0.28 -0.69 -5.07
C LEU A 44 -1.71 -0.24 -4.72
N THR A 45 -1.92 1.06 -4.63
CA THR A 45 -3.23 1.60 -4.26
C THR A 45 -4.35 1.10 -5.17
N GLN A 46 -3.98 0.51 -6.30
CA GLN A 46 -4.96 -0.03 -7.23
C GLN A 46 -5.70 -1.18 -6.56
N PHE A 47 -5.04 -1.77 -5.57
CA PHE A 47 -5.60 -2.89 -4.83
C PHE A 47 -5.87 -2.51 -3.38
N PHE A 48 -6.40 -1.29 -3.18
CA PHE A 48 -6.71 -0.80 -1.84
C PHE A 48 -7.96 0.06 -1.85
N LEU A 49 -8.09 0.93 -0.85
CA LEU A 49 -9.25 1.82 -0.73
C LEU A 49 -9.58 2.50 -2.06
N ARG A 50 -10.72 2.11 -2.64
CA ARG A 50 -11.18 2.68 -3.91
C ARG A 50 -10.05 2.78 -4.93
N SER A 51 -9.98 1.79 -5.82
CA SER A 51 -8.94 1.75 -6.85
C SER A 51 -9.21 2.76 -7.96
N ASP A 52 -10.34 3.45 -7.90
CA ASP A 52 -10.70 4.41 -8.93
C ASP A 52 -10.20 5.82 -8.63
N SER A 53 -10.83 6.48 -7.66
CA SER A 53 -10.46 7.86 -7.31
C SER A 53 -9.44 7.92 -6.17
N ASP A 54 -9.81 7.36 -5.02
CA ASP A 54 -8.97 7.38 -3.82
C ASP A 54 -7.48 7.20 -4.11
N VAL A 55 -7.15 6.47 -5.18
CA VAL A 55 -5.75 6.24 -5.51
C VAL A 55 -5.09 7.50 -6.07
N VAL A 56 -5.78 8.20 -6.95
CA VAL A 56 -5.25 9.41 -7.56
C VAL A 56 -5.13 10.54 -6.54
N GLU A 57 -5.92 10.46 -5.48
CA GLU A 57 -5.89 11.49 -4.44
C GLU A 57 -4.88 11.17 -3.35
N ALA A 58 -4.91 9.93 -2.87
CA ALA A 58 -4.00 9.50 -1.80
C ALA A 58 -2.54 9.50 -2.27
N LEU A 59 -2.31 9.09 -3.51
CA LEU A 59 -0.96 9.04 -4.06
C LEU A 59 -0.39 10.44 -4.29
N SER A 60 -1.19 11.46 -4.00
CA SER A 60 -0.76 12.85 -4.18
C SER A 60 0.43 13.17 -3.24
N GLU A 61 0.41 14.35 -2.63
CA GLU A 61 1.48 14.75 -1.72
C GLU A 61 1.38 14.00 -0.39
N GLU A 62 0.72 12.84 -0.41
CA GLU A 62 0.52 12.00 0.77
C GLU A 62 -0.66 12.48 1.59
N HIS A 63 -0.80 11.92 2.80
CA HIS A 63 -1.90 12.26 3.71
C HIS A 63 -3.18 12.54 2.92
N MET A 64 -3.56 13.82 2.84
CA MET A 64 -4.76 14.21 2.11
C MET A 64 -4.37 14.88 0.78
N GLU A 65 -5.28 14.85 -0.17
CA GLU A 65 -5.02 15.45 -1.49
C GLU A 65 -5.21 16.97 -1.44
N ALA A 66 -5.21 17.53 -0.23
CA ALA A 66 -5.38 18.97 -0.06
C ALA A 66 -4.96 19.41 1.34
N ASP A 67 -4.34 18.51 2.08
CA ASP A 67 -3.88 18.80 3.44
C ASP A 67 -5.03 19.29 4.30
N GLY A 68 -5.80 18.35 4.85
CA GLY A 68 -6.93 18.71 5.69
C GLY A 68 -8.19 18.00 5.25
N HIS A 69 -8.12 16.67 5.17
CA HIS A 69 -9.26 15.87 4.76
C HIS A 69 -9.40 14.63 5.64
N ALA A 70 -10.24 13.69 5.22
CA ALA A 70 -10.46 12.46 5.96
C ALA A 70 -11.21 11.43 5.10
N ALA A 71 -11.05 11.55 3.79
CA ALA A 71 -11.71 10.63 2.87
C ALA A 71 -10.69 9.94 1.96
N VAL A 72 -9.53 10.56 1.79
CA VAL A 72 -8.48 9.99 0.95
C VAL A 72 -7.14 9.97 1.67
N VAL A 73 -6.89 8.89 2.41
CA VAL A 73 -5.65 8.74 3.15
C VAL A 73 -5.12 7.31 3.04
N PHE A 74 -3.87 7.18 2.63
CA PHE A 74 -3.24 5.87 2.50
C PHE A 74 -2.02 5.76 3.41
N GLY A 75 -2.10 6.43 4.55
CA GLY A 75 -1.01 6.40 5.52
C GLY A 75 -1.54 6.19 6.93
N THR A 76 -2.73 5.58 6.98
CA THR A 76 -3.40 5.29 8.24
C THR A 76 -4.23 4.02 8.11
N VAL A 77 -4.69 3.48 9.23
CA VAL A 77 -5.50 2.27 9.20
C VAL A 77 -6.79 2.55 8.44
N VAL A 78 -6.85 2.10 7.19
CA VAL A 78 -8.01 2.32 6.34
C VAL A 78 -8.65 1.02 5.88
N ASP A 79 -9.68 1.15 5.04
CA ASP A 79 -10.37 0.00 4.50
C ASP A 79 -9.90 -0.25 3.07
N ILE A 80 -9.26 -1.39 2.84
CA ILE A 80 -8.74 -1.71 1.52
C ILE A 80 -9.54 -2.83 0.87
N ILE A 81 -9.26 -3.10 -0.40
CA ILE A 81 -9.93 -4.15 -1.14
C ILE A 81 -8.98 -4.80 -2.14
N SER A 82 -9.17 -6.10 -2.39
CA SER A 82 -8.33 -6.83 -3.31
C SER A 82 -8.95 -6.92 -4.70
N ARG A 83 -8.16 -7.39 -5.66
CA ARG A 83 -8.61 -7.52 -7.04
C ARG A 83 -9.99 -8.18 -7.14
N SER A 84 -10.30 -9.06 -6.20
CA SER A 84 -11.59 -9.76 -6.21
C SER A 84 -12.63 -9.04 -5.36
N GLY A 85 -12.16 -8.18 -4.45
CA GLY A 85 -13.06 -7.45 -3.59
C GLY A 85 -13.08 -8.01 -2.19
N GLU A 86 -12.35 -7.36 -1.29
CA GLU A 86 -12.29 -7.80 0.10
C GLU A 86 -12.27 -6.62 1.05
N LYS A 87 -13.45 -6.11 1.40
CA LYS A 87 -13.57 -4.98 2.31
C LYS A 87 -13.19 -5.40 3.73
N ILE A 88 -12.00 -4.99 4.16
CA ILE A 88 -11.52 -5.33 5.50
C ILE A 88 -10.62 -4.22 6.06
N PRO A 89 -10.78 -3.89 7.35
CA PRO A 89 -9.97 -2.85 8.01
C PRO A 89 -8.53 -3.29 8.21
N VAL A 90 -7.60 -2.44 7.79
CA VAL A 90 -6.17 -2.73 7.92
C VAL A 90 -5.39 -1.46 8.20
N SER A 91 -4.17 -1.62 8.73
CA SER A 91 -3.31 -0.48 9.04
C SER A 91 -2.31 -0.25 7.92
N VAL A 92 -2.25 0.98 7.41
CA VAL A 92 -1.32 1.32 6.34
C VAL A 92 -0.41 2.46 6.77
N TRP A 93 0.90 2.26 6.59
CA TRP A 93 1.88 3.28 6.94
C TRP A 93 2.97 3.34 5.87
N MET A 94 3.01 4.46 5.15
CA MET A 94 3.99 4.65 4.09
C MET A 94 5.16 5.48 4.56
N LYS A 95 6.31 5.27 3.92
CA LYS A 95 7.53 6.01 4.24
C LYS A 95 8.35 6.29 2.99
N ARG A 96 8.54 7.56 2.68
CA ARG A 96 9.29 7.98 1.50
C ARG A 96 10.80 8.00 1.77
N MET A 97 11.28 7.05 2.55
CA MET A 97 12.71 6.97 2.86
C MET A 97 13.48 6.53 1.62
N ARG A 98 14.80 6.35 1.75
CA ARG A 98 15.62 5.93 0.63
C ARG A 98 16.03 4.46 0.76
N GLN A 99 15.92 3.73 -0.34
CA GLN A 99 16.26 2.32 -0.36
C GLN A 99 17.41 2.05 -1.32
N GLU A 100 17.76 3.06 -2.10
CA GLU A 100 18.85 2.94 -3.08
C GLU A 100 19.35 4.31 -3.51
N ARG A 101 18.73 4.87 -4.54
CA ARG A 101 19.11 6.19 -5.05
C ARG A 101 17.89 7.09 -5.18
N ARG A 102 16.72 6.54 -4.90
CA ARG A 102 15.48 7.29 -4.97
C ARG A 102 14.61 7.02 -3.75
N LEU A 103 13.93 8.05 -3.25
CA LEU A 103 13.07 7.90 -2.10
C LEU A 103 11.97 6.90 -2.40
N CYS A 104 12.12 5.68 -1.87
CA CYS A 104 11.14 4.64 -2.11
C CYS A 104 10.06 4.63 -1.04
N CYS A 105 8.81 4.69 -1.48
CA CYS A 105 7.67 4.68 -0.57
C CYS A 105 7.37 3.24 -0.13
N VAL A 106 7.42 3.01 1.18
CA VAL A 106 7.17 1.68 1.73
C VAL A 106 5.88 1.63 2.53
N VAL A 107 4.97 0.75 2.13
CA VAL A 107 3.70 0.57 2.81
C VAL A 107 3.67 -0.78 3.52
N VAL A 108 3.11 -0.80 4.72
CA VAL A 108 3.02 -2.06 5.46
C VAL A 108 1.60 -2.26 5.98
N LEU A 109 0.90 -3.24 5.39
CA LEU A 109 -0.47 -3.53 5.77
C LEU A 109 -0.52 -4.58 6.88
N GLU A 110 -1.20 -4.22 7.97
CA GLU A 110 -1.33 -5.12 9.10
C GLU A 110 -2.80 -5.29 9.49
N PRO A 111 -3.36 -6.50 9.36
CA PRO A 111 -4.76 -6.77 9.71
C PRO A 111 -5.09 -6.34 11.13
N VAL A 112 -6.20 -5.64 11.29
CA VAL A 112 -6.62 -5.18 12.61
C VAL A 112 -7.34 -6.28 13.37
N GLU A 113 -7.28 -6.23 14.69
CA GLU A 113 -7.93 -7.23 15.54
C GLU A 113 -8.77 -6.56 16.61
N ARG A 114 -9.84 -7.25 17.03
CA ARG A 114 -10.74 -6.72 18.05
C ARG A 114 -11.52 -7.84 18.71
N GLY A 1 11.02 -16.29 15.64
CA GLY A 1 9.86 -15.37 15.52
C GLY A 1 8.92 -15.77 14.40
N ALA A 2 7.66 -16.01 14.74
CA ALA A 2 6.66 -16.39 13.74
C ALA A 2 5.25 -16.19 14.28
N MET A 3 4.66 -15.04 13.97
CA MET A 3 3.30 -14.73 14.43
C MET A 3 2.59 -13.84 13.42
N ASP A 4 3.33 -12.92 12.81
CA ASP A 4 2.77 -12.00 11.83
C ASP A 4 3.87 -11.24 11.08
N PRO A 5 4.85 -10.64 11.80
CA PRO A 5 5.95 -9.88 11.17
C PRO A 5 6.65 -10.67 10.07
N GLU A 6 6.46 -11.99 10.08
CA GLU A 6 7.07 -12.87 9.09
C GLU A 6 6.12 -13.99 8.71
N PHE A 7 4.98 -14.06 9.39
CA PHE A 7 3.98 -15.08 9.13
C PHE A 7 3.13 -14.71 7.92
N ASN A 8 2.82 -13.42 7.78
CA ASN A 8 2.03 -12.93 6.67
C ASN A 8 2.08 -11.40 6.60
N LYS A 9 3.26 -10.85 6.85
CA LYS A 9 3.45 -9.39 6.82
C LYS A 9 3.06 -8.81 5.47
N ALA A 10 3.03 -7.48 5.41
CA ALA A 10 2.70 -6.79 4.17
C ALA A 10 3.75 -5.74 3.83
N ILE A 11 4.77 -6.13 3.08
CA ILE A 11 5.84 -5.22 2.71
C ILE A 11 5.79 -4.88 1.22
N PHE A 12 5.47 -3.62 0.92
CA PHE A 12 5.39 -3.16 -0.46
C PHE A 12 6.40 -2.03 -0.70
N THR A 13 7.33 -2.25 -1.63
CA THR A 13 8.35 -1.25 -1.93
C THR A 13 8.09 -0.57 -3.26
N VAL A 14 8.01 0.76 -3.23
CA VAL A 14 7.75 1.54 -4.44
C VAL A 14 8.56 2.84 -4.44
N ASP A 15 8.46 3.58 -5.53
CA ASP A 15 9.16 4.87 -5.66
C ASP A 15 8.17 6.00 -5.40
N ALA A 16 8.69 7.19 -5.11
CA ALA A 16 7.84 8.34 -4.83
C ALA A 16 7.44 9.07 -6.10
N LYS A 17 8.13 8.78 -7.20
CA LYS A 17 7.83 9.42 -8.47
C LYS A 17 6.52 8.88 -9.05
N THR A 18 6.46 7.56 -9.22
CA THR A 18 5.27 6.94 -9.78
C THR A 18 4.58 5.97 -8.83
N THR A 19 5.22 5.68 -7.72
CA THR A 19 4.67 4.76 -6.73
C THR A 19 4.64 3.33 -7.26
N GLU A 20 5.20 3.14 -8.45
CA GLU A 20 5.26 1.83 -9.08
C GLU A 20 5.91 0.83 -8.14
N ILE A 21 5.11 -0.11 -7.64
CA ILE A 21 5.60 -1.11 -6.71
C ILE A 21 6.78 -1.88 -7.30
N LEU A 22 7.98 -1.47 -6.89
CA LEU A 22 9.21 -2.10 -7.35
C LEU A 22 9.16 -3.62 -7.16
N VAL A 23 8.58 -4.05 -6.05
CA VAL A 23 8.45 -5.48 -5.75
C VAL A 23 7.69 -5.71 -4.44
N ALA A 24 7.16 -6.91 -4.29
CA ALA A 24 6.42 -7.27 -3.09
C ALA A 24 6.74 -8.72 -2.70
N ASN A 25 6.36 -9.12 -1.49
CA ASN A 25 6.67 -10.48 -1.02
C ASN A 25 5.45 -11.41 -1.00
N ASP A 26 5.76 -12.69 -0.78
CA ASP A 26 4.76 -13.75 -0.72
C ASP A 26 3.82 -13.60 0.46
N LYS A 27 4.09 -12.62 1.31
CA LYS A 27 3.24 -12.36 2.47
C LYS A 27 2.23 -11.29 2.10
N ALA A 28 2.72 -10.06 1.93
CA ALA A 28 1.88 -8.93 1.55
C ALA A 28 0.96 -9.31 0.41
N CYS A 29 1.55 -9.85 -0.66
CA CYS A 29 0.79 -10.26 -1.83
C CYS A 29 -0.28 -11.27 -1.44
N GLY A 30 0.06 -12.13 -0.48
CA GLY A 30 -0.91 -13.11 -0.01
C GLY A 30 -2.12 -12.43 0.59
N LEU A 31 -1.89 -11.34 1.31
CA LEU A 31 -2.96 -10.58 1.95
C LEU A 31 -4.04 -10.25 0.92
N LEU A 32 -3.68 -9.50 -0.11
CA LEU A 32 -4.65 -9.17 -1.16
C LEU A 32 -4.81 -10.35 -2.12
N GLY A 33 -3.81 -10.55 -2.98
CA GLY A 33 -3.86 -11.65 -3.93
C GLY A 33 -2.98 -11.41 -5.14
N TYR A 34 -1.89 -10.68 -4.94
CA TYR A 34 -0.96 -10.37 -6.02
C TYR A 34 0.36 -11.11 -5.80
N SER A 35 1.44 -10.50 -6.30
CA SER A 35 2.79 -11.04 -6.15
C SER A 35 3.80 -10.15 -6.85
N SER A 36 5.03 -10.18 -6.35
CA SER A 36 6.11 -9.37 -6.89
C SER A 36 6.09 -9.28 -8.42
N GLN A 37 5.66 -10.35 -9.08
CA GLN A 37 5.63 -10.36 -10.55
C GLN A 37 4.24 -10.08 -11.11
N ASP A 38 3.19 -10.31 -10.31
CA ASP A 38 1.83 -10.09 -10.77
C ASP A 38 1.30 -8.71 -10.40
N LEU A 39 2.09 -7.93 -9.67
CA LEU A 39 1.66 -6.60 -9.26
C LEU A 39 2.66 -5.52 -9.67
N ILE A 40 3.90 -5.91 -9.93
CA ILE A 40 4.93 -4.96 -10.33
C ILE A 40 4.52 -4.22 -11.59
N GLY A 41 4.74 -2.91 -11.60
CA GLY A 41 4.39 -2.09 -12.76
C GLY A 41 3.36 -1.04 -12.44
N GLN A 42 2.45 -1.34 -11.51
CA GLN A 42 1.40 -0.40 -11.12
C GLN A 42 1.68 0.19 -9.74
N LYS A 43 0.68 0.88 -9.19
CA LYS A 43 0.82 1.49 -7.87
C LYS A 43 0.04 0.69 -6.83
N LEU A 44 0.67 0.39 -5.69
CA LEU A 44 0.03 -0.40 -4.64
C LEU A 44 -1.39 0.07 -4.32
N THR A 45 -1.55 1.37 -4.06
CA THR A 45 -2.86 1.93 -3.70
C THR A 45 -3.94 1.60 -4.71
N GLN A 46 -3.55 1.15 -5.90
CA GLN A 46 -4.54 0.79 -6.92
C GLN A 46 -5.40 -0.35 -6.42
N PHE A 47 -4.87 -1.10 -5.46
CA PHE A 47 -5.57 -2.23 -4.87
C PHE A 47 -5.94 -1.93 -3.42
N PHE A 48 -6.53 -0.75 -3.20
CA PHE A 48 -6.92 -0.33 -1.87
C PHE A 48 -8.14 0.59 -1.94
N LEU A 49 -8.98 0.55 -0.90
CA LEU A 49 -10.20 1.37 -0.80
C LEU A 49 -10.47 2.16 -2.08
N ARG A 50 -11.32 1.62 -2.94
CA ARG A 50 -11.66 2.28 -4.20
C ARG A 50 -10.45 2.34 -5.12
N SER A 51 -10.46 1.52 -6.17
CA SER A 51 -9.37 1.44 -7.12
C SER A 51 -9.53 2.45 -8.26
N ASP A 52 -10.64 3.17 -8.28
CA ASP A 52 -10.89 4.13 -9.35
C ASP A 52 -10.29 5.52 -9.07
N SER A 53 -10.90 6.25 -8.15
CA SER A 53 -10.44 7.61 -7.82
C SER A 53 -9.47 7.63 -6.64
N ASP A 54 -9.86 6.99 -5.55
CA ASP A 54 -9.05 6.96 -4.33
C ASP A 54 -7.55 6.79 -4.59
N VAL A 55 -7.19 5.85 -5.46
CA VAL A 55 -5.78 5.60 -5.75
C VAL A 55 -5.08 6.85 -6.30
N VAL A 56 -5.81 7.66 -7.04
CA VAL A 56 -5.25 8.88 -7.62
C VAL A 56 -5.10 9.98 -6.58
N GLU A 57 -5.89 9.92 -5.52
CA GLU A 57 -5.84 10.94 -4.46
C GLU A 57 -4.84 10.56 -3.37
N ALA A 58 -4.83 9.27 -3.00
CA ALA A 58 -3.93 8.77 -1.96
C ALA A 58 -2.46 9.06 -2.26
N LEU A 59 -2.16 9.32 -3.54
CA LEU A 59 -0.78 9.60 -3.95
C LEU A 59 -0.38 11.04 -3.63
N SER A 60 -1.32 11.81 -3.09
CA SER A 60 -1.06 13.20 -2.73
C SER A 60 0.06 13.30 -1.69
N GLU A 61 0.41 12.15 -1.11
CA GLU A 61 1.46 12.07 -0.10
C GLU A 61 1.01 12.63 1.25
N GLU A 62 -0.02 13.48 1.22
CA GLU A 62 -0.55 14.09 2.44
C GLU A 62 -2.06 13.91 2.51
N HIS A 63 -2.49 12.91 3.28
CA HIS A 63 -3.92 12.61 3.44
C HIS A 63 -4.73 13.89 3.69
N MET A 64 -5.95 13.91 3.13
CA MET A 64 -6.85 15.05 3.28
C MET A 64 -6.17 16.35 2.84
N GLU A 65 -5.03 16.24 2.17
CA GLU A 65 -4.28 17.39 1.70
C GLU A 65 -3.86 18.28 2.87
N ALA A 66 -4.16 17.83 4.09
CA ALA A 66 -3.82 18.56 5.30
C ALA A 66 -4.28 17.81 6.54
N ASP A 67 -5.46 18.17 7.04
CA ASP A 67 -6.02 17.53 8.23
C ASP A 67 -7.45 18.00 8.48
N GLY A 68 -8.42 17.26 7.97
CA GLY A 68 -9.81 17.62 8.16
C GLY A 68 -10.60 17.57 6.86
N HIS A 69 -10.06 16.87 5.87
CA HIS A 69 -10.71 16.74 4.58
C HIS A 69 -11.14 15.30 4.32
N ALA A 70 -11.51 15.00 3.08
CA ALA A 70 -11.95 13.67 2.70
C ALA A 70 -11.81 13.43 1.20
N ALA A 71 -10.57 13.33 0.74
CA ALA A 71 -10.29 13.12 -0.68
C ALA A 71 -9.33 11.95 -0.88
N VAL A 72 -8.28 11.91 -0.07
CA VAL A 72 -7.28 10.85 -0.16
C VAL A 72 -7.45 9.86 1.00
N VAL A 73 -7.30 8.57 0.70
CA VAL A 73 -7.43 7.53 1.70
C VAL A 73 -6.29 6.51 1.62
N PHE A 74 -5.31 6.67 2.50
CA PHE A 74 -4.15 5.77 2.56
C PHE A 74 -3.17 6.26 3.63
N GLY A 75 -2.23 5.39 4.00
CA GLY A 75 -1.25 5.75 5.00
C GLY A 75 -1.85 5.77 6.40
N THR A 76 -3.02 5.16 6.53
CA THR A 76 -3.73 5.10 7.80
C THR A 76 -4.55 3.81 7.90
N VAL A 77 -5.02 3.49 9.10
CA VAL A 77 -5.83 2.29 9.28
C VAL A 77 -7.14 2.45 8.53
N VAL A 78 -7.21 1.84 7.35
CA VAL A 78 -8.40 1.96 6.50
C VAL A 78 -8.88 0.61 5.97
N ASP A 79 -10.09 0.63 5.40
CA ASP A 79 -10.68 -0.55 4.80
C ASP A 79 -10.15 -0.68 3.36
N ILE A 80 -9.36 -1.72 3.12
CA ILE A 80 -8.78 -1.92 1.81
C ILE A 80 -9.56 -2.94 0.99
N ILE A 81 -9.22 -3.04 -0.29
CA ILE A 81 -9.86 -3.96 -1.20
C ILE A 81 -8.84 -4.62 -2.12
N SER A 82 -8.98 -5.92 -2.34
CA SER A 82 -8.06 -6.65 -3.20
C SER A 82 -8.59 -6.74 -4.62
N ARG A 83 -7.73 -7.19 -5.54
CA ARG A 83 -8.10 -7.31 -6.95
C ARG A 83 -9.45 -8.01 -7.14
N SER A 84 -9.82 -8.86 -6.18
CA SER A 84 -11.07 -9.60 -6.28
C SER A 84 -12.20 -8.89 -5.51
N GLY A 85 -11.83 -8.04 -4.57
CA GLY A 85 -12.82 -7.33 -3.78
C GLY A 85 -13.00 -7.92 -2.41
N GLU A 86 -12.33 -7.32 -1.42
CA GLU A 86 -12.43 -7.78 -0.04
C GLU A 86 -12.35 -6.61 0.93
N LYS A 87 -13.52 -6.10 1.31
CA LYS A 87 -13.57 -4.97 2.25
C LYS A 87 -13.12 -5.40 3.64
N ILE A 88 -11.81 -5.31 3.88
CA ILE A 88 -11.24 -5.69 5.16
C ILE A 88 -10.41 -4.55 5.74
N PRO A 89 -10.67 -4.16 7.00
CA PRO A 89 -9.94 -3.08 7.66
C PRO A 89 -8.53 -3.51 8.08
N VAL A 90 -7.56 -2.65 7.86
CA VAL A 90 -6.18 -2.94 8.22
C VAL A 90 -5.44 -1.66 8.58
N SER A 91 -4.15 -1.79 8.88
CA SER A 91 -3.31 -0.64 9.23
C SER A 91 -2.34 -0.33 8.12
N VAL A 92 -2.36 0.91 7.62
CA VAL A 92 -1.47 1.31 6.54
C VAL A 92 -0.61 2.50 6.95
N TRP A 93 0.67 2.42 6.63
CA TRP A 93 1.61 3.49 6.94
C TRP A 93 2.69 3.59 5.87
N MET A 94 2.61 4.64 5.06
CA MET A 94 3.58 4.85 3.98
C MET A 94 4.67 5.82 4.42
N LYS A 95 5.87 5.62 3.88
CA LYS A 95 7.01 6.49 4.20
C LYS A 95 7.97 6.56 3.03
N ARG A 96 8.24 7.78 2.57
CA ARG A 96 9.15 7.99 1.45
C ARG A 96 10.60 8.00 1.92
N MET A 97 11.09 6.82 2.29
CA MET A 97 12.48 6.69 2.75
C MET A 97 13.39 6.43 1.56
N ARG A 98 14.64 6.08 1.83
CA ARG A 98 15.60 5.81 0.76
C ARG A 98 16.02 4.35 0.75
N GLN A 99 15.58 3.63 -0.28
CA GLN A 99 15.90 2.21 -0.42
C GLN A 99 16.97 2.00 -1.49
N GLU A 100 17.07 2.95 -2.42
CA GLU A 100 18.05 2.86 -3.49
C GLU A 100 18.75 4.21 -3.70
N ARG A 101 18.44 4.90 -4.78
CA ARG A 101 19.06 6.20 -5.08
C ARG A 101 18.01 7.30 -5.11
N ARG A 102 16.74 6.90 -5.11
CA ARG A 102 15.63 7.85 -5.14
C ARG A 102 14.69 7.61 -3.97
N LEU A 103 13.92 8.64 -3.61
CA LEU A 103 12.96 8.51 -2.53
C LEU A 103 11.98 7.38 -2.81
N CYS A 104 12.15 6.26 -2.11
CA CYS A 104 11.29 5.11 -2.32
C CYS A 104 10.19 5.06 -1.27
N CYS A 105 8.95 5.04 -1.73
CA CYS A 105 7.79 4.98 -0.84
C CYS A 105 7.53 3.55 -0.40
N VAL A 106 7.56 3.32 0.91
CA VAL A 106 7.32 1.99 1.45
C VAL A 106 6.01 1.94 2.21
N VAL A 107 5.19 0.93 1.90
CA VAL A 107 3.91 0.75 2.56
C VAL A 107 3.88 -0.58 3.30
N VAL A 108 3.35 -0.56 4.52
CA VAL A 108 3.28 -1.77 5.34
C VAL A 108 1.88 -1.94 5.92
N LEU A 109 1.14 -2.89 5.36
CA LEU A 109 -0.22 -3.16 5.81
C LEU A 109 -0.24 -4.19 6.93
N GLU A 110 -1.22 -4.09 7.80
CA GLU A 110 -1.36 -5.02 8.91
C GLU A 110 -2.82 -5.37 9.17
N PRO A 111 -3.20 -6.65 8.96
CA PRO A 111 -4.58 -7.09 9.17
C PRO A 111 -5.03 -6.83 10.61
N VAL A 112 -6.19 -6.21 10.77
CA VAL A 112 -6.70 -5.92 12.11
C VAL A 112 -7.09 -7.20 12.84
N GLU A 113 -6.77 -7.25 14.13
CA GLU A 113 -7.07 -8.42 14.94
C GLU A 113 -8.57 -8.64 15.06
N ARG A 114 -8.98 -9.89 15.17
CA ARG A 114 -10.39 -10.23 15.29
C ARG A 114 -10.63 -11.20 16.45
N GLY A 1 -1.14 -11.00 11.37
CA GLY A 1 -0.21 -11.70 12.29
C GLY A 1 0.12 -10.87 13.52
N ALA A 2 -0.69 -9.84 13.77
CA ALA A 2 -0.49 -8.96 14.91
C ALA A 2 0.87 -8.28 14.87
N MET A 3 1.88 -8.91 15.49
CA MET A 3 3.23 -8.37 15.51
C MET A 3 3.92 -8.58 14.16
N ASP A 4 3.21 -9.25 13.25
CA ASP A 4 3.75 -9.54 11.92
C ASP A 4 5.08 -10.29 12.01
N PRO A 5 5.05 -11.53 12.53
CA PRO A 5 6.25 -12.35 12.67
C PRO A 5 6.50 -13.21 11.43
N GLU A 6 6.74 -12.55 10.30
CA GLU A 6 6.99 -13.25 9.04
C GLU A 6 5.78 -14.09 8.64
N PHE A 7 4.63 -13.71 9.16
CA PHE A 7 3.38 -14.42 8.86
C PHE A 7 2.71 -13.82 7.64
N ASN A 8 2.41 -12.53 7.71
CA ASN A 8 1.76 -11.83 6.59
C ASN A 8 2.28 -10.40 6.48
N LYS A 9 3.60 -10.25 6.64
CA LYS A 9 4.23 -8.94 6.55
C LYS A 9 4.00 -8.30 5.18
N ALA A 10 2.99 -7.43 5.11
CA ALA A 10 2.66 -6.77 3.86
C ALA A 10 3.67 -5.67 3.52
N ILE A 11 4.72 -6.05 2.79
CA ILE A 11 5.75 -5.10 2.39
C ILE A 11 5.68 -4.77 0.91
N PHE A 12 5.31 -3.53 0.60
CA PHE A 12 5.22 -3.07 -0.78
C PHE A 12 6.19 -1.92 -1.01
N THR A 13 7.19 -2.12 -1.87
CA THR A 13 8.19 -1.09 -2.12
C THR A 13 7.94 -0.35 -3.43
N VAL A 14 7.89 0.98 -3.33
CA VAL A 14 7.66 1.83 -4.49
C VAL A 14 8.46 3.13 -4.37
N ASP A 15 8.40 3.95 -5.40
CA ASP A 15 9.10 5.25 -5.38
C ASP A 15 8.13 6.31 -4.91
N ALA A 16 8.65 7.44 -4.43
CA ALA A 16 7.79 8.52 -3.94
C ALA A 16 7.35 9.43 -5.07
N LYS A 17 8.05 9.36 -6.19
CA LYS A 17 7.70 10.19 -7.34
C LYS A 17 6.38 9.74 -7.95
N THR A 18 6.38 8.54 -8.52
CA THR A 18 5.19 8.02 -9.18
C THR A 18 4.64 6.75 -8.52
N THR A 19 5.33 6.24 -7.51
CA THR A 19 4.92 5.03 -6.82
C THR A 19 5.38 3.78 -7.59
N GLU A 20 4.48 3.18 -8.36
CA GLU A 20 4.82 1.99 -9.15
C GLU A 20 5.51 0.95 -8.27
N ILE A 21 4.73 -0.02 -7.80
CA ILE A 21 5.26 -1.07 -6.94
C ILE A 21 6.45 -1.79 -7.59
N LEU A 22 7.66 -1.43 -7.15
CA LEU A 22 8.88 -2.03 -7.67
C LEU A 22 8.91 -3.54 -7.44
N VAL A 23 8.36 -3.97 -6.30
CA VAL A 23 8.32 -5.39 -5.97
C VAL A 23 7.59 -5.63 -4.65
N ALA A 24 7.10 -6.85 -4.47
CA ALA A 24 6.38 -7.24 -3.26
C ALA A 24 6.77 -8.66 -2.85
N ASN A 25 6.52 -9.02 -1.60
CA ASN A 25 6.90 -10.34 -1.11
C ASN A 25 5.73 -11.31 -0.94
N ASP A 26 6.09 -12.56 -0.65
CA ASP A 26 5.13 -13.65 -0.45
C ASP A 26 4.18 -13.39 0.70
N LYS A 27 4.40 -12.32 1.46
CA LYS A 27 3.52 -11.97 2.56
C LYS A 27 2.48 -10.96 2.08
N ALA A 28 2.97 -9.75 1.78
CA ALA A 28 2.11 -8.68 1.28
C ALA A 28 1.18 -9.18 0.19
N CYS A 29 1.76 -9.83 -0.81
CA CYS A 29 1.00 -10.36 -1.92
C CYS A 29 -0.04 -11.37 -1.44
N GLY A 30 0.34 -12.16 -0.44
CA GLY A 30 -0.59 -13.14 0.10
C GLY A 30 -1.81 -12.46 0.69
N LEU A 31 -1.56 -11.31 1.34
CA LEU A 31 -2.63 -10.54 1.96
C LEU A 31 -3.75 -10.29 0.95
N LEU A 32 -3.44 -9.59 -0.14
CA LEU A 32 -4.44 -9.34 -1.17
C LEU A 32 -4.60 -10.55 -2.07
N GLY A 33 -3.63 -10.78 -2.95
CA GLY A 33 -3.69 -11.90 -3.87
C GLY A 33 -2.85 -11.68 -5.11
N TYR A 34 -1.73 -11.00 -4.95
CA TYR A 34 -0.84 -10.71 -6.07
C TYR A 34 0.53 -11.37 -5.85
N SER A 35 1.56 -10.71 -6.36
CA SER A 35 2.94 -11.17 -6.22
C SER A 35 3.89 -10.23 -6.94
N SER A 36 5.14 -10.23 -6.49
CA SER A 36 6.16 -9.37 -7.07
C SER A 36 6.13 -9.37 -8.60
N GLN A 37 5.70 -10.49 -9.18
CA GLN A 37 5.66 -10.62 -10.64
C GLN A 37 4.25 -10.38 -11.21
N ASP A 38 3.23 -10.48 -10.37
CA ASP A 38 1.86 -10.30 -10.83
C ASP A 38 1.30 -8.92 -10.49
N LEU A 39 2.07 -8.11 -9.77
CA LEU A 39 1.60 -6.79 -9.38
C LEU A 39 2.58 -5.68 -9.79
N ILE A 40 3.82 -6.07 -10.05
CA ILE A 40 4.84 -5.10 -10.45
C ILE A 40 4.43 -4.35 -11.72
N GLY A 41 4.64 -3.04 -11.73
CA GLY A 41 4.30 -2.24 -12.89
C GLY A 41 3.21 -1.23 -12.61
N GLN A 42 2.22 -1.61 -11.81
CA GLN A 42 1.12 -0.72 -11.48
C GLN A 42 1.36 -0.04 -10.14
N LYS A 43 0.29 0.55 -9.59
CA LYS A 43 0.38 1.24 -8.30
C LYS A 43 -0.37 0.45 -7.23
N LEU A 44 0.29 0.18 -6.12
CA LEU A 44 -0.31 -0.59 -5.04
C LEU A 44 -1.70 -0.08 -4.67
N THR A 45 -1.86 1.24 -4.62
CA THR A 45 -3.13 1.86 -4.26
C THR A 45 -4.28 1.36 -5.14
N GLN A 46 -3.93 0.78 -6.28
CA GLN A 46 -4.94 0.25 -7.20
C GLN A 46 -5.71 -0.87 -6.52
N PHE A 47 -5.11 -1.44 -5.49
CA PHE A 47 -5.73 -2.54 -4.76
C PHE A 47 -6.06 -2.13 -3.33
N PHE A 48 -6.65 -0.95 -3.18
CA PHE A 48 -7.04 -0.44 -1.86
C PHE A 48 -8.30 0.39 -1.96
N LEU A 49 -8.70 1.01 -0.85
CA LEU A 49 -9.91 1.83 -0.80
C LEU A 49 -10.05 2.68 -2.06
N ARG A 50 -11.14 2.45 -2.79
CA ARG A 50 -11.41 3.19 -4.02
C ARG A 50 -10.22 3.12 -4.97
N SER A 51 -10.20 2.10 -5.80
CA SER A 51 -9.12 1.88 -6.75
C SER A 51 -9.23 2.83 -7.95
N ASP A 52 -10.29 3.63 -7.98
CA ASP A 52 -10.50 4.55 -9.09
C ASP A 52 -9.86 5.93 -8.87
N SER A 53 -10.43 6.71 -7.96
CA SER A 53 -9.92 8.06 -7.71
C SER A 53 -8.93 8.12 -6.54
N ASP A 54 -9.27 7.48 -5.43
CA ASP A 54 -8.42 7.49 -4.24
C ASP A 54 -6.97 7.11 -4.53
N VAL A 55 -6.73 6.51 -5.69
CA VAL A 55 -5.38 6.10 -6.06
C VAL A 55 -4.65 7.21 -6.82
N VAL A 56 -5.41 8.07 -7.47
CA VAL A 56 -4.83 9.17 -8.24
C VAL A 56 -4.62 10.41 -7.37
N GLU A 57 -5.36 10.52 -6.27
CA GLU A 57 -5.22 11.66 -5.37
C GLU A 57 -4.18 11.39 -4.29
N ALA A 58 -4.22 10.19 -3.73
CA ALA A 58 -3.28 9.80 -2.69
C ALA A 58 -1.84 9.94 -3.17
N LEU A 59 -1.56 9.42 -4.36
CA LEU A 59 -0.22 9.49 -4.92
C LEU A 59 0.05 10.86 -5.52
N SER A 60 -0.97 11.72 -5.52
CA SER A 60 -0.84 13.07 -6.03
C SER A 60 -0.43 14.02 -4.91
N GLU A 61 0.69 14.71 -5.11
CA GLU A 61 1.19 15.65 -4.10
C GLU A 61 1.66 14.91 -2.85
N GLU A 62 1.51 13.58 -2.89
CA GLU A 62 1.90 12.73 -1.76
C GLU A 62 0.95 12.91 -0.58
N HIS A 63 1.20 12.15 0.49
CA HIS A 63 0.37 12.20 1.70
C HIS A 63 -1.13 12.34 1.35
N MET A 64 -1.77 13.39 1.84
CA MET A 64 -3.19 13.61 1.58
C MET A 64 -3.41 14.84 0.68
N GLU A 65 -2.44 15.11 -0.19
CA GLU A 65 -2.49 16.25 -1.10
C GLU A 65 -2.35 17.57 -0.35
N ALA A 66 -2.62 17.55 0.95
CA ALA A 66 -2.51 18.76 1.77
C ALA A 66 -1.75 18.47 3.06
N ASP A 67 -1.22 17.25 3.17
CA ASP A 67 -0.46 16.85 4.36
C ASP A 67 -1.31 16.97 5.62
N GLY A 68 -1.88 15.85 6.05
CA GLY A 68 -2.70 15.85 7.25
C GLY A 68 -4.11 16.30 6.99
N HIS A 69 -4.85 15.54 6.18
CA HIS A 69 -6.23 15.87 5.85
C HIS A 69 -7.12 14.63 5.97
N ALA A 70 -8.42 14.84 5.79
CA ALA A 70 -9.39 13.75 5.87
C ALA A 70 -9.99 13.45 4.51
N ALA A 71 -9.42 14.04 3.46
CA ALA A 71 -9.91 13.83 2.10
C ALA A 71 -9.41 12.49 1.55
N VAL A 72 -8.18 12.49 1.06
CA VAL A 72 -7.59 11.28 0.49
C VAL A 72 -6.41 10.80 1.33
N VAL A 73 -6.61 9.69 2.03
CA VAL A 73 -5.58 9.13 2.89
C VAL A 73 -5.33 7.65 2.58
N PHE A 74 -4.17 7.16 2.98
CA PHE A 74 -3.80 5.77 2.75
C PHE A 74 -2.78 5.31 3.81
N GLY A 75 -2.12 6.28 4.43
CA GLY A 75 -1.13 5.97 5.45
C GLY A 75 -1.75 5.84 6.83
N THR A 76 -2.94 5.24 6.87
CA THR A 76 -3.66 5.03 8.12
C THR A 76 -4.48 3.75 8.08
N VAL A 77 -4.96 3.31 9.24
CA VAL A 77 -5.78 2.10 9.31
C VAL A 77 -7.08 2.34 8.56
N VAL A 78 -7.16 1.85 7.33
CA VAL A 78 -8.35 2.06 6.50
C VAL A 78 -8.92 0.75 5.98
N ASP A 79 -10.09 0.85 5.34
CA ASP A 79 -10.75 -0.31 4.74
C ASP A 79 -10.26 -0.49 3.32
N ILE A 80 -9.48 -1.53 3.09
CA ILE A 80 -8.92 -1.80 1.77
C ILE A 80 -9.65 -2.92 1.05
N ILE A 81 -9.38 -3.06 -0.24
CA ILE A 81 -9.99 -4.11 -1.05
C ILE A 81 -8.94 -4.75 -1.96
N SER A 82 -9.00 -6.07 -2.10
CA SER A 82 -8.05 -6.79 -2.94
C SER A 82 -8.62 -6.97 -4.34
N ARG A 83 -7.80 -7.51 -5.24
CA ARG A 83 -8.22 -7.73 -6.63
C ARG A 83 -9.65 -8.27 -6.72
N SER A 84 -10.03 -9.11 -5.76
CA SER A 84 -11.37 -9.71 -5.75
C SER A 84 -12.33 -8.90 -4.87
N GLY A 85 -11.78 -8.08 -3.99
CA GLY A 85 -12.61 -7.27 -3.13
C GLY A 85 -12.79 -7.92 -1.77
N GLU A 86 -12.18 -7.31 -0.75
CA GLU A 86 -12.25 -7.84 0.60
C GLU A 86 -12.96 -6.87 1.53
N LYS A 87 -12.68 -5.57 1.35
CA LYS A 87 -13.28 -4.53 2.16
C LYS A 87 -13.06 -4.80 3.64
N ILE A 88 -11.85 -5.23 3.97
CA ILE A 88 -11.49 -5.53 5.35
C ILE A 88 -10.64 -4.41 5.96
N PRO A 89 -10.83 -4.11 7.25
CA PRO A 89 -10.08 -3.06 7.94
C PRO A 89 -8.65 -3.49 8.25
N VAL A 90 -7.68 -2.66 7.86
CA VAL A 90 -6.28 -2.95 8.11
C VAL A 90 -5.50 -1.67 8.33
N SER A 91 -4.29 -1.80 8.87
CA SER A 91 -3.43 -0.65 9.13
C SER A 91 -2.41 -0.47 8.03
N VAL A 92 -2.35 0.72 7.45
CA VAL A 92 -1.41 1.02 6.39
C VAL A 92 -0.56 2.24 6.73
N TRP A 93 0.73 2.16 6.47
CA TRP A 93 1.64 3.26 6.75
C TRP A 93 2.74 3.37 5.70
N MET A 94 2.65 4.40 4.87
CA MET A 94 3.63 4.65 3.82
C MET A 94 4.65 5.68 4.25
N LYS A 95 5.92 5.44 3.95
CA LYS A 95 6.99 6.36 4.33
C LYS A 95 8.21 6.20 3.43
N ARG A 96 8.90 7.30 3.18
CA ARG A 96 10.11 7.30 2.35
C ARG A 96 11.30 6.76 3.12
N MET A 97 11.69 5.53 2.82
CA MET A 97 12.81 4.87 3.48
C MET A 97 13.90 4.48 2.49
N ARG A 98 13.69 4.85 1.23
CA ARG A 98 14.66 4.54 0.17
C ARG A 98 14.84 3.03 0.02
N GLN A 99 15.66 2.65 -0.95
CA GLN A 99 15.94 1.24 -1.22
C GLN A 99 17.13 1.09 -2.15
N GLU A 100 17.40 2.13 -2.93
CA GLU A 100 18.51 2.13 -3.86
C GLU A 100 19.25 3.46 -3.83
N ARG A 101 18.61 4.50 -4.32
CA ARG A 101 19.19 5.84 -4.35
C ARG A 101 18.09 6.89 -4.42
N ARG A 102 16.85 6.46 -4.27
CA ARG A 102 15.71 7.35 -4.33
C ARG A 102 14.77 7.11 -3.15
N LEU A 103 14.13 8.18 -2.67
CA LEU A 103 13.20 8.07 -1.56
C LEU A 103 12.07 7.13 -1.94
N CYS A 104 12.17 5.88 -1.51
CA CYS A 104 11.17 4.87 -1.84
C CYS A 104 10.05 4.82 -0.81
N CYS A 105 8.82 4.90 -1.29
CA CYS A 105 7.65 4.83 -0.44
C CYS A 105 7.34 3.38 -0.09
N VAL A 106 7.31 3.08 1.20
CA VAL A 106 7.04 1.72 1.65
C VAL A 106 5.76 1.65 2.49
N VAL A 107 4.90 0.70 2.15
CA VAL A 107 3.63 0.51 2.86
C VAL A 107 3.64 -0.82 3.59
N VAL A 108 3.03 -0.86 4.75
CA VAL A 108 2.94 -2.09 5.52
C VAL A 108 1.52 -2.31 6.00
N LEU A 109 0.80 -3.23 5.34
CA LEU A 109 -0.57 -3.51 5.70
C LEU A 109 -0.67 -4.61 6.75
N GLU A 110 -1.17 -4.24 7.93
CA GLU A 110 -1.32 -5.18 9.01
C GLU A 110 -2.79 -5.44 9.31
N PRO A 111 -3.27 -6.67 9.11
CA PRO A 111 -4.67 -7.03 9.36
C PRO A 111 -5.08 -6.73 10.80
N VAL A 112 -6.21 -6.07 10.98
CA VAL A 112 -6.69 -5.74 12.32
C VAL A 112 -7.14 -6.99 13.07
N GLU A 113 -7.10 -6.92 14.41
CA GLU A 113 -7.50 -8.03 15.24
C GLU A 113 -7.75 -7.58 16.68
N ARG A 114 -8.69 -6.66 16.84
CA ARG A 114 -9.03 -6.14 18.16
C ARG A 114 -10.53 -5.89 18.28
N GLY A 1 16.94 -4.52 10.65
CA GLY A 1 16.36 -4.89 11.97
C GLY A 1 16.46 -6.37 12.26
N ALA A 2 15.62 -7.16 11.60
CA ALA A 2 15.61 -8.61 11.78
C ALA A 2 14.81 -9.28 10.68
N MET A 3 15.12 -8.93 9.43
CA MET A 3 14.44 -9.49 8.27
C MET A 3 12.95 -9.17 8.33
N ASP A 4 12.16 -9.90 7.54
CA ASP A 4 10.72 -9.69 7.49
C ASP A 4 9.98 -11.03 7.36
N PRO A 5 10.06 -11.88 8.40
CA PRO A 5 9.39 -13.19 8.40
C PRO A 5 7.88 -13.06 8.51
N GLU A 6 7.43 -12.15 9.37
CA GLU A 6 6.00 -11.93 9.57
C GLU A 6 5.77 -10.71 10.46
N PHE A 7 6.85 -9.99 10.76
CA PHE A 7 6.77 -8.79 11.59
C PHE A 7 6.21 -7.61 10.81
N ASN A 8 6.26 -7.72 9.49
CA ASN A 8 5.76 -6.66 8.61
C ASN A 8 4.95 -7.25 7.45
N LYS A 9 5.11 -8.57 7.25
CA LYS A 9 4.40 -9.32 6.20
C LYS A 9 4.15 -8.50 4.93
N ALA A 10 3.09 -7.72 4.93
CA ALA A 10 2.73 -6.92 3.76
C ALA A 10 3.76 -5.86 3.44
N ILE A 11 4.72 -6.21 2.58
CA ILE A 11 5.78 -5.29 2.19
C ILE A 11 5.62 -4.86 0.74
N PHE A 12 5.19 -3.62 0.54
CA PHE A 12 5.01 -3.08 -0.81
C PHE A 12 6.01 -1.94 -1.05
N THR A 13 7.00 -2.20 -1.89
CA THR A 13 8.01 -1.20 -2.20
C THR A 13 7.68 -0.44 -3.47
N VAL A 14 7.64 0.88 -3.36
CA VAL A 14 7.33 1.74 -4.51
C VAL A 14 8.17 3.01 -4.47
N ASP A 15 8.05 3.84 -5.50
CA ASP A 15 8.78 5.10 -5.58
C ASP A 15 7.91 6.25 -5.08
N ALA A 16 8.51 7.35 -4.65
CA ALA A 16 7.74 8.47 -4.14
C ALA A 16 7.36 9.45 -5.24
N LYS A 17 8.11 9.44 -6.33
CA LYS A 17 7.81 10.33 -7.44
C LYS A 17 6.53 9.91 -8.13
N THR A 18 6.56 8.74 -8.74
CA THR A 18 5.39 8.22 -9.46
C THR A 18 4.76 7.00 -8.82
N THR A 19 5.40 6.48 -7.78
CA THR A 19 4.91 5.28 -7.08
C THR A 19 5.32 4.02 -7.84
N GLU A 20 4.36 3.31 -8.42
CA GLU A 20 4.65 2.08 -9.15
C GLU A 20 5.41 1.09 -8.26
N ILE A 21 4.67 0.13 -7.71
CA ILE A 21 5.26 -0.87 -6.82
C ILE A 21 6.43 -1.58 -7.49
N LEU A 22 7.64 -1.25 -7.05
CA LEU A 22 8.86 -1.86 -7.59
C LEU A 22 8.85 -3.36 -7.40
N VAL A 23 8.35 -3.83 -6.25
CA VAL A 23 8.29 -5.27 -5.97
C VAL A 23 7.63 -5.54 -4.62
N ALA A 24 7.19 -6.78 -4.43
CA ALA A 24 6.55 -7.21 -3.19
C ALA A 24 7.00 -8.62 -2.83
N ASN A 25 6.73 -9.05 -1.60
CA ASN A 25 7.15 -10.37 -1.15
C ASN A 25 6.00 -11.38 -1.07
N ASP A 26 6.37 -12.59 -0.64
CA ASP A 26 5.43 -13.70 -0.51
C ASP A 26 4.46 -13.49 0.65
N LYS A 27 4.67 -12.43 1.41
CA LYS A 27 3.78 -12.12 2.52
C LYS A 27 2.72 -11.14 2.05
N ALA A 28 3.16 -9.94 1.68
CA ALA A 28 2.26 -8.91 1.17
C ALA A 28 1.32 -9.49 0.14
N CYS A 29 1.89 -10.24 -0.80
CA CYS A 29 1.11 -10.87 -1.85
C CYS A 29 0.05 -11.78 -1.25
N GLY A 30 0.44 -12.54 -0.24
CA GLY A 30 -0.49 -13.42 0.44
C GLY A 30 -1.68 -12.65 0.98
N LEU A 31 -1.39 -11.46 1.52
CA LEU A 31 -2.42 -10.60 2.08
C LEU A 31 -3.56 -10.40 1.09
N LEU A 32 -3.25 -9.81 -0.06
CA LEU A 32 -4.27 -9.61 -1.08
C LEU A 32 -4.41 -10.86 -1.96
N GLY A 33 -3.47 -11.04 -2.88
CA GLY A 33 -3.50 -12.18 -3.76
C GLY A 33 -2.66 -11.96 -4.99
N TYR A 34 -1.62 -11.15 -4.85
CA TYR A 34 -0.72 -10.83 -5.95
C TYR A 34 0.65 -11.48 -5.73
N SER A 35 1.71 -10.75 -6.09
CA SER A 35 3.08 -11.21 -5.92
C SER A 35 4.04 -10.24 -6.61
N SER A 36 5.32 -10.39 -6.31
CA SER A 36 6.35 -9.53 -6.90
C SER A 36 6.21 -9.46 -8.42
N GLN A 37 5.71 -10.53 -9.03
CA GLN A 37 5.56 -10.59 -10.47
C GLN A 37 4.13 -10.31 -10.92
N ASP A 38 3.18 -10.29 -9.98
CA ASP A 38 1.78 -10.07 -10.32
C ASP A 38 1.29 -8.66 -9.95
N LEU A 39 2.06 -7.94 -9.15
CA LEU A 39 1.67 -6.59 -8.74
C LEU A 39 2.69 -5.55 -9.18
N ILE A 40 3.84 -6.00 -9.66
CA ILE A 40 4.88 -5.09 -10.11
C ILE A 40 4.46 -4.35 -11.38
N GLY A 41 4.79 -3.06 -11.45
CA GLY A 41 4.42 -2.26 -12.61
C GLY A 41 3.20 -1.41 -12.36
N GLN A 42 2.34 -1.85 -11.45
CA GLN A 42 1.12 -1.12 -11.11
C GLN A 42 1.31 -0.31 -9.84
N LYS A 43 0.20 0.18 -9.28
CA LYS A 43 0.24 0.98 -8.06
C LYS A 43 -0.52 0.28 -6.95
N LEU A 44 0.12 0.14 -5.79
CA LEU A 44 -0.48 -0.54 -4.65
C LEU A 44 -1.94 -0.14 -4.41
N THR A 45 -2.19 1.17 -4.38
CA THR A 45 -3.54 1.68 -4.13
C THR A 45 -4.59 1.11 -5.08
N GLN A 46 -4.14 0.50 -6.16
CA GLN A 46 -5.05 -0.10 -7.11
C GLN A 46 -5.80 -1.24 -6.44
N PHE A 47 -5.15 -1.81 -5.43
CA PHE A 47 -5.71 -2.93 -4.69
C PHE A 47 -6.08 -2.53 -3.27
N PHE A 48 -6.54 -1.28 -3.11
CA PHE A 48 -6.94 -0.76 -1.81
C PHE A 48 -8.14 0.17 -1.95
N LEU A 49 -8.99 0.19 -0.92
CA LEU A 49 -10.19 1.04 -0.89
C LEU A 49 -10.85 1.18 -2.26
N ARG A 50 -10.35 2.11 -3.05
CA ARG A 50 -10.88 2.35 -4.39
C ARG A 50 -9.74 2.46 -5.40
N SER A 51 -9.80 1.65 -6.45
CA SER A 51 -8.76 1.66 -7.48
C SER A 51 -9.01 2.75 -8.52
N ASP A 52 -10.14 3.44 -8.40
CA ASP A 52 -10.49 4.49 -9.36
C ASP A 52 -10.01 5.87 -8.90
N SER A 53 -10.66 6.41 -7.88
CA SER A 53 -10.33 7.74 -7.37
C SER A 53 -9.34 7.69 -6.20
N ASP A 54 -9.58 6.79 -5.25
CA ASP A 54 -8.72 6.67 -4.07
C ASP A 54 -7.25 6.52 -4.42
N VAL A 55 -6.95 6.16 -5.67
CA VAL A 55 -5.55 5.99 -6.07
C VAL A 55 -4.96 7.31 -6.58
N VAL A 56 -5.82 8.20 -7.07
CA VAL A 56 -5.37 9.49 -7.57
C VAL A 56 -5.14 10.48 -6.44
N GLU A 57 -5.84 10.27 -5.32
CA GLU A 57 -5.70 11.15 -4.16
C GLU A 57 -4.59 10.64 -3.23
N ALA A 58 -4.54 9.32 -3.06
CA ALA A 58 -3.54 8.70 -2.19
C ALA A 58 -2.13 8.88 -2.74
N LEU A 59 -1.93 8.46 -3.99
CA LEU A 59 -0.62 8.57 -4.63
C LEU A 59 -0.26 10.02 -4.92
N SER A 60 -1.18 10.94 -4.64
CA SER A 60 -0.95 12.36 -4.88
C SER A 60 0.21 12.88 -4.02
N GLU A 61 0.25 14.19 -3.82
CA GLU A 61 1.32 14.80 -3.03
C GLU A 61 1.17 14.48 -1.54
N GLU A 62 0.38 13.46 -1.22
CA GLU A 62 0.15 13.04 0.16
C GLU A 62 -0.83 13.97 0.85
N HIS A 63 -0.92 13.85 2.18
CA HIS A 63 -1.83 14.67 3.00
C HIS A 63 -3.09 15.05 2.21
N MET A 64 -3.24 16.33 1.90
CA MET A 64 -4.39 16.80 1.14
C MET A 64 -4.10 16.69 -0.35
N GLU A 65 -5.15 16.58 -1.15
CA GLU A 65 -5.00 16.49 -2.60
C GLU A 65 -4.29 17.71 -3.16
N ALA A 66 -4.07 18.71 -2.31
CA ALA A 66 -3.41 19.94 -2.71
C ALA A 66 -3.01 20.76 -1.49
N ASP A 67 -3.98 21.50 -0.94
CA ASP A 67 -3.75 22.33 0.23
C ASP A 67 -5.05 22.62 0.96
N GLY A 68 -5.34 21.81 1.97
CA GLY A 68 -6.57 21.99 2.74
C GLY A 68 -7.74 21.26 2.11
N HIS A 69 -7.45 20.32 1.22
CA HIS A 69 -8.48 19.54 0.54
C HIS A 69 -9.00 18.43 1.45
N ALA A 70 -8.10 17.53 1.84
CA ALA A 70 -8.46 16.41 2.70
C ALA A 70 -9.50 15.52 2.06
N ALA A 71 -9.07 14.74 1.07
CA ALA A 71 -9.98 13.83 0.36
C ALA A 71 -9.26 12.54 -0.02
N VAL A 72 -7.99 12.44 0.36
CA VAL A 72 -7.19 11.26 0.05
C VAL A 72 -7.41 10.18 1.12
N VAL A 73 -7.25 8.92 0.73
CA VAL A 73 -7.44 7.81 1.65
C VAL A 73 -6.33 6.76 1.51
N PHE A 74 -5.35 6.84 2.41
CA PHE A 74 -4.22 5.91 2.43
C PHE A 74 -3.20 6.35 3.48
N GLY A 75 -2.15 5.56 3.66
CA GLY A 75 -1.14 5.90 4.64
C GLY A 75 -1.69 5.89 6.05
N THR A 76 -2.89 5.33 6.19
CA THR A 76 -3.56 5.25 7.48
C THR A 76 -4.43 3.98 7.55
N VAL A 77 -4.89 3.63 8.74
CA VAL A 77 -5.73 2.46 8.90
C VAL A 77 -7.06 2.67 8.17
N VAL A 78 -7.16 2.11 6.96
CA VAL A 78 -8.36 2.27 6.14
C VAL A 78 -8.90 0.92 5.66
N ASP A 79 -9.94 0.99 4.83
CA ASP A 79 -10.55 -0.21 4.27
C ASP A 79 -9.95 -0.49 2.90
N ILE A 80 -9.43 -1.70 2.72
CA ILE A 80 -8.82 -2.07 1.46
C ILE A 80 -9.56 -3.19 0.75
N ILE A 81 -9.27 -3.37 -0.54
CA ILE A 81 -9.89 -4.41 -1.33
C ILE A 81 -8.86 -5.05 -2.26
N SER A 82 -8.82 -6.37 -2.26
CA SER A 82 -7.87 -7.09 -3.10
C SER A 82 -8.44 -7.28 -4.51
N ARG A 83 -7.63 -7.84 -5.39
CA ARG A 83 -8.05 -8.08 -6.78
C ARG A 83 -9.47 -8.66 -6.85
N SER A 84 -9.86 -9.38 -5.81
CA SER A 84 -11.20 -9.99 -5.76
C SER A 84 -12.17 -9.16 -4.92
N GLY A 85 -11.62 -8.30 -4.05
CA GLY A 85 -12.46 -7.48 -3.20
C GLY A 85 -12.62 -8.07 -1.82
N GLU A 86 -12.06 -7.39 -0.83
CA GLU A 86 -12.13 -7.86 0.55
C GLU A 86 -12.92 -6.90 1.44
N LYS A 87 -12.71 -5.60 1.24
CA LYS A 87 -13.41 -4.58 2.03
C LYS A 87 -13.19 -4.82 3.52
N ILE A 88 -11.92 -4.96 3.91
CA ILE A 88 -11.56 -5.21 5.29
C ILE A 88 -10.63 -4.12 5.83
N PRO A 89 -10.89 -3.64 7.05
CA PRO A 89 -10.07 -2.59 7.68
C PRO A 89 -8.67 -3.08 8.02
N VAL A 90 -7.67 -2.28 7.67
CA VAL A 90 -6.28 -2.61 7.95
C VAL A 90 -5.47 -1.34 8.19
N SER A 91 -4.28 -1.49 8.75
CA SER A 91 -3.41 -0.36 9.03
C SER A 91 -2.41 -0.13 7.91
N VAL A 92 -2.39 1.09 7.37
CA VAL A 92 -1.48 1.44 6.29
C VAL A 92 -0.57 2.59 6.70
N TRP A 93 0.71 2.49 6.36
CA TRP A 93 1.67 3.54 6.69
C TRP A 93 2.72 3.67 5.59
N MET A 94 2.62 4.76 4.82
CA MET A 94 3.55 5.02 3.73
C MET A 94 4.63 6.02 4.16
N LYS A 95 5.85 5.79 3.70
CA LYS A 95 6.98 6.66 4.05
C LYS A 95 8.03 6.66 2.94
N ARG A 96 8.39 7.85 2.46
CA ARG A 96 9.38 8.00 1.40
C ARG A 96 10.79 7.88 1.93
N MET A 97 11.38 6.70 1.79
CA MET A 97 12.75 6.45 2.26
C MET A 97 13.73 6.39 1.08
N ARG A 98 14.36 5.23 0.89
CA ARG A 98 15.32 5.05 -0.19
C ARG A 98 15.36 3.59 -0.65
N GLN A 99 15.94 2.74 0.19
CA GLN A 99 16.05 1.31 -0.11
C GLN A 99 17.02 1.07 -1.28
N GLU A 100 17.66 2.14 -1.74
CA GLU A 100 18.61 2.04 -2.84
C GLU A 100 19.38 3.34 -3.01
N ARG A 101 18.94 4.17 -3.94
CA ARG A 101 19.60 5.46 -4.21
C ARG A 101 18.57 6.50 -4.59
N ARG A 102 17.30 6.14 -4.50
CA ARG A 102 16.20 7.05 -4.83
C ARG A 102 15.12 7.00 -3.76
N LEU A 103 14.51 8.15 -3.49
CA LEU A 103 13.45 8.24 -2.49
C LEU A 103 12.31 7.29 -2.83
N CYS A 104 12.39 6.07 -2.31
CA CYS A 104 11.37 5.07 -2.57
C CYS A 104 10.33 5.02 -1.46
N CYS A 105 9.07 5.08 -1.85
CA CYS A 105 7.95 5.04 -0.91
C CYS A 105 7.64 3.60 -0.51
N VAL A 106 7.61 3.35 0.80
CA VAL A 106 7.32 2.00 1.30
C VAL A 106 5.97 1.95 1.99
N VAL A 107 5.20 0.90 1.70
CA VAL A 107 3.88 0.71 2.30
C VAL A 107 3.81 -0.64 3.01
N VAL A 108 3.21 -0.65 4.19
CA VAL A 108 3.07 -1.88 4.97
C VAL A 108 1.63 -2.04 5.47
N LEU A 109 0.99 -3.11 5.05
CA LEU A 109 -0.39 -3.37 5.45
C LEU A 109 -0.44 -4.38 6.60
N GLU A 110 -1.37 -4.15 7.52
CA GLU A 110 -1.53 -5.04 8.67
C GLU A 110 -3.00 -5.18 9.05
N PRO A 111 -3.55 -6.40 8.92
CA PRO A 111 -4.96 -6.66 9.26
C PRO A 111 -5.28 -6.25 10.68
N VAL A 112 -6.41 -5.59 10.87
CA VAL A 112 -6.83 -5.15 12.20
C VAL A 112 -7.16 -6.33 13.10
N GLU A 113 -6.89 -6.17 14.40
CA GLU A 113 -7.17 -7.21 15.38
C GLU A 113 -6.44 -8.50 15.03
N ARG A 114 -5.40 -8.39 14.21
CA ARG A 114 -4.62 -9.56 13.79
C ARG A 114 -3.12 -9.29 13.91
N GLY A 1 14.55 -13.80 14.60
CA GLY A 1 14.39 -12.78 13.52
C GLY A 1 15.54 -12.78 12.55
N ALA A 2 15.22 -12.99 11.27
CA ALA A 2 16.25 -13.02 10.22
C ALA A 2 15.64 -12.70 8.85
N MET A 3 14.39 -13.11 8.66
CA MET A 3 13.69 -12.86 7.40
C MET A 3 12.39 -12.10 7.65
N ASP A 4 11.43 -12.26 6.74
CA ASP A 4 10.14 -11.60 6.86
C ASP A 4 9.00 -12.62 7.00
N PRO A 5 8.88 -13.25 8.18
CA PRO A 5 7.85 -14.25 8.43
C PRO A 5 6.50 -13.62 8.79
N GLU A 6 6.55 -12.63 9.68
CA GLU A 6 5.34 -11.94 10.12
C GLU A 6 5.68 -10.58 10.72
N PHE A 7 6.93 -10.15 10.52
CA PHE A 7 7.39 -8.87 11.06
C PHE A 7 6.63 -7.71 10.43
N ASN A 8 6.27 -7.84 9.15
CA ASN A 8 5.54 -6.79 8.45
C ASN A 8 4.63 -7.38 7.38
N LYS A 9 4.73 -8.70 7.18
CA LYS A 9 3.91 -9.43 6.20
C LYS A 9 3.62 -8.61 4.94
N ALA A 10 2.57 -7.79 4.99
CA ALA A 10 2.20 -6.97 3.85
C ALA A 10 3.22 -5.87 3.60
N ILE A 11 4.24 -6.17 2.81
CA ILE A 11 5.28 -5.20 2.49
C ILE A 11 5.25 -4.84 1.01
N PHE A 12 4.88 -3.60 0.71
CA PHE A 12 4.82 -3.12 -0.66
C PHE A 12 5.86 -2.03 -0.88
N THR A 13 6.91 -2.35 -1.63
CA THR A 13 7.97 -1.38 -1.91
C THR A 13 7.73 -0.69 -3.24
N VAL A 14 7.73 0.64 -3.22
CA VAL A 14 7.51 1.42 -4.42
C VAL A 14 8.42 2.64 -4.46
N ASP A 15 8.41 3.36 -5.59
CA ASP A 15 9.20 4.56 -5.74
C ASP A 15 8.35 5.76 -5.38
N ALA A 16 8.97 6.88 -5.03
CA ALA A 16 8.20 8.06 -4.64
C ALA A 16 7.80 8.90 -5.84
N LYS A 17 8.48 8.71 -6.96
CA LYS A 17 8.16 9.44 -8.17
C LYS A 17 6.82 8.98 -8.74
N THR A 18 6.74 7.70 -9.05
CA THR A 18 5.52 7.14 -9.64
C THR A 18 4.73 6.24 -8.69
N THR A 19 5.30 5.95 -7.54
CA THR A 19 4.64 5.09 -6.55
C THR A 19 4.52 3.65 -7.07
N GLU A 20 5.09 3.40 -8.24
CA GLU A 20 5.05 2.07 -8.82
C GLU A 20 5.73 1.07 -7.90
N ILE A 21 4.98 0.05 -7.49
CA ILE A 21 5.52 -0.97 -6.61
C ILE A 21 6.68 -1.72 -7.24
N LEU A 22 7.89 -1.34 -6.83
CA LEU A 22 9.10 -1.96 -7.36
C LEU A 22 9.08 -3.48 -7.19
N VAL A 23 8.56 -3.94 -6.05
CA VAL A 23 8.48 -5.38 -5.77
C VAL A 23 7.74 -5.66 -4.47
N ALA A 24 7.13 -6.85 -4.38
CA ALA A 24 6.40 -7.26 -3.19
C ALA A 24 6.79 -8.67 -2.79
N ASN A 25 6.51 -9.04 -1.54
CA ASN A 25 6.87 -10.35 -1.03
C ASN A 25 5.70 -11.33 -1.00
N ASP A 26 6.03 -12.58 -0.65
CA ASP A 26 5.06 -13.67 -0.57
C ASP A 26 4.07 -13.48 0.57
N LYS A 27 4.28 -12.46 1.39
CA LYS A 27 3.36 -12.17 2.48
C LYS A 27 2.34 -11.15 2.02
N ALA A 28 2.83 -9.96 1.64
CA ALA A 28 1.97 -8.89 1.15
C ALA A 28 1.04 -9.41 0.06
N CYS A 29 1.63 -10.16 -0.87
CA CYS A 29 0.87 -10.73 -1.97
C CYS A 29 -0.23 -11.63 -1.43
N GLY A 30 0.10 -12.42 -0.41
CA GLY A 30 -0.88 -13.29 0.20
C GLY A 30 -2.06 -12.51 0.73
N LEU A 31 -1.76 -11.34 1.30
CA LEU A 31 -2.77 -10.46 1.84
C LEU A 31 -3.88 -10.22 0.83
N LEU A 32 -3.52 -9.62 -0.30
CA LEU A 32 -4.51 -9.37 -1.36
C LEU A 32 -4.64 -10.59 -2.28
N GLY A 33 -3.67 -10.77 -3.16
CA GLY A 33 -3.70 -11.89 -4.09
C GLY A 33 -2.81 -11.66 -5.29
N TYR A 34 -1.73 -10.91 -5.09
CA TYR A 34 -0.78 -10.60 -6.15
C TYR A 34 0.57 -11.26 -5.89
N SER A 35 1.65 -10.57 -6.22
CA SER A 35 3.01 -11.05 -6.01
C SER A 35 4.02 -10.09 -6.63
N SER A 36 5.29 -10.26 -6.27
CA SER A 36 6.34 -9.40 -6.78
C SER A 36 6.23 -9.18 -8.28
N GLN A 37 5.82 -10.21 -9.01
CA GLN A 37 5.69 -10.12 -10.46
C GLN A 37 4.25 -9.90 -10.91
N ASP A 38 3.30 -10.07 -9.99
CA ASP A 38 1.89 -9.90 -10.33
C ASP A 38 1.36 -8.51 -10.00
N LEU A 39 2.14 -7.73 -9.25
CA LEU A 39 1.71 -6.39 -8.88
C LEU A 39 2.71 -5.33 -9.32
N ILE A 40 3.94 -5.75 -9.62
CA ILE A 40 4.97 -4.83 -10.06
C ILE A 40 4.58 -4.14 -11.36
N GLY A 41 4.91 -2.85 -11.47
CA GLY A 41 4.57 -2.10 -12.66
C GLY A 41 3.46 -1.10 -12.42
N GLN A 42 2.52 -1.46 -11.56
CA GLN A 42 1.40 -0.59 -11.25
C GLN A 42 1.62 0.12 -9.91
N LYS A 43 0.57 0.75 -9.39
CA LYS A 43 0.65 1.45 -8.11
C LYS A 43 -0.16 0.72 -7.05
N LEU A 44 0.45 0.48 -5.90
CA LEU A 44 -0.21 -0.24 -4.81
C LEU A 44 -1.66 0.19 -4.59
N THR A 45 -1.89 1.50 -4.58
CA THR A 45 -3.22 2.06 -4.36
C THR A 45 -4.27 1.50 -5.31
N GLN A 46 -3.84 0.78 -6.33
CA GLN A 46 -4.76 0.19 -7.28
C GLN A 46 -5.57 -0.90 -6.58
N PHE A 47 -5.01 -1.43 -5.50
CA PHE A 47 -5.65 -2.49 -4.74
C PHE A 47 -6.00 -2.05 -3.33
N PHE A 48 -6.49 -0.82 -3.20
CA PHE A 48 -6.87 -0.29 -1.88
C PHE A 48 -8.03 0.70 -2.01
N LEU A 49 -8.84 0.76 -0.95
CA LEU A 49 -10.02 1.64 -0.86
C LEU A 49 -10.28 2.41 -2.15
N ARG A 50 -11.14 1.85 -3.00
CA ARG A 50 -11.49 2.47 -4.28
C ARG A 50 -10.27 2.61 -5.18
N SER A 51 -10.23 1.80 -6.22
CA SER A 51 -9.11 1.82 -7.17
C SER A 51 -9.34 2.81 -8.31
N ASP A 52 -10.51 3.45 -8.35
CA ASP A 52 -10.83 4.38 -9.42
C ASP A 52 -10.31 5.80 -9.15
N SER A 53 -10.96 6.51 -8.24
CA SER A 53 -10.59 7.90 -7.92
C SER A 53 -9.62 8.01 -6.76
N ASP A 54 -9.80 7.17 -5.75
CA ASP A 54 -8.96 7.21 -4.55
C ASP A 54 -7.47 7.07 -4.87
N VAL A 55 -7.15 6.43 -5.99
CA VAL A 55 -5.74 6.23 -6.37
C VAL A 55 -5.18 7.47 -7.07
N VAL A 56 -6.04 8.38 -7.47
CA VAL A 56 -5.61 9.60 -8.15
C VAL A 56 -5.33 10.71 -7.14
N GLU A 57 -6.04 10.68 -6.02
CA GLU A 57 -5.87 11.68 -4.97
C GLU A 57 -4.82 11.27 -3.95
N ALA A 58 -4.83 9.99 -3.58
CA ALA A 58 -3.90 9.46 -2.60
C ALA A 58 -2.46 9.49 -3.10
N LEU A 59 -2.29 9.45 -4.42
CA LEU A 59 -0.95 9.47 -5.01
C LEU A 59 -0.45 10.90 -5.21
N SER A 60 -1.30 11.87 -4.90
CA SER A 60 -0.92 13.27 -5.03
C SER A 60 0.07 13.67 -3.93
N GLU A 61 -0.09 14.85 -3.36
CA GLU A 61 0.80 15.32 -2.30
C GLU A 61 0.71 14.44 -1.05
N GLU A 62 -0.04 13.33 -1.15
CA GLU A 62 -0.21 12.39 -0.04
C GLU A 62 -1.20 12.93 0.99
N HIS A 63 -1.15 12.35 2.19
CA HIS A 63 -2.02 12.72 3.31
C HIS A 63 -3.43 13.11 2.83
N MET A 64 -4.05 14.06 3.52
CA MET A 64 -5.40 14.50 3.17
C MET A 64 -5.36 15.66 2.17
N GLU A 65 -4.41 15.60 1.23
CA GLU A 65 -4.26 16.63 0.21
C GLU A 65 -3.74 17.94 0.82
N ALA A 66 -3.87 18.08 2.14
CA ALA A 66 -3.40 19.28 2.83
C ALA A 66 -3.45 19.08 4.34
N ASP A 67 -4.54 19.52 4.96
CA ASP A 67 -4.70 19.39 6.41
C ASP A 67 -6.16 19.08 6.76
N GLY A 68 -7.02 19.14 5.77
CA GLY A 68 -8.43 18.86 5.98
C GLY A 68 -9.00 17.91 4.95
N HIS A 69 -10.03 18.35 4.23
CA HIS A 69 -10.66 17.53 3.21
C HIS A 69 -11.16 16.21 3.78
N ALA A 70 -11.64 15.33 2.90
CA ALA A 70 -12.15 14.03 3.31
C ALA A 70 -12.48 13.17 2.10
N ALA A 71 -11.45 12.78 1.36
CA ALA A 71 -11.63 11.96 0.16
C ALA A 71 -10.50 10.95 0.01
N VAL A 72 -9.27 11.42 0.21
CA VAL A 72 -8.09 10.56 0.09
C VAL A 72 -7.88 9.77 1.38
N VAL A 73 -7.64 8.47 1.25
CA VAL A 73 -7.43 7.62 2.42
C VAL A 73 -6.30 6.61 2.21
N PHE A 74 -5.13 6.93 2.76
CA PHE A 74 -3.97 6.05 2.67
C PHE A 74 -2.88 6.50 3.64
N GLY A 75 -2.02 5.57 4.04
CA GLY A 75 -0.97 5.90 4.99
C GLY A 75 -1.51 5.93 6.40
N THR A 76 -2.71 5.38 6.56
CA THR A 76 -3.38 5.31 7.85
C THR A 76 -4.25 4.06 7.93
N VAL A 77 -4.73 3.72 9.12
CA VAL A 77 -5.56 2.55 9.29
C VAL A 77 -6.89 2.74 8.54
N VAL A 78 -6.97 2.14 7.35
CA VAL A 78 -8.17 2.28 6.52
C VAL A 78 -8.70 0.93 6.06
N ASP A 79 -9.85 0.97 5.39
CA ASP A 79 -10.47 -0.22 4.85
C ASP A 79 -10.00 -0.44 3.42
N ILE A 80 -9.24 -1.51 3.20
CA ILE A 80 -8.70 -1.80 1.88
C ILE A 80 -9.52 -2.85 1.15
N ILE A 81 -9.27 -2.98 -0.14
CA ILE A 81 -9.98 -3.95 -0.98
C ILE A 81 -9.01 -4.61 -1.96
N SER A 82 -9.15 -5.92 -2.15
CA SER A 82 -8.26 -6.65 -3.06
C SER A 82 -8.84 -6.69 -4.47
N ARG A 83 -7.99 -7.08 -5.42
CA ARG A 83 -8.38 -7.15 -6.83
C ARG A 83 -9.77 -7.76 -7.03
N SER A 84 -10.15 -8.72 -6.18
CA SER A 84 -11.44 -9.37 -6.30
C SER A 84 -12.44 -8.84 -5.28
N GLY A 85 -11.94 -8.14 -4.27
CA GLY A 85 -12.81 -7.59 -3.25
C GLY A 85 -12.67 -8.33 -1.92
N GLU A 86 -11.79 -7.83 -1.07
CA GLU A 86 -11.56 -8.45 0.23
C GLU A 86 -12.19 -7.62 1.35
N LYS A 87 -12.31 -6.31 1.11
CA LYS A 87 -12.91 -5.38 2.07
C LYS A 87 -12.58 -5.77 3.51
N ILE A 88 -11.44 -5.26 4.01
CA ILE A 88 -11.02 -5.55 5.38
C ILE A 88 -10.23 -4.40 5.98
N PRO A 89 -10.58 -3.97 7.21
CA PRO A 89 -9.88 -2.88 7.90
C PRO A 89 -8.46 -3.27 8.29
N VAL A 90 -7.50 -2.39 8.00
CA VAL A 90 -6.11 -2.67 8.33
C VAL A 90 -5.36 -1.37 8.63
N SER A 91 -4.09 -1.49 9.00
CA SER A 91 -3.26 -0.34 9.31
C SER A 91 -2.25 -0.11 8.19
N VAL A 92 -2.21 1.11 7.66
CA VAL A 92 -1.28 1.44 6.58
C VAL A 92 -0.39 2.62 6.95
N TRP A 93 0.88 2.53 6.57
CA TRP A 93 1.84 3.59 6.84
C TRP A 93 2.84 3.72 5.70
N MET A 94 2.72 4.80 4.94
CA MET A 94 3.61 5.05 3.80
C MET A 94 4.73 6.01 4.19
N LYS A 95 5.96 5.66 3.83
CA LYS A 95 7.11 6.51 4.17
C LYS A 95 8.32 6.19 3.30
N ARG A 96 9.15 7.19 3.06
CA ARG A 96 10.36 7.01 2.26
C ARG A 96 11.46 6.42 3.13
N MET A 97 11.67 5.12 2.98
CA MET A 97 12.67 4.40 3.76
C MET A 97 14.03 4.36 3.07
N ARG A 98 14.10 4.93 1.87
CA ARG A 98 15.35 4.98 1.11
C ARG A 98 16.13 3.68 1.21
N GLN A 99 15.79 2.71 0.37
CA GLN A 99 16.48 1.42 0.36
C GLN A 99 17.00 1.10 -1.03
N GLU A 100 17.16 2.12 -1.85
CA GLU A 100 17.64 1.96 -3.22
C GLU A 100 18.36 3.23 -3.69
N ARG A 101 18.56 3.33 -5.00
CA ARG A 101 19.23 4.49 -5.58
C ARG A 101 18.31 5.71 -5.57
N ARG A 102 17.04 5.48 -5.30
CA ARG A 102 16.05 6.55 -5.25
C ARG A 102 15.12 6.40 -4.05
N LEU A 103 14.53 7.50 -3.60
CA LEU A 103 13.63 7.48 -2.47
C LEU A 103 12.49 6.49 -2.71
N CYS A 104 12.50 5.40 -1.94
CA CYS A 104 11.47 4.38 -2.10
C CYS A 104 10.42 4.45 -1.00
N CYS A 105 9.17 4.58 -1.43
CA CYS A 105 8.04 4.65 -0.51
C CYS A 105 7.58 3.24 -0.13
N VAL A 106 7.41 3.00 1.17
CA VAL A 106 6.97 1.69 1.65
C VAL A 106 5.56 1.73 2.19
N VAL A 107 4.79 0.68 1.92
CA VAL A 107 3.42 0.58 2.40
C VAL A 107 3.22 -0.78 3.08
N VAL A 108 2.97 -0.75 4.38
CA VAL A 108 2.78 -1.97 5.15
C VAL A 108 1.36 -2.09 5.70
N LEU A 109 0.63 -3.09 5.21
CA LEU A 109 -0.74 -3.32 5.63
C LEU A 109 -0.81 -4.35 6.75
N GLU A 110 -1.23 -3.90 7.92
CA GLU A 110 -1.35 -4.78 9.08
C GLU A 110 -2.81 -5.11 9.35
N PRO A 111 -3.19 -6.39 9.21
CA PRO A 111 -4.58 -6.82 9.47
C PRO A 111 -4.99 -6.55 10.91
N VAL A 112 -6.14 -5.91 11.09
CA VAL A 112 -6.63 -5.60 12.43
C VAL A 112 -7.17 -6.86 13.12
N GLU A 113 -7.25 -6.80 14.45
CA GLU A 113 -7.75 -7.93 15.23
C GLU A 113 -9.15 -7.65 15.76
N ARG A 114 -9.96 -8.69 15.84
CA ARG A 114 -11.33 -8.56 16.33
C ARG A 114 -11.53 -9.38 17.61
N GLY A 1 -1.43 -17.04 16.64
CA GLY A 1 -0.57 -15.83 16.82
C GLY A 1 -1.38 -14.58 17.07
N ALA A 2 -0.82 -13.44 16.67
CA ALA A 2 -1.50 -12.16 16.86
C ALA A 2 -0.89 -11.08 15.96
N MET A 3 0.39 -11.25 15.62
CA MET A 3 1.08 -10.30 14.77
C MET A 3 1.74 -11.01 13.59
N ASP A 4 2.25 -10.23 12.64
CA ASP A 4 2.90 -10.80 11.46
C ASP A 4 4.21 -10.07 11.15
N PRO A 5 5.21 -10.18 12.04
CA PRO A 5 6.52 -9.53 11.84
C PRO A 5 7.25 -10.06 10.62
N GLU A 6 6.97 -11.32 10.29
CA GLU A 6 7.58 -11.97 9.13
C GLU A 6 6.76 -13.18 8.71
N PHE A 7 5.70 -13.44 9.46
CA PHE A 7 4.80 -14.56 9.17
C PHE A 7 3.78 -14.16 8.11
N ASN A 8 3.55 -12.87 7.99
CA ASN A 8 2.60 -12.34 7.01
C ASN A 8 2.75 -10.82 6.90
N LYS A 9 4.00 -10.37 6.90
CA LYS A 9 4.29 -8.94 6.83
C LYS A 9 4.03 -8.38 5.43
N ALA A 10 3.02 -7.52 5.34
CA ALA A 10 2.68 -6.92 4.06
C ALA A 10 3.64 -5.79 3.72
N ILE A 11 4.68 -6.11 2.96
CA ILE A 11 5.68 -5.13 2.56
C ILE A 11 5.57 -4.82 1.07
N PHE A 12 5.15 -3.59 0.76
CA PHE A 12 5.03 -3.15 -0.63
C PHE A 12 6.03 -2.04 -0.91
N THR A 13 7.06 -2.36 -1.70
CA THR A 13 8.09 -1.38 -2.02
C THR A 13 7.79 -0.69 -3.35
N VAL A 14 7.69 0.64 -3.30
CA VAL A 14 7.41 1.43 -4.49
C VAL A 14 8.23 2.72 -4.49
N ASP A 15 8.13 3.49 -5.57
CA ASP A 15 8.84 4.77 -5.67
C ASP A 15 7.88 5.91 -5.35
N ALA A 16 8.42 7.10 -5.09
CA ALA A 16 7.58 8.24 -4.76
C ALA A 16 7.19 9.03 -6.00
N LYS A 17 7.90 8.80 -7.09
CA LYS A 17 7.60 9.48 -8.34
C LYS A 17 6.31 8.94 -8.95
N THR A 18 6.28 7.63 -9.17
CA THR A 18 5.11 7.00 -9.78
C THR A 18 4.35 6.09 -8.83
N THR A 19 4.93 5.81 -7.68
CA THR A 19 4.29 4.95 -6.67
C THR A 19 4.23 3.50 -7.16
N GLU A 20 4.82 3.25 -8.32
CA GLU A 20 4.85 1.91 -8.91
C GLU A 20 5.55 0.93 -7.97
N ILE A 21 4.85 -0.12 -7.58
CA ILE A 21 5.40 -1.12 -6.69
C ILE A 21 6.59 -1.84 -7.32
N LEU A 22 7.79 -1.44 -6.90
CA LEU A 22 9.02 -2.03 -7.41
C LEU A 22 9.03 -3.54 -7.18
N VAL A 23 8.46 -3.98 -6.05
CA VAL A 23 8.42 -5.39 -5.72
C VAL A 23 7.71 -5.64 -4.39
N ALA A 24 7.19 -6.85 -4.22
CA ALA A 24 6.49 -7.23 -3.00
C ALA A 24 6.89 -8.65 -2.60
N ASN A 25 6.67 -9.00 -1.34
CA ASN A 25 7.06 -10.33 -0.85
C ASN A 25 5.90 -11.31 -0.70
N ASP A 26 6.26 -12.57 -0.51
CA ASP A 26 5.30 -13.67 -0.36
C ASP A 26 4.33 -13.43 0.80
N LYS A 27 4.55 -12.37 1.56
CA LYS A 27 3.66 -12.04 2.67
C LYS A 27 2.64 -11.01 2.18
N ALA A 28 3.12 -9.80 1.89
CA ALA A 28 2.26 -8.73 1.40
C ALA A 28 1.35 -9.23 0.27
N CYS A 29 1.96 -9.85 -0.73
CA CYS A 29 1.21 -10.38 -1.87
C CYS A 29 0.15 -11.36 -1.39
N GLY A 30 0.49 -12.16 -0.37
CA GLY A 30 -0.46 -13.11 0.17
C GLY A 30 -1.68 -12.39 0.71
N LEU A 31 -1.44 -11.25 1.36
CA LEU A 31 -2.52 -10.44 1.93
C LEU A 31 -3.63 -10.23 0.89
N LEU A 32 -3.26 -9.68 -0.27
CA LEU A 32 -4.26 -9.48 -1.33
C LEU A 32 -4.36 -10.72 -2.21
N GLY A 33 -3.34 -10.94 -3.03
CA GLY A 33 -3.34 -12.09 -3.92
C GLY A 33 -2.44 -11.90 -5.13
N TYR A 34 -1.51 -10.95 -5.01
CA TYR A 34 -0.57 -10.66 -6.09
C TYR A 34 0.77 -11.31 -5.81
N SER A 35 1.84 -10.66 -6.28
CA SER A 35 3.21 -11.13 -6.08
C SER A 35 4.20 -10.20 -6.77
N SER A 36 5.44 -10.25 -6.32
CA SER A 36 6.50 -9.41 -6.88
C SER A 36 6.47 -9.39 -8.41
N GLN A 37 6.05 -10.49 -9.01
CA GLN A 37 6.01 -10.59 -10.47
C GLN A 37 4.61 -10.37 -11.03
N ASP A 38 3.58 -10.48 -10.18
CA ASP A 38 2.20 -10.31 -10.63
C ASP A 38 1.63 -8.94 -10.28
N LEU A 39 2.40 -8.12 -9.56
CA LEU A 39 1.92 -6.81 -9.16
C LEU A 39 2.90 -5.70 -9.54
N ILE A 40 4.14 -6.08 -9.85
CA ILE A 40 5.14 -5.09 -10.23
C ILE A 40 4.74 -4.38 -11.52
N GLY A 41 4.88 -3.06 -11.54
CA GLY A 41 4.53 -2.28 -12.72
C GLY A 41 3.40 -1.30 -12.45
N GLN A 42 2.44 -1.71 -11.61
CA GLN A 42 1.30 -0.85 -11.28
C GLN A 42 1.53 -0.16 -9.94
N LYS A 43 0.49 0.49 -9.43
CA LYS A 43 0.55 1.19 -8.15
C LYS A 43 -0.25 0.44 -7.10
N LEU A 44 0.36 0.19 -5.95
CA LEU A 44 -0.30 -0.54 -4.87
C LEU A 44 -1.73 -0.07 -4.61
N THR A 45 -1.93 1.25 -4.61
CA THR A 45 -3.24 1.83 -4.35
C THR A 45 -4.33 1.28 -5.25
N GLN A 46 -3.94 0.66 -6.35
CA GLN A 46 -4.91 0.08 -7.27
C GLN A 46 -5.67 -1.03 -6.58
N PHE A 47 -5.05 -1.58 -5.53
CA PHE A 47 -5.65 -2.67 -4.78
C PHE A 47 -5.97 -2.26 -3.35
N PHE A 48 -6.51 -1.05 -3.18
CA PHE A 48 -6.88 -0.55 -1.85
C PHE A 48 -8.11 0.35 -1.94
N LEU A 49 -8.65 0.70 -0.77
CA LEU A 49 -9.84 1.55 -0.65
C LEU A 49 -10.10 2.40 -1.91
N ARG A 50 -10.98 1.91 -2.78
CA ARG A 50 -11.33 2.60 -4.01
C ARG A 50 -10.09 2.86 -4.87
N SER A 51 -9.96 2.09 -5.94
CA SER A 51 -8.82 2.22 -6.84
C SER A 51 -9.05 3.30 -7.89
N ASP A 52 -10.25 3.89 -7.89
CA ASP A 52 -10.58 4.92 -8.87
C ASP A 52 -10.05 6.30 -8.50
N SER A 53 -10.67 6.92 -7.49
CA SER A 53 -10.28 8.27 -7.07
C SER A 53 -9.26 8.28 -5.93
N ASP A 54 -9.46 7.42 -4.95
CA ASP A 54 -8.59 7.36 -3.77
C ASP A 54 -7.11 7.18 -4.14
N VAL A 55 -6.83 6.62 -5.31
CA VAL A 55 -5.44 6.40 -5.72
C VAL A 55 -4.82 7.66 -6.33
N VAL A 56 -5.66 8.64 -6.65
CA VAL A 56 -5.18 9.89 -7.25
C VAL A 56 -4.95 10.96 -6.20
N GLU A 57 -5.72 10.90 -5.11
CA GLU A 57 -5.61 11.88 -4.03
C GLU A 57 -4.59 11.43 -2.98
N ALA A 58 -4.62 10.13 -2.66
CA ALA A 58 -3.72 9.57 -1.66
C ALA A 58 -2.31 9.40 -2.20
N LEU A 59 -2.16 9.42 -3.52
CA LEU A 59 -0.86 9.27 -4.14
C LEU A 59 -0.04 10.53 -3.93
N SER A 60 -0.65 11.54 -3.30
CA SER A 60 0.02 12.79 -3.03
C SER A 60 1.10 12.58 -1.96
N GLU A 61 2.32 12.93 -2.31
CA GLU A 61 3.46 12.77 -1.40
C GLU A 61 3.17 13.40 -0.03
N GLU A 62 2.23 14.34 -0.01
CA GLU A 62 1.87 15.02 1.24
C GLU A 62 0.36 14.93 1.50
N HIS A 63 -0.05 13.84 2.15
CA HIS A 63 -1.46 13.62 2.49
C HIS A 63 -2.39 14.28 1.46
N MET A 64 -3.30 15.12 1.94
CA MET A 64 -4.23 15.82 1.06
C MET A 64 -3.49 16.74 0.11
N GLU A 65 -3.97 16.83 -1.12
CA GLU A 65 -3.33 17.68 -2.13
C GLU A 65 -3.63 19.16 -1.87
N ALA A 66 -4.12 19.47 -0.68
CA ALA A 66 -4.45 20.85 -0.32
C ALA A 66 -4.68 20.99 1.17
N ASP A 67 -4.33 19.95 1.93
CA ASP A 67 -4.49 19.96 3.38
C ASP A 67 -5.93 20.27 3.77
N GLY A 68 -6.88 19.92 2.90
CA GLY A 68 -8.28 20.17 3.17
C GLY A 68 -9.19 19.29 2.36
N HIS A 69 -8.88 17.99 2.31
CA HIS A 69 -9.68 17.03 1.56
C HIS A 69 -10.32 16.00 2.48
N ALA A 70 -11.08 15.09 1.90
CA ALA A 70 -11.74 14.04 2.66
C ALA A 70 -11.86 12.76 1.86
N ALA A 71 -10.93 12.56 0.93
CA ALA A 71 -10.93 11.37 0.09
C ALA A 71 -9.52 10.81 -0.07
N VAL A 72 -8.54 11.51 0.51
CA VAL A 72 -7.15 11.09 0.43
C VAL A 72 -6.70 10.46 1.75
N VAL A 73 -6.92 9.16 1.88
CA VAL A 73 -6.54 8.44 3.07
C VAL A 73 -5.95 7.06 2.73
N PHE A 74 -4.67 6.88 3.01
CA PHE A 74 -4.00 5.61 2.73
C PHE A 74 -2.93 5.33 3.78
N GLY A 75 -2.24 6.37 4.23
CA GLY A 75 -1.20 6.20 5.24
C GLY A 75 -1.78 6.13 6.65
N THR A 76 -2.94 5.50 6.76
CA THR A 76 -3.63 5.34 8.04
C THR A 76 -4.42 4.04 8.07
N VAL A 77 -4.88 3.65 9.26
CA VAL A 77 -5.66 2.42 9.38
C VAL A 77 -6.97 2.59 8.61
N VAL A 78 -7.03 1.96 7.44
CA VAL A 78 -8.20 2.07 6.57
C VAL A 78 -8.71 0.71 6.11
N ASP A 79 -9.86 0.74 5.46
CA ASP A 79 -10.47 -0.47 4.90
C ASP A 79 -10.00 -0.65 3.47
N ILE A 80 -9.22 -1.69 3.22
CA ILE A 80 -8.70 -1.94 1.89
C ILE A 80 -9.51 -2.99 1.14
N ILE A 81 -9.23 -3.12 -0.15
CA ILE A 81 -9.90 -4.10 -1.01
C ILE A 81 -8.91 -4.74 -1.96
N SER A 82 -9.03 -6.05 -2.15
CA SER A 82 -8.13 -6.77 -3.04
C SER A 82 -8.67 -6.80 -4.46
N ARG A 83 -7.82 -7.23 -5.40
CA ARG A 83 -8.20 -7.31 -6.81
C ARG A 83 -9.57 -7.97 -7.01
N SER A 84 -9.90 -8.94 -6.16
CA SER A 84 -11.18 -9.64 -6.26
C SER A 84 -12.27 -8.95 -5.45
N GLY A 85 -11.87 -8.09 -4.52
CA GLY A 85 -12.83 -7.39 -3.69
C GLY A 85 -12.95 -7.99 -2.30
N GLU A 86 -12.27 -7.38 -1.34
CA GLU A 86 -12.30 -7.86 0.03
C GLU A 86 -12.23 -6.70 1.01
N LYS A 87 -13.39 -6.09 1.30
CA LYS A 87 -13.45 -4.96 2.22
C LYS A 87 -13.04 -5.39 3.62
N ILE A 88 -11.78 -5.16 3.96
CA ILE A 88 -11.25 -5.52 5.26
C ILE A 88 -10.48 -4.36 5.90
N PRO A 89 -10.69 -4.13 7.21
CA PRO A 89 -10.01 -3.05 7.93
C PRO A 89 -8.57 -3.43 8.28
N VAL A 90 -7.64 -2.53 7.99
CA VAL A 90 -6.23 -2.77 8.27
C VAL A 90 -5.50 -1.45 8.58
N SER A 91 -4.22 -1.57 8.92
CA SER A 91 -3.40 -0.40 9.22
C SER A 91 -2.34 -0.20 8.15
N VAL A 92 -2.26 1.02 7.61
CA VAL A 92 -1.28 1.31 6.57
C VAL A 92 -0.45 2.54 6.92
N TRP A 93 0.86 2.45 6.63
CA TRP A 93 1.78 3.55 6.89
C TRP A 93 2.76 3.69 5.74
N MET A 94 2.67 4.81 5.03
CA MET A 94 3.54 5.07 3.89
C MET A 94 4.73 5.94 4.28
N LYS A 95 5.90 5.60 3.74
CA LYS A 95 7.12 6.34 4.03
C LYS A 95 7.96 6.53 2.77
N ARG A 96 8.15 7.78 2.37
CA ARG A 96 8.92 8.11 1.18
C ARG A 96 10.42 8.13 1.46
N MET A 97 10.90 7.17 2.25
CA MET A 97 12.31 7.09 2.58
C MET A 97 13.11 6.66 1.36
N ARG A 98 14.40 6.40 1.54
CA ARG A 98 15.26 5.98 0.44
C ARG A 98 15.68 4.52 0.61
N GLN A 99 15.47 3.73 -0.45
CA GLN A 99 15.82 2.32 -0.42
C GLN A 99 17.03 2.04 -1.31
N GLU A 100 17.04 2.64 -2.49
CA GLU A 100 18.14 2.46 -3.44
C GLU A 100 18.89 3.78 -3.66
N ARG A 101 18.40 4.56 -4.62
CA ARG A 101 19.02 5.85 -4.94
C ARG A 101 17.95 6.90 -5.19
N ARG A 102 16.69 6.50 -5.07
CA ARG A 102 15.57 7.41 -5.28
C ARG A 102 14.53 7.24 -4.17
N LEU A 103 13.84 8.32 -3.84
CA LEU A 103 12.82 8.28 -2.80
C LEU A 103 11.82 7.16 -3.07
N CYS A 104 11.95 6.09 -2.30
CA CYS A 104 11.07 4.94 -2.46
C CYS A 104 10.00 4.91 -1.36
N CYS A 105 8.74 4.87 -1.78
CA CYS A 105 7.63 4.84 -0.85
C CYS A 105 7.30 3.40 -0.45
N VAL A 106 7.28 3.13 0.86
CA VAL A 106 6.99 1.80 1.36
C VAL A 106 5.62 1.77 2.04
N VAL A 107 4.82 0.76 1.73
CA VAL A 107 3.50 0.62 2.32
C VAL A 107 3.35 -0.75 2.98
N VAL A 108 2.87 -0.75 4.21
CA VAL A 108 2.68 -1.98 4.97
C VAL A 108 1.24 -2.13 5.43
N LEU A 109 0.64 -3.27 5.13
CA LEU A 109 -0.74 -3.53 5.51
C LEU A 109 -0.83 -4.56 6.64
N GLU A 110 -1.26 -4.10 7.80
CA GLU A 110 -1.39 -4.97 8.96
C GLU A 110 -2.86 -5.13 9.37
N PRO A 111 -3.40 -6.35 9.28
CA PRO A 111 -4.80 -6.62 9.63
C PRO A 111 -5.10 -6.23 11.08
N VAL A 112 -6.22 -5.55 11.29
CA VAL A 112 -6.62 -5.13 12.62
C VAL A 112 -7.30 -6.26 13.37
N GLU A 113 -7.29 -6.17 14.70
CA GLU A 113 -7.92 -7.19 15.54
C GLU A 113 -9.29 -6.72 16.03
N ARG A 114 -9.95 -5.90 15.23
CA ARG A 114 -11.27 -5.38 15.60
C ARG A 114 -12.36 -6.06 14.76
N GLY A 1 12.36 -16.87 10.84
CA GLY A 1 11.12 -17.60 10.46
C GLY A 1 10.33 -18.06 11.68
N ALA A 2 9.74 -17.11 12.39
CA ALA A 2 8.95 -17.42 13.57
C ALA A 2 7.71 -16.55 13.65
N MET A 3 7.90 -15.23 13.50
CA MET A 3 6.78 -14.29 13.55
C MET A 3 6.62 -13.59 12.21
N ASP A 4 7.54 -12.68 11.90
CA ASP A 4 7.48 -11.94 10.64
C ASP A 4 8.78 -11.15 10.41
N PRO A 5 9.90 -11.86 10.19
CA PRO A 5 11.20 -11.22 9.96
C PRO A 5 11.37 -10.82 8.50
N GLU A 6 10.46 -9.98 8.01
CA GLU A 6 10.50 -9.50 6.63
C GLU A 6 10.15 -10.64 5.67
N PHE A 7 9.98 -11.84 6.20
CA PHE A 7 9.65 -13.01 5.40
C PHE A 7 8.17 -13.32 5.50
N ASN A 8 7.51 -12.74 6.51
CA ASN A 8 6.09 -12.94 6.71
C ASN A 8 5.40 -11.63 7.09
N LYS A 9 5.64 -10.60 6.29
CA LYS A 9 5.05 -9.29 6.54
C LYS A 9 4.64 -8.62 5.22
N ALA A 10 3.59 -7.80 5.28
CA ALA A 10 3.11 -7.11 4.10
C ALA A 10 4.00 -5.91 3.78
N ILE A 11 5.05 -6.16 3.02
CA ILE A 11 5.99 -5.11 2.65
C ILE A 11 5.87 -4.75 1.18
N PHE A 12 5.41 -3.53 0.89
CA PHE A 12 5.27 -3.07 -0.47
C PHE A 12 6.27 -1.95 -0.75
N THR A 13 7.28 -2.26 -1.56
CA THR A 13 8.30 -1.26 -1.90
C THR A 13 7.97 -0.62 -3.22
N VAL A 14 7.79 0.71 -3.20
CA VAL A 14 7.45 1.45 -4.40
C VAL A 14 8.24 2.75 -4.52
N ASP A 15 8.08 3.44 -5.64
CA ASP A 15 8.74 4.71 -5.87
C ASP A 15 7.82 5.84 -5.42
N ALA A 16 8.38 6.99 -5.07
CA ALA A 16 7.57 8.11 -4.61
C ALA A 16 7.09 8.99 -5.76
N LYS A 17 7.75 8.89 -6.90
CA LYS A 17 7.35 9.66 -8.05
C LYS A 17 6.07 9.10 -8.66
N THR A 18 6.09 7.82 -8.99
CA THR A 18 4.92 7.19 -9.60
C THR A 18 4.22 6.19 -8.69
N THR A 19 4.82 5.87 -7.57
CA THR A 19 4.25 4.92 -6.62
C THR A 19 4.29 3.50 -7.17
N GLU A 20 4.87 3.35 -8.35
CA GLU A 20 4.99 2.04 -8.99
C GLU A 20 5.70 1.06 -8.07
N ILE A 21 4.96 0.08 -7.59
CA ILE A 21 5.52 -0.92 -6.68
C ILE A 21 6.71 -1.63 -7.29
N LEU A 22 7.90 -1.30 -6.79
CA LEU A 22 9.13 -1.91 -7.27
C LEU A 22 9.08 -3.43 -7.11
N VAL A 23 8.51 -3.88 -5.99
CA VAL A 23 8.38 -5.31 -5.72
C VAL A 23 7.68 -5.56 -4.38
N ALA A 24 7.15 -6.78 -4.21
CA ALA A 24 6.48 -7.17 -2.98
C ALA A 24 6.81 -8.62 -2.66
N ASN A 25 6.60 -9.03 -1.41
CA ASN A 25 6.92 -10.39 -1.00
C ASN A 25 5.70 -11.26 -0.80
N ASP A 26 5.94 -12.48 -0.31
CA ASP A 26 4.86 -13.45 -0.08
C ASP A 26 3.75 -12.85 0.76
N LYS A 27 4.01 -12.63 2.05
CA LYS A 27 3.00 -12.09 2.95
C LYS A 27 2.22 -10.94 2.32
N ALA A 28 2.91 -9.84 2.00
CA ALA A 28 2.26 -8.68 1.37
C ALA A 28 1.26 -9.09 0.29
N CYS A 29 1.79 -9.58 -0.83
CA CYS A 29 0.96 -10.02 -1.95
C CYS A 29 -0.11 -10.99 -1.47
N GLY A 30 0.23 -11.81 -0.49
CA GLY A 30 -0.73 -12.75 0.06
C GLY A 30 -1.93 -12.04 0.64
N LEU A 31 -1.66 -10.94 1.34
CA LEU A 31 -2.71 -10.13 1.95
C LEU A 31 -3.76 -9.81 0.87
N LEU A 32 -3.31 -9.23 -0.23
CA LEU A 32 -4.21 -8.91 -1.34
C LEU A 32 -4.47 -10.15 -2.16
N GLY A 33 -3.60 -10.38 -3.15
CA GLY A 33 -3.73 -11.54 -4.02
C GLY A 33 -2.82 -11.44 -5.22
N TYR A 34 -1.81 -10.61 -5.12
CA TYR A 34 -0.84 -10.41 -6.20
C TYR A 34 0.46 -11.13 -5.90
N SER A 35 1.56 -10.57 -6.38
CA SER A 35 2.89 -11.11 -6.14
C SER A 35 3.95 -10.18 -6.72
N SER A 36 5.19 -10.37 -6.30
CA SER A 36 6.30 -9.55 -6.77
C SER A 36 6.25 -9.34 -8.28
N GLN A 37 5.84 -10.36 -9.02
CA GLN A 37 5.77 -10.28 -10.47
C GLN A 37 4.35 -9.99 -10.98
N ASP A 38 3.36 -10.09 -10.09
CA ASP A 38 1.97 -9.86 -10.48
C ASP A 38 1.48 -8.47 -10.13
N LEU A 39 2.24 -7.73 -9.33
CA LEU A 39 1.84 -6.38 -8.94
C LEU A 39 2.89 -5.34 -9.34
N ILE A 40 4.08 -5.82 -9.70
CA ILE A 40 5.16 -4.93 -10.11
C ILE A 40 4.82 -4.20 -11.42
N GLY A 41 5.20 -2.93 -11.50
CA GLY A 41 4.94 -2.15 -12.69
C GLY A 41 3.72 -1.24 -12.54
N GLN A 42 2.87 -1.56 -11.58
CA GLN A 42 1.67 -0.77 -11.34
C GLN A 42 1.77 -0.05 -9.99
N LYS A 43 0.65 0.54 -9.56
CA LYS A 43 0.60 1.25 -8.29
C LYS A 43 -0.22 0.47 -7.27
N LEU A 44 0.38 0.17 -6.13
CA LEU A 44 -0.30 -0.62 -5.10
C LEU A 44 -1.66 -0.02 -4.74
N THR A 45 -1.75 1.31 -4.78
CA THR A 45 -2.99 2.00 -4.45
C THR A 45 -4.15 1.48 -5.30
N GLN A 46 -3.83 0.98 -6.48
CA GLN A 46 -4.84 0.45 -7.37
C GLN A 46 -5.58 -0.69 -6.69
N PHE A 47 -4.91 -1.30 -5.73
CA PHE A 47 -5.47 -2.41 -4.98
C PHE A 47 -5.82 -2.02 -3.55
N PHE A 48 -6.26 -0.77 -3.38
CA PHE A 48 -6.64 -0.26 -2.06
C PHE A 48 -7.79 0.74 -2.15
N LEU A 49 -8.65 0.72 -1.14
CA LEU A 49 -9.82 1.61 -1.03
C LEU A 49 -10.08 2.44 -2.30
N ARG A 50 -10.81 1.84 -3.23
CA ARG A 50 -11.16 2.52 -4.49
C ARG A 50 -9.92 2.96 -5.27
N SER A 51 -9.69 2.31 -6.40
CA SER A 51 -8.55 2.63 -7.25
C SER A 51 -8.88 3.72 -8.27
N ASP A 52 -10.13 4.15 -8.29
CA ASP A 52 -10.57 5.17 -9.24
C ASP A 52 -10.16 6.59 -8.81
N SER A 53 -10.82 7.11 -7.79
CA SER A 53 -10.54 8.47 -7.31
C SER A 53 -9.53 8.50 -6.17
N ASP A 54 -9.86 7.81 -5.07
CA ASP A 54 -9.03 7.78 -3.87
C ASP A 54 -7.53 7.79 -4.17
N VAL A 55 -7.04 6.77 -4.86
CA VAL A 55 -5.62 6.66 -5.18
C VAL A 55 -5.06 7.93 -5.83
N VAL A 56 -5.88 8.59 -6.64
CA VAL A 56 -5.44 9.81 -7.32
C VAL A 56 -5.32 10.99 -6.37
N GLU A 57 -6.09 10.95 -5.28
CA GLU A 57 -6.08 12.04 -4.30
C GLU A 57 -5.02 11.80 -3.22
N ALA A 58 -5.02 10.59 -2.65
CA ALA A 58 -4.08 10.25 -1.60
C ALA A 58 -2.63 10.34 -2.10
N LEU A 59 -2.43 10.09 -3.38
CA LEU A 59 -1.09 10.14 -3.97
C LEU A 59 -0.75 11.54 -4.47
N SER A 60 -1.71 12.45 -4.37
CA SER A 60 -1.52 13.83 -4.81
C SER A 60 -1.23 14.75 -3.61
N GLU A 61 -1.78 15.96 -3.65
CA GLU A 61 -1.60 16.93 -2.57
C GLU A 61 -1.69 16.28 -1.19
N GLU A 62 -2.45 15.19 -1.12
CA GLU A 62 -2.64 14.45 0.14
C GLU A 62 -3.59 15.18 1.08
N HIS A 63 -3.52 14.81 2.36
CA HIS A 63 -4.36 15.40 3.41
C HIS A 63 -5.77 15.72 2.91
N MET A 64 -6.35 16.79 3.42
CA MET A 64 -7.71 17.20 3.03
C MET A 64 -7.83 17.42 1.53
N GLU A 65 -6.69 17.66 0.88
CA GLU A 65 -6.64 17.90 -0.56
C GLU A 65 -7.16 19.30 -0.90
N ALA A 66 -8.22 19.71 -0.22
CA ALA A 66 -8.81 21.03 -0.45
C ALA A 66 -8.85 21.84 0.83
N ASP A 67 -8.13 21.37 1.85
CA ASP A 67 -8.07 22.06 3.14
C ASP A 67 -9.47 22.25 3.73
N GLY A 68 -9.95 21.24 4.46
CA GLY A 68 -11.26 21.31 5.06
C GLY A 68 -12.08 20.06 4.83
N HIS A 69 -11.50 19.11 4.10
CA HIS A 69 -12.19 17.87 3.79
C HIS A 69 -11.69 16.74 4.71
N ALA A 70 -10.43 16.35 4.51
CA ALA A 70 -9.84 15.28 5.31
C ALA A 70 -10.59 13.97 5.13
N ALA A 71 -10.59 13.46 3.92
CA ALA A 71 -11.28 12.21 3.61
C ALA A 71 -10.54 11.41 2.54
N VAL A 72 -9.31 11.81 2.26
CA VAL A 72 -8.50 11.13 1.25
C VAL A 72 -7.09 10.86 1.76
N VAL A 73 -6.92 9.73 2.44
CA VAL A 73 -5.62 9.34 2.98
C VAL A 73 -5.38 7.84 2.79
N PHE A 74 -4.11 7.45 2.72
CA PHE A 74 -3.75 6.05 2.55
C PHE A 74 -2.75 5.61 3.61
N GLY A 75 -1.99 6.57 4.14
CA GLY A 75 -1.01 6.25 5.17
C GLY A 75 -1.64 6.10 6.54
N THR A 76 -2.82 5.50 6.58
CA THR A 76 -3.54 5.28 7.82
C THR A 76 -4.36 3.99 7.76
N VAL A 77 -4.84 3.54 8.91
CA VAL A 77 -5.64 2.32 8.96
C VAL A 77 -6.96 2.54 8.21
N VAL A 78 -7.01 2.03 6.99
CA VAL A 78 -8.20 2.20 6.16
C VAL A 78 -8.71 0.86 5.63
N ASP A 79 -9.90 0.91 5.01
CA ASP A 79 -10.51 -0.28 4.43
C ASP A 79 -9.96 -0.48 3.02
N ILE A 80 -9.19 -1.54 2.83
CA ILE A 80 -8.60 -1.82 1.53
C ILE A 80 -9.41 -2.87 0.77
N ILE A 81 -9.13 -2.97 -0.53
CA ILE A 81 -9.81 -3.93 -1.40
C ILE A 81 -8.82 -4.59 -2.34
N SER A 82 -8.91 -5.91 -2.47
CA SER A 82 -8.01 -6.65 -3.34
C SER A 82 -8.58 -6.75 -4.75
N ARG A 83 -7.73 -7.15 -5.70
CA ARG A 83 -8.12 -7.28 -7.09
C ARG A 83 -9.46 -7.99 -7.26
N SER A 84 -9.68 -9.04 -6.47
CA SER A 84 -10.92 -9.81 -6.55
C SER A 84 -12.02 -9.18 -5.70
N GLY A 85 -11.63 -8.33 -4.76
CA GLY A 85 -12.58 -7.67 -3.90
C GLY A 85 -12.56 -8.21 -2.49
N GLU A 86 -11.84 -7.53 -1.62
CA GLU A 86 -11.73 -7.96 -0.24
C GLU A 86 -11.83 -6.77 0.71
N LYS A 87 -13.06 -6.44 1.10
CA LYS A 87 -13.30 -5.32 2.00
C LYS A 87 -12.94 -5.71 3.43
N ILE A 88 -11.78 -5.24 3.88
CA ILE A 88 -11.31 -5.53 5.22
C ILE A 88 -10.49 -4.38 5.79
N PRO A 89 -10.69 -4.06 7.08
CA PRO A 89 -9.97 -2.97 7.74
C PRO A 89 -8.50 -3.33 7.97
N VAL A 90 -7.60 -2.54 7.41
CA VAL A 90 -6.18 -2.78 7.56
C VAL A 90 -5.44 -1.49 7.88
N SER A 91 -4.29 -1.63 8.54
CA SER A 91 -3.47 -0.48 8.90
C SER A 91 -2.38 -0.26 7.86
N VAL A 92 -2.32 0.97 7.32
CA VAL A 92 -1.31 1.29 6.33
C VAL A 92 -0.43 2.46 6.78
N TRP A 93 0.87 2.28 6.61
CA TRP A 93 1.82 3.32 7.00
C TRP A 93 2.96 3.40 5.99
N MET A 94 3.00 4.50 5.23
CA MET A 94 4.02 4.69 4.23
C MET A 94 5.16 5.58 4.75
N LYS A 95 6.32 5.46 4.12
CA LYS A 95 7.48 6.24 4.52
C LYS A 95 8.50 6.33 3.38
N ARG A 96 8.72 7.55 2.89
CA ARG A 96 9.66 7.78 1.81
C ARG A 96 11.10 7.60 2.28
N MET A 97 11.64 6.40 2.04
CA MET A 97 13.01 6.09 2.43
C MET A 97 13.82 5.71 1.19
N ARG A 98 15.10 5.40 1.38
CA ARG A 98 15.95 5.03 0.26
C ARG A 98 16.16 3.52 0.21
N GLN A 99 16.47 3.02 -0.97
CA GLN A 99 16.68 1.58 -1.17
C GLN A 99 17.78 1.34 -2.20
N GLU A 100 17.80 2.17 -3.24
CA GLU A 100 18.80 2.06 -4.30
C GLU A 100 19.47 3.40 -4.56
N ARG A 101 18.81 4.26 -5.33
CA ARG A 101 19.34 5.57 -5.66
C ARG A 101 18.22 6.61 -5.67
N ARG A 102 17.01 6.17 -5.34
CA ARG A 102 15.86 7.06 -5.32
C ARG A 102 15.04 6.84 -4.05
N LEU A 103 14.38 7.91 -3.60
CA LEU A 103 13.56 7.82 -2.39
C LEU A 103 12.35 6.94 -2.64
N CYS A 104 12.47 5.65 -2.31
CA CYS A 104 11.39 4.71 -2.51
C CYS A 104 10.41 4.73 -1.35
N CYS A 105 9.13 4.79 -1.69
CA CYS A 105 8.05 4.81 -0.71
C CYS A 105 7.78 3.41 -0.20
N VAL A 106 7.73 3.24 1.13
CA VAL A 106 7.48 1.93 1.72
C VAL A 106 6.19 1.90 2.52
N VAL A 107 5.34 0.92 2.23
CA VAL A 107 4.07 0.74 2.92
C VAL A 107 4.03 -0.63 3.57
N VAL A 108 3.31 -0.75 4.67
CA VAL A 108 3.19 -2.03 5.36
C VAL A 108 1.76 -2.26 5.82
N LEU A 109 1.10 -3.24 5.22
CA LEU A 109 -0.29 -3.57 5.55
C LEU A 109 -0.36 -4.58 6.68
N GLU A 110 -1.08 -4.24 7.74
CA GLU A 110 -1.22 -5.13 8.90
C GLU A 110 -2.68 -5.26 9.30
N PRO A 111 -3.26 -6.48 9.18
CA PRO A 111 -4.66 -6.73 9.54
C PRO A 111 -4.98 -6.26 10.96
N VAL A 112 -6.12 -5.61 11.12
CA VAL A 112 -6.53 -5.11 12.43
C VAL A 112 -7.46 -6.11 13.11
N GLU A 113 -7.60 -5.97 14.42
CA GLU A 113 -8.46 -6.86 15.20
C GLU A 113 -9.92 -6.71 14.79
N ARG A 114 -10.78 -7.54 15.36
CA ARG A 114 -12.21 -7.49 15.05
C ARG A 114 -13.03 -7.26 16.32
N GLY A 1 0.73 -13.94 14.03
CA GLY A 1 -0.52 -14.06 14.82
C GLY A 1 -0.68 -12.95 15.83
N ALA A 2 0.43 -12.35 16.24
CA ALA A 2 0.40 -11.27 17.22
C ALA A 2 0.52 -9.92 16.52
N MET A 3 1.55 -9.76 15.69
CA MET A 3 1.76 -8.52 14.97
C MET A 3 2.19 -8.78 13.54
N ASP A 4 3.47 -9.09 13.34
CA ASP A 4 3.99 -9.37 12.01
C ASP A 4 5.25 -10.24 12.09
N PRO A 5 5.11 -11.49 12.55
CA PRO A 5 6.23 -12.42 12.68
C PRO A 5 6.55 -13.14 11.37
N GLU A 6 6.72 -12.37 10.30
CA GLU A 6 7.03 -12.94 8.99
C GLU A 6 5.95 -13.92 8.56
N PHE A 7 4.72 -13.69 9.01
CA PHE A 7 3.61 -14.56 8.67
C PHE A 7 2.72 -13.92 7.61
N ASN A 8 2.48 -12.62 7.75
CA ASN A 8 1.65 -11.88 6.80
C ASN A 8 2.15 -10.44 6.65
N LYS A 9 3.46 -10.27 6.69
CA LYS A 9 4.06 -8.95 6.56
C LYS A 9 3.86 -8.39 5.15
N ALA A 10 2.89 -7.50 5.00
CA ALA A 10 2.59 -6.90 3.71
C ALA A 10 3.57 -5.78 3.38
N ILE A 11 4.62 -6.12 2.64
CA ILE A 11 5.63 -5.13 2.26
C ILE A 11 5.50 -4.74 0.78
N PHE A 12 5.17 -3.48 0.55
CA PHE A 12 5.02 -2.95 -0.80
C PHE A 12 6.01 -1.82 -1.02
N THR A 13 7.03 -2.07 -1.84
CA THR A 13 8.05 -1.07 -2.11
C THR A 13 7.74 -0.26 -3.35
N VAL A 14 7.73 1.07 -3.20
CA VAL A 14 7.46 1.97 -4.30
C VAL A 14 8.33 3.22 -4.18
N ASP A 15 8.25 4.10 -5.18
CA ASP A 15 9.01 5.34 -5.16
C ASP A 15 8.08 6.48 -4.72
N ALA A 16 8.65 7.60 -4.31
CA ALA A 16 7.84 8.72 -3.85
C ALA A 16 7.39 9.61 -5.00
N LYS A 17 8.03 9.47 -6.15
CA LYS A 17 7.67 10.28 -7.31
C LYS A 17 6.32 9.85 -7.86
N THR A 18 6.26 8.63 -8.39
CA THR A 18 5.02 8.12 -8.97
C THR A 18 4.49 6.87 -8.29
N THR A 19 5.22 6.36 -7.30
CA THR A 19 4.83 5.14 -6.59
C THR A 19 5.32 3.90 -7.34
N GLU A 20 4.40 3.23 -8.04
CA GLU A 20 4.77 2.04 -8.82
C GLU A 20 5.50 1.02 -7.95
N ILE A 21 4.80 -0.02 -7.53
CA ILE A 21 5.39 -1.06 -6.68
C ILE A 21 6.56 -1.74 -7.39
N LEU A 22 7.78 -1.37 -6.99
CA LEU A 22 8.99 -1.94 -7.58
C LEU A 22 9.04 -3.45 -7.36
N VAL A 23 8.48 -3.90 -6.23
CA VAL A 23 8.47 -5.33 -5.91
C VAL A 23 7.71 -5.59 -4.62
N ALA A 24 7.19 -6.81 -4.48
CA ALA A 24 6.45 -7.21 -3.28
C ALA A 24 6.80 -8.64 -2.90
N ASN A 25 6.69 -8.95 -1.61
CA ASN A 25 7.02 -10.28 -1.14
C ASN A 25 5.80 -11.18 -1.03
N ASP A 26 6.03 -12.41 -0.57
CA ASP A 26 4.96 -13.39 -0.41
C ASP A 26 3.89 -12.84 0.53
N LYS A 27 4.23 -12.73 1.81
CA LYS A 27 3.30 -12.23 2.82
C LYS A 27 2.35 -11.20 2.24
N ALA A 28 2.89 -10.04 1.83
CA ALA A 28 2.09 -8.98 1.23
C ALA A 28 1.15 -9.54 0.17
N CYS A 29 1.71 -10.26 -0.79
CA CYS A 29 0.94 -10.87 -1.86
C CYS A 29 -0.17 -11.74 -1.31
N GLY A 30 0.13 -12.44 -0.21
CA GLY A 30 -0.85 -13.30 0.41
C GLY A 30 -2.03 -12.50 0.92
N LEU A 31 -1.73 -11.32 1.45
CA LEU A 31 -2.76 -10.43 1.97
C LEU A 31 -3.87 -10.25 0.93
N LEU A 32 -3.49 -9.85 -0.27
CA LEU A 32 -4.48 -9.68 -1.35
C LEU A 32 -4.56 -10.94 -2.21
N GLY A 33 -3.56 -11.12 -3.06
CA GLY A 33 -3.53 -12.27 -3.95
C GLY A 33 -2.65 -12.03 -5.16
N TYR A 34 -1.66 -11.17 -5.00
CA TYR A 34 -0.74 -10.83 -6.08
C TYR A 34 0.63 -11.46 -5.83
N SER A 35 1.68 -10.73 -6.22
CA SER A 35 3.06 -11.18 -6.04
C SER A 35 4.01 -10.24 -6.77
N SER A 36 5.29 -10.31 -6.44
CA SER A 36 6.31 -9.46 -7.05
C SER A 36 6.23 -9.50 -8.57
N GLN A 37 5.80 -10.62 -9.12
CA GLN A 37 5.70 -10.77 -10.58
C GLN A 37 4.29 -10.57 -11.11
N ASP A 38 3.31 -10.44 -10.20
CA ASP A 38 1.92 -10.27 -10.61
C ASP A 38 1.38 -8.88 -10.24
N LEU A 39 2.18 -8.09 -9.54
CA LEU A 39 1.72 -6.76 -9.13
C LEU A 39 2.73 -5.68 -9.50
N ILE A 40 3.95 -6.08 -9.83
CA ILE A 40 5.00 -5.13 -10.20
C ILE A 40 4.61 -4.37 -11.47
N GLY A 41 4.94 -3.08 -11.49
CA GLY A 41 4.63 -2.26 -12.65
C GLY A 41 3.47 -1.31 -12.40
N GLN A 42 2.51 -1.76 -11.59
CA GLN A 42 1.35 -0.94 -11.27
C GLN A 42 1.53 -0.22 -9.94
N LYS A 43 0.45 0.29 -9.38
CA LYS A 43 0.49 1.00 -8.12
C LYS A 43 -0.32 0.25 -7.06
N LEU A 44 0.30 0.03 -5.91
CA LEU A 44 -0.35 -0.71 -4.81
C LEU A 44 -1.78 -0.23 -4.55
N THR A 45 -1.99 1.07 -4.58
CA THR A 45 -3.31 1.65 -4.32
C THR A 45 -4.38 1.15 -5.27
N GLN A 46 -3.96 0.50 -6.34
CA GLN A 46 -4.91 -0.05 -7.30
C GLN A 46 -5.70 -1.17 -6.65
N PHE A 47 -5.10 -1.75 -5.61
CA PHE A 47 -5.73 -2.86 -4.90
C PHE A 47 -6.07 -2.46 -3.46
N PHE A 48 -6.52 -1.22 -3.28
CA PHE A 48 -6.88 -0.72 -1.96
C PHE A 48 -8.11 0.19 -2.06
N LEU A 49 -8.92 0.16 -0.98
CA LEU A 49 -10.14 0.98 -0.87
C LEU A 49 -10.69 1.42 -2.23
N ARG A 50 -10.16 2.52 -2.74
CA ARG A 50 -10.59 3.06 -4.03
C ARG A 50 -9.44 3.07 -5.03
N SER A 51 -9.54 2.21 -6.05
CA SER A 51 -8.51 2.11 -7.07
C SER A 51 -8.73 3.10 -8.21
N ASP A 52 -9.84 3.83 -8.18
CA ASP A 52 -10.16 4.77 -9.25
C ASP A 52 -9.58 6.16 -9.01
N SER A 53 -10.16 6.89 -8.05
CA SER A 53 -9.72 8.26 -7.76
C SER A 53 -8.67 8.32 -6.65
N ASP A 54 -8.81 7.46 -5.65
CA ASP A 54 -7.89 7.46 -4.52
C ASP A 54 -6.44 7.27 -4.96
N VAL A 55 -6.22 6.53 -6.03
CA VAL A 55 -4.86 6.29 -6.52
C VAL A 55 -4.32 7.50 -7.28
N VAL A 56 -5.18 8.44 -7.61
CA VAL A 56 -4.78 9.64 -8.33
C VAL A 56 -4.48 10.80 -7.38
N GLU A 57 -5.16 10.80 -6.24
CA GLU A 57 -4.98 11.85 -5.24
C GLU A 57 -3.91 11.47 -4.22
N ALA A 58 -3.91 10.21 -3.81
CA ALA A 58 -2.95 9.72 -2.81
C ALA A 58 -1.54 9.60 -3.37
N LEU A 59 -1.39 8.89 -4.49
CA LEU A 59 -0.09 8.69 -5.10
C LEU A 59 0.55 10.01 -5.52
N SER A 60 -0.19 11.11 -5.34
CA SER A 60 0.31 12.43 -5.70
C SER A 60 1.63 12.71 -4.99
N GLU A 61 2.29 13.81 -5.37
CA GLU A 61 3.56 14.19 -4.77
C GLU A 61 3.52 14.00 -3.26
N GLU A 62 2.45 14.50 -2.66
CA GLU A 62 2.25 14.40 -1.21
C GLU A 62 0.98 13.61 -0.90
N HIS A 63 0.59 13.61 0.37
CA HIS A 63 -0.61 12.91 0.79
C HIS A 63 -1.71 13.90 1.16
N MET A 64 -2.96 13.46 1.04
CA MET A 64 -4.11 14.32 1.34
C MET A 64 -4.11 15.56 0.47
N GLU A 65 -3.47 15.46 -0.70
CA GLU A 65 -3.39 16.57 -1.64
C GLU A 65 -2.64 17.74 -1.02
N ALA A 66 -2.12 17.55 0.19
CA ALA A 66 -1.38 18.59 0.88
C ALA A 66 -0.62 18.03 2.07
N ASP A 67 -1.25 18.06 3.24
CA ASP A 67 -0.63 17.54 4.46
C ASP A 67 -1.61 17.56 5.62
N GLY A 68 -2.00 16.37 6.07
CA GLY A 68 -2.94 16.27 7.18
C GLY A 68 -4.31 16.81 6.83
N HIS A 69 -4.85 16.36 5.70
CA HIS A 69 -6.17 16.81 5.25
C HIS A 69 -7.11 15.61 5.07
N ALA A 70 -8.29 15.88 4.53
CA ALA A 70 -9.28 14.82 4.31
C ALA A 70 -9.67 14.74 2.83
N ALA A 71 -8.80 14.11 2.04
CA ALA A 71 -9.05 13.96 0.61
C ALA A 71 -8.72 12.55 0.15
N VAL A 72 -7.45 12.15 0.33
CA VAL A 72 -7.00 10.82 -0.07
C VAL A 72 -7.15 9.82 1.08
N VAL A 73 -7.33 8.55 0.74
CA VAL A 73 -7.48 7.51 1.74
C VAL A 73 -6.37 6.47 1.63
N PHE A 74 -5.34 6.62 2.46
CA PHE A 74 -4.21 5.70 2.48
C PHE A 74 -3.17 6.15 3.51
N GLY A 75 -2.14 5.35 3.72
CA GLY A 75 -1.11 5.69 4.68
C GLY A 75 -1.65 5.68 6.10
N THR A 76 -2.83 5.12 6.26
CA THR A 76 -3.49 5.02 7.56
C THR A 76 -4.35 3.76 7.64
N VAL A 77 -4.76 3.40 8.85
CA VAL A 77 -5.61 2.22 9.02
C VAL A 77 -6.95 2.44 8.32
N VAL A 78 -7.07 1.88 7.12
CA VAL A 78 -8.28 2.04 6.32
C VAL A 78 -8.85 0.70 5.84
N ASP A 79 -9.95 0.79 5.10
CA ASP A 79 -10.59 -0.40 4.53
C ASP A 79 -10.09 -0.58 3.10
N ILE A 80 -9.33 -1.64 2.88
CA ILE A 80 -8.77 -1.92 1.57
C ILE A 80 -9.60 -2.95 0.81
N ILE A 81 -9.38 -3.01 -0.50
CA ILE A 81 -10.09 -3.94 -1.36
C ILE A 81 -9.10 -4.73 -2.20
N SER A 82 -9.15 -6.05 -2.08
CA SER A 82 -8.24 -6.91 -2.83
C SER A 82 -8.80 -7.18 -4.22
N ARG A 83 -7.96 -7.78 -5.07
CA ARG A 83 -8.34 -8.08 -6.46
C ARG A 83 -9.73 -8.70 -6.53
N SER A 84 -10.09 -9.49 -5.52
CA SER A 84 -11.39 -10.15 -5.48
C SER A 84 -12.42 -9.35 -4.70
N GLY A 85 -11.94 -8.38 -3.91
CA GLY A 85 -12.85 -7.57 -3.12
C GLY A 85 -13.13 -8.19 -1.79
N GLU A 86 -12.67 -7.53 -0.73
CA GLU A 86 -12.87 -8.04 0.62
C GLU A 86 -13.27 -6.94 1.58
N LYS A 87 -12.86 -5.71 1.28
CA LYS A 87 -13.18 -4.56 2.12
C LYS A 87 -12.90 -4.87 3.58
N ILE A 88 -11.68 -5.30 3.87
CA ILE A 88 -11.28 -5.62 5.24
C ILE A 88 -10.46 -4.50 5.87
N PRO A 89 -10.65 -4.26 7.19
CA PRO A 89 -9.92 -3.21 7.90
C PRO A 89 -8.47 -3.58 8.16
N VAL A 90 -7.56 -2.68 7.78
CA VAL A 90 -6.13 -2.92 7.98
C VAL A 90 -5.39 -1.61 8.23
N SER A 91 -4.20 -1.73 8.79
CA SER A 91 -3.36 -0.56 9.08
C SER A 91 -2.38 -0.32 7.95
N VAL A 92 -2.34 0.92 7.46
CA VAL A 92 -1.43 1.28 6.36
C VAL A 92 -0.51 2.43 6.77
N TRP A 93 0.76 2.32 6.41
CA TRP A 93 1.73 3.36 6.71
C TRP A 93 2.73 3.54 5.58
N MET A 94 2.59 4.66 4.85
CA MET A 94 3.47 4.96 3.74
C MET A 94 4.55 5.97 4.16
N LYS A 95 5.82 5.56 4.07
CA LYS A 95 6.92 6.42 4.46
C LYS A 95 8.21 6.04 3.73
N ARG A 96 9.11 7.00 3.59
CA ARG A 96 10.39 6.78 2.93
C ARG A 96 11.23 5.76 3.68
N MET A 97 12.46 5.54 3.22
CA MET A 97 13.37 4.60 3.85
C MET A 97 14.63 4.42 3.00
N ARG A 98 14.62 5.06 1.83
CA ARG A 98 15.74 5.02 0.89
C ARG A 98 16.44 3.67 0.88
N GLN A 99 15.98 2.80 -0.01
CA GLN A 99 16.56 1.47 -0.14
C GLN A 99 17.86 1.53 -0.96
N GLU A 100 17.87 2.38 -1.97
CA GLU A 100 19.05 2.53 -2.82
C GLU A 100 19.56 3.97 -2.80
N ARG A 101 19.18 4.76 -3.81
CA ARG A 101 19.62 6.15 -3.89
C ARG A 101 18.44 7.07 -4.22
N ARG A 102 17.25 6.48 -4.35
CA ARG A 102 16.06 7.25 -4.66
C ARG A 102 15.04 7.15 -3.54
N LEU A 103 14.38 8.27 -3.25
CA LEU A 103 13.38 8.31 -2.19
C LEU A 103 12.27 7.30 -2.49
N CYS A 104 12.32 6.16 -1.81
CA CYS A 104 11.34 5.11 -2.03
C CYS A 104 10.30 5.06 -0.92
N CYS A 105 9.03 5.08 -1.32
CA CYS A 105 7.93 5.03 -0.39
C CYS A 105 7.50 3.57 -0.16
N VAL A 106 7.36 3.19 1.11
CA VAL A 106 6.96 1.82 1.43
C VAL A 106 5.64 1.79 2.19
N VAL A 107 4.81 0.80 1.86
CA VAL A 107 3.52 0.64 2.50
C VAL A 107 3.40 -0.75 3.14
N VAL A 108 2.92 -0.81 4.37
CA VAL A 108 2.79 -2.08 5.06
C VAL A 108 1.39 -2.25 5.64
N LEU A 109 0.68 -3.27 5.15
CA LEU A 109 -0.67 -3.56 5.61
C LEU A 109 -0.66 -4.60 6.73
N GLU A 110 -1.22 -4.22 7.87
CA GLU A 110 -1.28 -5.11 9.03
C GLU A 110 -2.72 -5.33 9.47
N PRO A 111 -3.22 -6.57 9.41
CA PRO A 111 -4.58 -6.90 9.82
C PRO A 111 -4.92 -6.32 11.19
N VAL A 112 -6.09 -5.71 11.31
CA VAL A 112 -6.53 -5.13 12.57
C VAL A 112 -6.79 -6.22 13.62
N GLU A 113 -6.56 -5.86 14.89
CA GLU A 113 -6.76 -6.81 15.98
C GLU A 113 -8.04 -6.48 16.74
N ARG A 114 -9.10 -6.17 16.01
CA ARG A 114 -10.39 -5.84 16.61
C ARG A 114 -10.25 -4.68 17.60
#